data_4U1G
#
_entry.id   4U1G
#
_cell.length_a   65.120
_cell.length_b   137.300
_cell.length_c   228.579
_cell.angle_alpha   90.00
_cell.angle_beta   90.00
_cell.angle_gamma   90.00
#
_symmetry.space_group_name_H-M   'P 2 21 21'
#
loop_
_entity.id
_entity.type
_entity.pdbx_description
1 polymer 'Reticulocyte binding protein 5'
2 polymer 'QA1 monoclonal antibody heavy chain'
3 polymer 'QA1 monoclonal antibody light chain'
#
loop_
_entity_poly.entity_id
_entity_poly.type
_entity_poly.pdbx_seq_one_letter_code
_entity_poly.pdbx_strand_id
1 'polypeptide(L)'
;MIRIKKKLILTIIYIHLFILNRLSFENAIKKTKNQENNLTLLPIKSTEEEKDDIKNGKDIKKEIDNDKENIKTNNAKDHS
TYIKSYLNTNVNDGLKYLFIPSHNSFIKKYSVFNQINDGMLLNEKNDVKNNEDYKNVDYKNVNFLQYHFKELSNYNIANS
IDILQEKEGHLDFVIIPHYTFLDYYKHLSYNSIYHKSSTYGKYIAVDAFIKKINEAYDKVKSKCNDIKNDLIATIKKLEH
PYDINNKNDDSYRYDISEEIDDKSEETDDETEEVEDSIQDTDSNHTPSNKKKNDLMNRTFKKMMDEYNTKKKKLIKCIKN
HENDFNKICMDMKNYGTNLFEQLSCYNNNFCNTNGIRYHYDEYIHKLILSVKSKNLNKDLSDMTNILQQSELLLTNLNKK
MGSYIYIDTIKFIHKEMKHIFNRIEYHTKIINDKTKIIQDKIKLNIWRTFQKDELLKRILDMSNEYSLFITSDHLRQMLY
NTFYSKEKHLNNIFHHLIYVLQMKFNDVPIKMEYFQTYKKNKPLTQ
;
A,D
2 'polypeptide(L)'
;MGWSWIFLFLLSGTAGVHSEVQLVESGGGLVKPGGSLKLSCAASGFTFSDFYMYWVRQTPEKRLEWVATISDGDSYIYYP
DSVRGRFTISRDNAKNILFLQMSSLKSEDTAMYFCARDGNGKDGGDAMDYWGQGTSVTVSSAKTTAPSVYPLAPVCGDTT
GSSVTLGCLVKGYFPEPVTLTWNSGSLSSGVHTFPAVLQSDLYTLSSSVTVTSSTWPSQSITCNVAHPASSTKVDKKIEP
RGPTIKPCPPCKCPAPNS
;
B,E
3 'polypeptide(L)'
;MVSTPQFLVFLLFWIPASRGDIVLTQSPASLAVSLGQRATISCRASQSVSTSSYTYFHWYQQKPGQPPKLLIRYASNLES
GVPARFSGSGSGTDFTLNIHPVEEEDTATYYCQHSWEIPYTFGGGTKLEIKRADAAPTVSIFPPSSEQLTSGGASVVCFL
NNFYPKDINVKWKIDGSERQNGVLNSWTDQDSKDSTYSMSSTLTLTKDEYERHNSYTCEATHKTSTSPIVKSFNRNEC
;
C,F
#
# COMPACT_ATOMS: atom_id res chain seq x y z
N SER A 160 16.83 38.50 -29.55
CA SER A 160 18.19 38.92 -29.20
C SER A 160 18.50 38.67 -27.70
N ILE A 161 19.25 39.58 -27.07
CA ILE A 161 19.69 39.46 -25.69
C ILE A 161 19.05 40.57 -24.81
N ASP A 162 19.05 40.41 -23.46
CA ASP A 162 18.46 41.36 -22.52
C ASP A 162 19.32 41.50 -21.26
N ILE A 163 19.85 42.71 -21.04
CA ILE A 163 20.75 43.10 -19.94
C ILE A 163 19.94 43.58 -18.72
N LEU A 164 20.29 43.09 -17.50
CA LEU A 164 19.48 43.38 -16.31
C LEU A 164 20.19 43.69 -14.99
N GLN A 165 19.98 44.94 -14.49
CA GLN A 165 20.55 45.54 -13.27
C GLN A 165 19.49 45.64 -12.14
N GLU A 166 19.05 44.47 -11.60
CA GLU A 166 18.02 44.37 -10.55
C GLU A 166 18.35 45.18 -9.29
N LYS A 167 19.55 44.97 -8.76
CA LYS A 167 20.13 45.65 -7.60
C LYS A 167 21.31 46.42 -8.16
N GLU A 168 21.79 47.42 -7.43
CA GLU A 168 23.01 48.11 -7.83
C GLU A 168 24.14 47.13 -7.47
N GLY A 169 25.17 47.08 -8.30
CA GLY A 169 26.28 46.15 -8.12
C GLY A 169 25.91 44.74 -8.49
N HIS A 170 24.89 44.62 -9.36
CA HIS A 170 24.37 43.35 -9.86
C HIS A 170 23.99 43.51 -11.29
N LEU A 171 24.44 42.57 -12.10
CA LEU A 171 24.18 42.55 -13.53
C LEU A 171 24.12 41.12 -13.98
N ASP A 172 23.05 40.76 -14.70
CA ASP A 172 22.89 39.43 -15.29
C ASP A 172 21.94 39.44 -16.46
N PHE A 173 22.46 38.96 -17.61
CA PHE A 173 21.81 38.90 -18.92
C PHE A 173 20.93 37.64 -19.16
N VAL A 174 19.97 37.75 -20.10
CA VAL A 174 19.07 36.66 -20.46
C VAL A 174 18.93 36.57 -21.97
N ILE A 175 19.35 35.44 -22.56
CA ILE A 175 19.22 35.26 -24.01
C ILE A 175 17.83 34.71 -24.20
N ILE A 176 16.91 35.58 -24.66
CA ILE A 176 15.48 35.32 -24.82
C ILE A 176 15.14 34.04 -25.60
N PRO A 177 15.55 33.85 -26.87
CA PRO A 177 15.24 32.58 -27.53
C PRO A 177 15.69 31.35 -26.76
N HIS A 178 16.78 31.47 -25.96
CA HIS A 178 17.33 30.39 -25.15
C HIS A 178 16.41 30.01 -24.00
N TYR A 179 16.09 30.98 -23.12
CA TYR A 179 15.18 30.80 -21.97
C TYR A 179 13.84 30.16 -22.41
N THR A 180 13.28 30.60 -23.56
CA THR A 180 12.03 30.12 -24.13
C THR A 180 12.16 28.73 -24.71
N PHE A 181 13.29 28.42 -25.35
CA PHE A 181 13.54 27.10 -25.92
C PHE A 181 13.54 26.10 -24.78
N LEU A 182 14.23 26.43 -23.65
CA LEU A 182 14.33 25.60 -22.44
C LEU A 182 12.98 25.32 -21.76
N ASP A 183 12.16 26.37 -21.59
CA ASP A 183 10.85 26.28 -20.95
C ASP A 183 9.88 25.35 -21.69
N TYR A 184 9.81 25.47 -23.05
CA TYR A 184 8.99 24.63 -23.93
C TYR A 184 9.35 23.18 -23.69
N TYR A 185 10.65 22.83 -23.65
CA TYR A 185 11.02 21.44 -23.37
C TYR A 185 10.80 21.01 -21.91
N LYS A 186 10.62 21.97 -20.97
CA LYS A 186 10.33 21.61 -19.57
C LYS A 186 8.86 21.17 -19.46
N HIS A 187 7.97 21.87 -20.19
CA HIS A 187 6.55 21.56 -20.24
C HIS A 187 6.25 20.27 -20.99
N LEU A 188 7.11 19.89 -21.97
CA LEU A 188 6.96 18.63 -22.66
C LEU A 188 7.41 17.52 -21.74
N SER A 189 8.39 17.81 -20.87
CA SER A 189 8.87 16.84 -19.89
C SER A 189 7.75 16.53 -18.89
N TYR A 190 7.15 17.58 -18.25
CA TYR A 190 6.06 17.34 -17.28
C TYR A 190 4.80 16.69 -17.83
N ASN A 191 4.30 17.16 -18.98
CA ASN A 191 3.08 16.62 -19.61
C ASN A 191 3.25 15.18 -20.09
N SER A 192 4.51 14.77 -20.42
CA SER A 192 4.83 13.43 -20.88
C SER A 192 4.89 12.52 -19.69
N ILE A 193 5.10 13.10 -18.48
CA ILE A 193 5.19 12.36 -17.20
C ILE A 193 3.85 12.20 -16.50
N TYR A 194 3.09 13.28 -16.50
CA TYR A 194 1.83 13.39 -15.83
C TYR A 194 0.64 12.78 -16.58
N HIS A 195 0.90 12.23 -17.77
CA HIS A 195 -0.15 11.64 -18.59
C HIS A 195 -0.74 10.39 -17.99
N LYS A 196 0.08 9.33 -17.83
CA LYS A 196 -0.30 8.06 -17.24
C LYS A 196 -0.09 8.23 -15.74
N SER A 197 -0.82 7.41 -14.94
CA SER A 197 -0.73 7.42 -13.48
C SER A 197 0.62 6.85 -12.98
N SER A 198 1.14 5.80 -13.67
CA SER A 198 2.43 5.13 -13.38
C SER A 198 3.68 6.03 -13.59
N THR A 199 3.75 6.74 -14.74
CA THR A 199 4.91 7.59 -15.03
C THR A 199 5.18 8.58 -13.92
N TYR A 200 4.13 9.22 -13.36
CA TYR A 200 4.11 10.18 -12.25
C TYR A 200 5.35 10.26 -11.34
N GLY A 201 5.81 9.11 -10.87
CA GLY A 201 6.97 8.99 -9.97
C GLY A 201 8.31 9.42 -10.56
N LYS A 202 8.38 9.53 -11.89
CA LYS A 202 9.54 9.95 -12.67
C LYS A 202 9.89 11.39 -12.37
N TYR A 203 8.86 12.20 -11.99
CA TYR A 203 9.01 13.63 -11.73
C TYR A 203 10.26 14.06 -10.99
N ILE A 204 10.66 13.32 -9.97
CA ILE A 204 11.86 13.56 -9.15
C ILE A 204 13.13 13.58 -10.02
N ALA A 205 13.28 12.58 -10.91
CA ALA A 205 14.40 12.46 -11.85
C ALA A 205 14.37 13.60 -12.87
N VAL A 206 13.15 13.99 -13.31
CA VAL A 206 12.98 15.07 -14.26
C VAL A 206 13.38 16.31 -13.50
N ASP A 207 12.84 16.50 -12.25
CA ASP A 207 13.14 17.65 -11.37
C ASP A 207 14.67 17.85 -11.31
N ALA A 208 15.37 16.71 -11.01
CA ALA A 208 16.80 16.54 -10.92
C ALA A 208 17.52 17.04 -12.22
N PHE A 209 17.03 16.55 -13.39
CA PHE A 209 17.56 16.84 -14.71
C PHE A 209 17.49 18.31 -15.08
N ILE A 210 16.35 18.96 -14.80
CA ILE A 210 16.17 20.39 -15.11
C ILE A 210 17.27 21.19 -14.38
N LYS A 211 17.43 20.92 -13.05
CA LYS A 211 18.47 21.52 -12.20
C LYS A 211 19.85 21.22 -12.82
N LYS A 212 20.13 19.92 -13.13
CA LYS A 212 21.39 19.48 -13.76
C LYS A 212 21.68 20.18 -15.10
N ILE A 213 20.64 20.70 -15.80
CA ILE A 213 20.84 21.42 -17.06
C ILE A 213 20.93 22.96 -16.89
N ASN A 214 20.16 23.51 -15.93
CA ASN A 214 20.11 24.93 -15.58
C ASN A 214 21.44 25.36 -14.95
N GLU A 215 21.90 24.61 -13.92
CA GLU A 215 23.15 24.88 -13.23
C GLU A 215 24.32 25.02 -14.24
N ALA A 216 24.39 24.10 -15.23
CA ALA A 216 25.40 24.05 -16.28
C ALA A 216 25.34 25.20 -17.31
N TYR A 217 24.16 25.80 -17.49
CA TYR A 217 23.95 26.95 -18.38
C TYR A 217 24.53 28.15 -17.65
N ASP A 218 24.28 28.21 -16.32
CA ASP A 218 24.75 29.25 -15.42
C ASP A 218 26.27 29.25 -15.32
N LYS A 219 26.90 28.05 -15.43
CA LYS A 219 28.35 27.91 -15.45
C LYS A 219 28.86 28.51 -16.77
N VAL A 220 28.23 28.10 -17.90
CA VAL A 220 28.58 28.59 -19.24
C VAL A 220 28.42 30.12 -19.36
N LYS A 221 27.41 30.70 -18.70
CA LYS A 221 27.27 32.16 -18.70
C LYS A 221 28.24 32.85 -17.71
N SER A 222 28.48 32.24 -16.52
CA SER A 222 29.42 32.77 -15.52
C SER A 222 30.90 32.71 -15.93
N LYS A 223 31.19 32.16 -17.12
CA LYS A 223 32.54 32.10 -17.68
C LYS A 223 32.96 33.43 -18.32
N CYS A 224 32.02 34.38 -18.45
CA CYS A 224 32.24 35.74 -18.96
C CYS A 224 32.10 36.78 -17.82
N ASN A 225 32.36 36.34 -16.57
CA ASN A 225 32.29 37.13 -15.34
C ASN A 225 33.22 38.35 -15.33
N ASP A 226 34.47 38.22 -15.87
CA ASP A 226 35.48 39.28 -15.92
C ASP A 226 34.99 40.47 -16.76
N ILE A 227 34.57 40.20 -18.02
CA ILE A 227 34.02 41.17 -18.98
C ILE A 227 32.80 41.84 -18.33
N LYS A 228 32.00 41.04 -17.57
CA LYS A 228 30.83 41.44 -16.79
C LYS A 228 31.26 42.34 -15.63
N ASN A 229 32.28 41.93 -14.85
CA ASN A 229 32.77 42.71 -13.71
C ASN A 229 33.47 44.02 -14.13
N ASP A 230 33.96 44.06 -15.38
CA ASP A 230 34.57 45.24 -15.98
C ASP A 230 33.44 46.20 -16.37
N LEU A 231 32.24 45.66 -16.66
CA LEU A 231 31.05 46.40 -17.05
C LEU A 231 30.44 47.10 -15.86
N ILE A 232 30.31 46.42 -14.70
CA ILE A 232 29.75 47.00 -13.47
C ILE A 232 30.58 48.20 -13.10
N ALA A 233 31.92 48.09 -13.24
CA ALA A 233 32.90 49.14 -12.99
C ALA A 233 32.58 50.36 -13.85
N THR A 234 32.39 50.17 -15.18
CA THR A 234 32.05 51.23 -16.13
C THR A 234 30.61 51.75 -15.94
N ILE A 235 29.77 50.94 -15.26
CA ILE A 235 28.38 51.29 -14.93
C ILE A 235 28.33 52.10 -13.62
N LYS A 236 29.01 51.65 -12.56
CA LYS A 236 29.09 52.33 -11.26
C LYS A 236 29.73 53.70 -11.39
N LYS A 237 30.70 53.84 -12.33
CA LYS A 237 31.41 55.09 -12.62
C LYS A 237 30.50 56.16 -13.20
N LEU A 238 29.58 55.78 -14.09
CA LEU A 238 28.61 56.69 -14.71
C LEU A 238 27.42 57.02 -13.79
N GLU A 239 27.08 56.11 -12.87
CA GLU A 239 25.97 56.31 -11.94
C GLU A 239 26.36 57.22 -10.77
N HIS A 240 27.58 57.01 -10.19
CA HIS A 240 28.11 57.81 -9.07
C HIS A 240 29.30 58.64 -9.56
N PRO A 241 29.05 59.87 -10.06
CA PRO A 241 30.15 60.69 -10.59
C PRO A 241 30.76 61.61 -9.54
N LYS A 301 31.41 62.43 -23.43
CA LYS A 301 31.72 61.54 -24.54
C LYS A 301 32.66 60.43 -24.13
N LYS A 302 33.72 60.77 -23.37
CA LYS A 302 34.75 59.83 -22.88
C LYS A 302 34.14 58.57 -22.26
N MET A 303 33.23 58.75 -21.29
CA MET A 303 32.54 57.65 -20.62
C MET A 303 31.39 57.09 -21.47
N MET A 304 30.70 57.96 -22.23
CA MET A 304 29.59 57.59 -23.12
C MET A 304 30.07 56.56 -24.16
N ASP A 305 31.30 56.75 -24.67
CA ASP A 305 31.89 55.83 -25.65
C ASP A 305 32.61 54.66 -24.96
N GLU A 306 32.83 54.75 -23.62
CA GLU A 306 33.46 53.67 -22.84
C GLU A 306 32.41 52.58 -22.58
N TYR A 307 31.15 53.04 -22.45
CA TYR A 307 29.95 52.23 -22.26
C TYR A 307 29.69 51.29 -23.46
N ASN A 308 29.49 51.88 -24.65
CA ASN A 308 29.19 51.16 -25.89
C ASN A 308 30.21 50.09 -26.33
N THR A 309 31.52 50.32 -26.08
CA THR A 309 32.61 49.37 -26.38
C THR A 309 32.60 48.16 -25.43
N LYS A 310 32.30 48.38 -24.12
CA LYS A 310 32.22 47.34 -23.09
C LYS A 310 30.92 46.55 -23.24
N LYS A 311 29.83 47.25 -23.65
CA LYS A 311 28.50 46.68 -23.91
C LYS A 311 28.62 45.76 -25.13
N LYS A 312 29.33 46.22 -26.19
CA LYS A 312 29.58 45.46 -27.42
C LYS A 312 30.56 44.32 -27.19
N LYS A 313 31.32 44.37 -26.08
CA LYS A 313 32.27 43.33 -25.68
C LYS A 313 31.54 42.15 -25.02
N LEU A 314 30.48 42.45 -24.24
CA LEU A 314 29.65 41.45 -23.57
C LEU A 314 28.81 40.67 -24.57
N ILE A 315 28.22 41.35 -25.59
CA ILE A 315 27.43 40.71 -26.65
C ILE A 315 28.31 39.69 -27.42
N LYS A 316 29.61 40.04 -27.64
CA LYS A 316 30.58 39.17 -28.32
C LYS A 316 30.86 37.91 -27.49
N CYS A 317 30.98 38.04 -26.13
CA CYS A 317 31.23 36.94 -25.19
C CYS A 317 30.13 35.88 -25.29
N ILE A 318 28.86 36.31 -25.39
CA ILE A 318 27.75 35.39 -25.56
C ILE A 318 27.84 34.76 -26.96
N LYS A 319 28.07 35.59 -28.02
CA LYS A 319 28.27 35.15 -29.41
C LYS A 319 29.44 34.16 -29.56
N ASN A 320 30.41 34.20 -28.62
CA ASN A 320 31.58 33.32 -28.55
C ASN A 320 31.20 31.95 -27.98
N HIS A 321 30.39 31.92 -26.90
CA HIS A 321 29.93 30.71 -26.22
C HIS A 321 28.64 30.16 -26.85
N GLU A 322 28.36 30.53 -28.12
CA GLU A 322 27.20 30.14 -28.91
C GLU A 322 27.08 28.62 -29.04
N ASN A 323 28.16 27.95 -29.49
CA ASN A 323 28.22 26.50 -29.64
C ASN A 323 28.16 25.80 -28.29
N ASP A 324 28.61 26.50 -27.20
CA ASP A 324 28.59 26.04 -25.82
C ASP A 324 27.16 26.02 -25.30
N PHE A 325 26.41 27.11 -25.57
CA PHE A 325 25.03 27.29 -25.16
C PHE A 325 24.08 26.35 -25.91
N ASN A 326 24.13 26.36 -27.26
CA ASN A 326 23.30 25.54 -28.13
C ASN A 326 23.38 24.02 -27.85
N LYS A 327 24.43 23.55 -27.15
CA LYS A 327 24.58 22.14 -26.80
C LYS A 327 23.78 21.78 -25.56
N ILE A 328 23.78 22.65 -24.51
CA ILE A 328 22.98 22.46 -23.27
C ILE A 328 21.51 22.54 -23.68
N CYS A 329 21.22 23.45 -24.64
CA CYS A 329 19.92 23.67 -25.27
C CYS A 329 19.45 22.38 -25.95
N MET A 330 20.29 21.77 -26.81
CA MET A 330 19.98 20.52 -27.50
C MET A 330 19.92 19.34 -26.52
N ASP A 331 20.77 19.30 -25.45
CA ASP A 331 20.76 18.23 -24.45
C ASP A 331 19.40 18.12 -23.71
N MET A 332 18.74 19.27 -23.47
CA MET A 332 17.41 19.37 -22.86
C MET A 332 16.31 19.06 -23.89
N LYS A 333 16.51 19.41 -25.18
CA LYS A 333 15.58 19.10 -26.26
C LYS A 333 15.64 17.58 -26.51
N ASN A 334 16.85 16.99 -26.38
CA ASN A 334 17.07 15.55 -26.54
C ASN A 334 16.46 14.80 -25.38
N TYR A 335 16.25 15.47 -24.23
CA TYR A 335 15.61 14.86 -23.05
C TYR A 335 14.07 14.94 -23.12
N GLY A 336 13.56 16.15 -23.26
CA GLY A 336 12.14 16.46 -23.31
C GLY A 336 11.37 15.75 -24.39
N THR A 337 11.96 15.64 -25.61
CA THR A 337 11.31 14.94 -26.73
C THR A 337 11.35 13.44 -26.49
N ASN A 338 12.44 12.93 -25.87
CA ASN A 338 12.58 11.52 -25.53
C ASN A 338 11.41 11.10 -24.64
N LEU A 339 11.07 11.92 -23.60
CA LEU A 339 9.92 11.66 -22.72
C LEU A 339 8.62 11.76 -23.50
N PHE A 340 8.51 12.70 -24.46
CA PHE A 340 7.34 12.89 -25.31
C PHE A 340 7.13 11.70 -26.26
N GLU A 341 8.22 11.15 -26.85
CA GLU A 341 8.17 9.99 -27.75
C GLU A 341 7.69 8.77 -26.98
N GLN A 342 8.05 8.70 -25.69
CA GLN A 342 7.72 7.65 -24.72
C GLN A 342 6.25 7.69 -24.28
N LEU A 343 5.55 8.87 -24.42
CA LEU A 343 4.14 9.04 -24.02
C LEU A 343 3.19 8.05 -24.72
N SER A 344 2.76 7.04 -23.98
CA SER A 344 1.85 6.07 -24.54
C SER A 344 0.41 6.41 -24.18
N CYS A 345 -0.52 5.94 -24.99
CA CYS A 345 -1.95 6.09 -24.75
C CYS A 345 -2.56 4.71 -24.61
N TYR A 346 -3.56 4.52 -23.72
CA TYR A 346 -4.19 3.19 -23.55
C TYR A 346 -5.14 2.95 -24.69
N ASN A 347 -5.94 3.98 -24.99
CA ASN A 347 -6.86 4.08 -26.08
C ASN A 347 -6.18 5.22 -26.82
N ASN A 348 -5.53 4.95 -27.99
CA ASN A 348 -4.95 6.01 -28.81
C ASN A 348 -6.16 6.75 -29.43
N ASN A 349 -7.32 6.01 -29.59
CA ASN A 349 -8.59 6.50 -30.11
C ASN A 349 -9.23 7.43 -29.07
N PHE A 350 -9.09 7.05 -27.77
CA PHE A 350 -9.65 7.83 -26.67
C PHE A 350 -8.62 8.14 -25.52
N CYS A 351 -7.63 9.04 -25.84
CA CYS A 351 -6.51 9.53 -24.99
C CYS A 351 -7.01 10.46 -23.89
N ASN A 352 -6.60 10.21 -22.66
CA ASN A 352 -6.96 10.99 -21.48
C ASN A 352 -6.20 12.30 -21.40
N THR A 353 -6.74 13.27 -20.65
CA THR A 353 -6.14 14.60 -20.52
C THR A 353 -5.93 15.03 -19.06
N ASN A 354 -5.59 14.05 -18.19
CA ASN A 354 -5.34 14.31 -16.77
C ASN A 354 -4.07 15.15 -16.61
N GLY A 355 -2.99 14.73 -17.29
CA GLY A 355 -1.68 15.38 -17.30
C GLY A 355 -1.75 16.82 -17.73
N ILE A 356 -2.71 17.16 -18.58
CA ILE A 356 -2.91 18.53 -19.03
C ILE A 356 -3.48 19.31 -17.85
N ARG A 357 -4.61 18.86 -17.30
CA ARG A 357 -5.26 19.45 -16.14
C ARG A 357 -4.35 19.48 -14.92
N TYR A 358 -3.74 18.33 -14.55
CA TYR A 358 -2.83 18.29 -13.40
C TYR A 358 -1.71 19.30 -13.56
N HIS A 359 -0.93 19.21 -14.67
CA HIS A 359 0.18 20.12 -14.92
C HIS A 359 -0.26 21.57 -14.81
N TYR A 360 -1.23 22.01 -15.65
CA TYR A 360 -1.74 23.38 -15.60
C TYR A 360 -2.08 23.81 -14.16
N ASP A 361 -3.02 23.09 -13.51
CA ASP A 361 -3.47 23.35 -12.13
C ASP A 361 -2.34 23.37 -11.09
N GLU A 362 -1.12 22.88 -11.45
CA GLU A 362 0.00 22.74 -10.51
C GLU A 362 1.29 23.47 -10.88
N TYR A 363 1.38 23.92 -12.11
CA TYR A 363 2.56 24.56 -12.61
C TYR A 363 2.28 25.87 -13.28
N ILE A 364 1.15 25.98 -13.99
CA ILE A 364 0.81 27.20 -14.73
C ILE A 364 -0.26 28.07 -14.07
N HIS A 365 -1.22 27.49 -13.34
CA HIS A 365 -2.34 28.24 -12.77
C HIS A 365 -1.99 29.36 -11.80
N LYS A 366 -1.10 29.08 -10.83
CA LYS A 366 -0.60 30.04 -9.83
C LYS A 366 -0.18 31.32 -10.54
N LEU A 367 0.62 31.19 -11.62
CA LEU A 367 1.09 32.28 -12.48
C LEU A 367 -0.05 33.09 -13.10
N ILE A 368 -1.14 32.42 -13.56
CA ILE A 368 -2.27 33.14 -14.14
C ILE A 368 -2.93 34.01 -13.06
N LEU A 369 -3.07 33.46 -11.84
CA LEU A 369 -3.62 34.20 -10.68
C LEU A 369 -2.69 35.36 -10.30
N SER A 370 -1.37 35.09 -10.26
CA SER A 370 -0.28 36.01 -9.95
C SER A 370 -0.31 37.28 -10.87
N VAL A 371 -0.66 37.07 -12.15
CA VAL A 371 -0.76 38.13 -13.16
C VAL A 371 -2.12 38.85 -13.02
N LYS A 372 -3.21 38.07 -12.84
CA LYS A 372 -4.59 38.59 -12.66
C LYS A 372 -4.75 39.44 -11.38
N SER A 373 -3.77 39.37 -10.45
CA SER A 373 -3.74 40.10 -9.18
C SER A 373 -3.08 41.50 -9.32
N LYS A 374 -1.83 41.55 -9.81
CA LYS A 374 -1.01 42.76 -9.99
C LYS A 374 -1.42 43.53 -11.26
N ASN A 375 -1.83 44.80 -11.13
CA ASN A 375 -2.27 45.61 -12.28
C ASN A 375 -1.11 46.15 -13.15
N LEU A 376 -0.66 45.32 -14.10
CA LEU A 376 0.45 45.60 -15.02
C LEU A 376 0.27 46.84 -15.89
N ASN A 377 -0.95 47.39 -15.95
CA ASN A 377 -1.27 48.59 -16.71
C ASN A 377 -0.92 49.81 -15.87
N LYS A 378 -1.34 49.82 -14.58
CA LYS A 378 -1.01 50.89 -13.63
C LYS A 378 0.49 50.88 -13.51
N ASP A 379 1.12 49.70 -13.58
CA ASP A 379 2.57 49.52 -13.56
C ASP A 379 3.27 50.37 -14.65
N LEU A 380 2.66 50.50 -15.85
CA LEU A 380 3.20 51.34 -16.93
C LEU A 380 2.77 52.79 -16.70
N SER A 381 1.46 53.01 -16.30
CA SER A 381 0.82 54.31 -16.00
C SER A 381 1.64 55.12 -15.00
N ASP A 382 2.16 54.44 -13.97
CA ASP A 382 2.98 55.01 -12.92
C ASP A 382 4.39 55.33 -13.47
N MET A 383 4.85 54.49 -14.42
CA MET A 383 6.15 54.61 -15.07
C MET A 383 6.29 55.73 -16.07
N THR A 384 5.26 56.03 -16.87
CA THR A 384 5.36 57.17 -17.80
C THR A 384 5.27 58.45 -16.99
N ASN A 385 4.42 58.47 -15.90
CA ASN A 385 4.30 59.67 -15.04
C ASN A 385 5.67 60.10 -14.55
N ILE A 386 6.53 59.15 -14.13
CA ILE A 386 7.92 59.35 -13.71
C ILE A 386 8.74 59.77 -14.93
N LEU A 387 8.68 58.99 -16.01
CA LEU A 387 9.43 59.26 -17.24
C LEU A 387 9.14 60.66 -17.82
N GLN A 388 7.96 61.21 -17.53
CA GLN A 388 7.50 62.52 -17.97
C GLN A 388 8.19 63.69 -17.28
N GLN A 389 8.14 63.75 -15.90
CA GLN A 389 8.69 64.87 -15.13
C GLN A 389 10.17 65.05 -15.37
N SER A 390 10.95 63.93 -15.45
CA SER A 390 12.40 63.95 -15.72
C SER A 390 12.72 64.55 -17.07
N GLU A 391 11.80 64.34 -18.01
CA GLU A 391 11.82 64.83 -19.38
C GLU A 391 11.45 66.33 -19.36
N LEU A 392 10.52 66.73 -18.44
CA LEU A 392 10.10 68.13 -18.24
C LEU A 392 11.25 68.89 -17.59
N LEU A 393 12.01 68.17 -16.73
CA LEU A 393 13.19 68.64 -16.01
C LEU A 393 14.34 68.86 -16.98
N LEU A 394 14.58 67.93 -17.88
CA LEU A 394 15.66 68.09 -18.85
C LEU A 394 15.33 69.08 -19.96
N THR A 395 14.02 69.23 -20.32
CA THR A 395 13.57 70.16 -21.37
C THR A 395 13.87 71.63 -20.99
N ASN A 396 13.65 72.00 -19.70
CA ASN A 396 13.89 73.37 -19.25
C ASN A 396 15.21 73.57 -18.47
N LEU A 397 15.99 72.49 -18.30
CA LEU A 397 17.29 72.51 -17.63
C LEU A 397 18.32 72.80 -18.71
N ASN A 398 18.01 72.37 -19.96
CA ASN A 398 18.86 72.57 -21.14
C ASN A 398 19.00 74.05 -21.53
N LYS A 399 18.10 74.93 -21.00
CA LYS A 399 18.02 76.38 -21.20
C LYS A 399 19.40 77.04 -21.35
N LYS A 400 20.05 77.34 -20.21
CA LYS A 400 21.38 77.92 -20.09
C LYS A 400 21.98 77.43 -18.77
N MET A 401 21.47 76.28 -18.28
CA MET A 401 21.87 75.66 -17.01
C MET A 401 22.88 74.53 -17.21
N GLY A 402 22.86 73.93 -18.41
CA GLY A 402 23.71 72.83 -18.84
C GLY A 402 25.15 72.91 -18.38
N SER A 403 25.42 72.41 -17.17
CA SER A 403 26.77 72.46 -16.61
C SER A 403 27.15 71.30 -15.68
N TYR A 404 27.22 71.59 -14.35
CA TYR A 404 27.72 70.71 -13.31
C TYR A 404 26.77 69.78 -12.55
N ILE A 405 25.45 69.83 -12.82
CA ILE A 405 24.52 68.93 -12.13
C ILE A 405 24.66 67.49 -12.68
N TYR A 406 25.89 67.12 -13.11
CA TYR A 406 26.19 65.83 -13.74
C TYR A 406 25.13 65.68 -14.82
N ILE A 407 25.00 66.71 -15.67
CA ILE A 407 23.99 66.78 -16.72
C ILE A 407 23.93 65.54 -17.61
N ASP A 408 25.11 64.91 -17.84
CA ASP A 408 25.22 63.70 -18.64
C ASP A 408 24.62 62.49 -17.93
N THR A 409 24.69 62.41 -16.57
CA THR A 409 24.11 61.31 -15.76
C THR A 409 22.59 61.29 -15.93
N ILE A 410 21.96 62.48 -15.92
CA ILE A 410 20.52 62.63 -16.15
C ILE A 410 20.23 62.36 -17.62
N LYS A 411 21.19 62.65 -18.51
CA LYS A 411 21.08 62.42 -19.95
C LYS A 411 21.27 60.93 -20.27
N PHE A 412 22.04 60.21 -19.42
CA PHE A 412 22.32 58.79 -19.58
C PHE A 412 21.19 57.91 -19.02
N ILE A 413 20.82 58.11 -17.73
CA ILE A 413 19.78 57.31 -17.09
C ILE A 413 18.42 57.50 -17.76
N HIS A 414 18.02 58.75 -18.04
CA HIS A 414 16.74 58.99 -18.73
C HIS A 414 16.69 58.22 -20.05
N LYS A 415 17.83 58.14 -20.78
CA LYS A 415 17.93 57.37 -22.02
C LYS A 415 17.91 55.87 -21.69
N GLU A 416 18.58 55.51 -20.58
CA GLU A 416 18.64 54.14 -20.09
C GLU A 416 17.28 53.69 -19.56
N MET A 417 16.57 54.55 -18.82
CA MET A 417 15.24 54.25 -18.29
C MET A 417 14.18 54.15 -19.40
N LYS A 418 14.31 54.96 -20.49
CA LYS A 418 13.40 54.94 -21.64
C LYS A 418 13.47 53.63 -22.42
N HIS A 419 14.67 53.03 -22.51
CA HIS A 419 14.89 51.76 -23.20
C HIS A 419 14.34 50.60 -22.35
N ILE A 420 14.45 50.71 -21.02
CA ILE A 420 13.92 49.74 -20.04
C ILE A 420 12.37 49.66 -20.17
N PHE A 421 11.70 50.83 -20.16
CA PHE A 421 10.25 50.92 -20.29
C PHE A 421 9.76 50.30 -21.58
N ASN A 422 10.53 50.45 -22.67
CA ASN A 422 10.15 49.86 -23.97
C ASN A 422 10.14 48.35 -23.96
N ARG A 423 11.06 47.74 -23.19
CA ARG A 423 11.15 46.29 -22.99
C ARG A 423 10.02 45.83 -22.08
N ILE A 424 9.68 46.63 -21.02
CA ILE A 424 8.56 46.32 -20.10
C ILE A 424 7.24 46.35 -20.86
N GLU A 425 6.98 47.45 -21.60
CA GLU A 425 5.79 47.64 -22.44
C GLU A 425 5.70 46.50 -23.50
N TYR A 426 6.87 45.97 -23.94
CA TYR A 426 6.99 44.86 -24.88
C TYR A 426 6.61 43.57 -24.21
N HIS A 427 7.12 43.31 -23.00
CA HIS A 427 6.80 42.10 -22.26
C HIS A 427 5.40 42.08 -21.67
N THR A 428 4.91 43.21 -21.09
CA THR A 428 3.56 43.28 -20.49
C THR A 428 2.51 42.98 -21.52
N LYS A 429 2.72 43.43 -22.76
CA LYS A 429 1.75 43.14 -23.84
C LYS A 429 1.64 41.65 -24.10
N ILE A 430 2.79 40.96 -24.17
CA ILE A 430 2.89 39.52 -24.34
C ILE A 430 2.27 38.79 -23.15
N ILE A 431 2.52 39.29 -21.92
CA ILE A 431 1.96 38.70 -20.69
C ILE A 431 0.44 38.80 -20.69
N ASN A 432 -0.11 40.00 -20.91
CA ASN A 432 -1.55 40.23 -20.97
C ASN A 432 -2.18 39.42 -22.11
N ASP A 433 -1.40 39.25 -23.21
CA ASP A 433 -1.73 38.50 -24.42
C ASP A 433 -2.01 37.05 -24.04
N LYS A 434 -0.95 36.29 -23.72
CA LYS A 434 -0.98 34.89 -23.37
C LYS A 434 -1.84 34.52 -22.16
N THR A 435 -2.10 35.45 -21.22
CA THR A 435 -2.99 35.16 -20.09
C THR A 435 -4.43 34.94 -20.51
N LYS A 436 -4.83 35.49 -21.69
CA LYS A 436 -6.15 35.28 -22.29
C LYS A 436 -6.07 33.92 -23.00
N ILE A 437 -5.16 33.80 -24.01
CA ILE A 437 -4.85 32.62 -24.84
C ILE A 437 -4.81 31.35 -24.03
N ILE A 438 -4.00 31.33 -22.96
CA ILE A 438 -3.87 30.18 -22.07
C ILE A 438 -5.21 29.90 -21.39
N GLN A 439 -5.84 30.92 -20.77
CA GLN A 439 -7.13 30.74 -20.09
C GLN A 439 -8.25 30.21 -21.01
N ASP A 440 -8.23 30.61 -22.29
CA ASP A 440 -9.22 30.18 -23.28
C ASP A 440 -8.93 28.75 -23.72
N LYS A 441 -7.66 28.49 -24.12
CA LYS A 441 -7.16 27.21 -24.63
C LYS A 441 -7.22 25.98 -23.72
N ILE A 442 -7.19 26.16 -22.37
CA ILE A 442 -7.33 25.01 -21.43
C ILE A 442 -8.70 24.37 -21.53
N LYS A 443 -9.78 25.16 -21.41
CA LYS A 443 -11.18 24.70 -21.47
C LYS A 443 -11.37 23.62 -22.54
N LEU A 444 -10.79 23.87 -23.74
CA LEU A 444 -10.83 23.04 -24.94
C LEU A 444 -10.19 21.66 -24.78
N ASN A 445 -9.18 21.55 -23.88
CA ASN A 445 -8.36 20.35 -23.65
C ASN A 445 -8.33 19.84 -22.18
N ILE A 446 -9.46 19.79 -21.48
CA ILE A 446 -9.39 19.44 -20.08
C ILE A 446 -10.26 18.26 -19.56
N TRP A 447 -11.58 18.29 -19.64
CA TRP A 447 -12.34 17.14 -19.13
C TRP A 447 -12.78 16.27 -20.30
N ARG A 448 -11.81 15.89 -21.17
CA ARG A 448 -12.08 15.13 -22.40
C ARG A 448 -11.07 14.06 -22.81
N THR A 449 -11.17 13.52 -24.05
CA THR A 449 -10.37 12.39 -24.59
C THR A 449 -10.15 12.37 -26.13
N PHE A 450 -9.08 13.04 -26.56
CA PHE A 450 -8.66 13.23 -27.94
C PHE A 450 -8.02 12.00 -28.51
N GLN A 451 -7.84 11.91 -29.82
CA GLN A 451 -7.05 10.80 -30.38
C GLN A 451 -5.57 11.26 -30.33
N LYS A 452 -4.64 10.33 -30.09
CA LYS A 452 -3.19 10.61 -29.97
C LYS A 452 -2.64 11.71 -30.90
N ASP A 453 -3.03 11.67 -32.19
CA ASP A 453 -2.65 12.59 -33.25
C ASP A 453 -2.94 14.07 -32.83
N GLU A 454 -4.09 14.30 -32.18
CA GLU A 454 -4.53 15.60 -31.68
C GLU A 454 -3.87 15.92 -30.33
N LEU A 455 -3.91 14.96 -29.38
CA LEU A 455 -3.35 15.05 -28.03
C LEU A 455 -1.89 15.45 -28.11
N LEU A 456 -1.11 14.77 -28.97
CA LEU A 456 0.31 15.07 -29.19
C LEU A 456 0.48 16.53 -29.51
N LYS A 457 -0.34 17.05 -30.47
CA LYS A 457 -0.34 18.46 -30.90
C LYS A 457 -0.83 19.38 -29.79
N ARG A 458 -2.05 19.15 -29.28
CA ARG A 458 -2.68 19.92 -28.20
C ARG A 458 -1.75 20.31 -27.02
N ILE A 459 -0.86 19.40 -26.54
CA ILE A 459 0.12 19.61 -25.47
C ILE A 459 1.23 20.55 -25.93
N LEU A 460 1.76 20.34 -27.16
CA LEU A 460 2.81 21.17 -27.77
C LEU A 460 2.36 22.66 -27.84
N ASP A 461 1.13 22.91 -28.32
CA ASP A 461 0.53 24.24 -28.42
C ASP A 461 0.49 24.87 -27.03
N MET A 462 -0.04 24.14 -26.02
CA MET A 462 -0.08 24.62 -24.64
C MET A 462 1.34 24.85 -24.14
N SER A 463 2.29 23.97 -24.48
CA SER A 463 3.70 24.14 -24.11
C SER A 463 4.28 25.39 -24.76
N ASN A 464 4.08 25.55 -26.09
CA ASN A 464 4.53 26.72 -26.85
C ASN A 464 3.98 27.98 -26.23
N GLU A 465 2.65 28.01 -25.93
CA GLU A 465 2.05 29.19 -25.31
C GLU A 465 2.46 29.44 -23.83
N TYR A 466 2.77 28.36 -23.05
CA TYR A 466 3.21 28.50 -21.66
C TYR A 466 4.58 29.20 -21.63
N SER A 467 5.56 28.62 -22.37
CA SER A 467 6.94 29.06 -22.49
C SER A 467 7.06 30.56 -22.76
N LEU A 468 6.28 31.08 -23.72
CA LEU A 468 6.28 32.51 -24.02
C LEU A 468 5.84 33.27 -22.78
N PHE A 469 4.62 32.99 -22.27
CA PHE A 469 4.08 33.63 -21.07
C PHE A 469 5.12 33.74 -19.95
N ILE A 470 5.71 32.59 -19.59
CA ILE A 470 6.74 32.44 -18.53
C ILE A 470 8.02 33.26 -18.73
N THR A 471 8.66 33.17 -19.92
CA THR A 471 9.91 33.87 -20.23
C THR A 471 9.65 35.35 -20.21
N SER A 472 8.64 35.76 -21.00
CA SER A 472 8.19 37.13 -21.10
C SER A 472 7.71 37.66 -19.73
N ASP A 473 7.18 36.80 -18.82
CA ASP A 473 6.80 37.26 -17.48
C ASP A 473 8.01 37.53 -16.60
N HIS A 474 8.97 36.55 -16.57
CA HIS A 474 10.21 36.58 -15.80
C HIS A 474 10.92 37.89 -16.05
N LEU A 475 11.00 38.28 -17.33
CA LEU A 475 11.62 39.52 -17.77
C LEU A 475 10.87 40.73 -17.32
N ARG A 476 9.52 40.67 -17.27
CA ARG A 476 8.74 41.82 -16.79
C ARG A 476 9.02 42.15 -15.31
N GLN A 477 9.33 41.13 -14.48
CA GLN A 477 9.64 41.35 -13.06
C GLN A 477 11.06 41.87 -12.89
N MET A 478 12.01 41.32 -13.68
CA MET A 478 13.43 41.69 -13.67
C MET A 478 13.57 43.12 -14.15
N LEU A 479 12.97 43.42 -15.31
CA LEU A 479 12.96 44.75 -15.93
C LEU A 479 12.24 45.78 -15.06
N TYR A 480 11.32 45.36 -14.18
CA TYR A 480 10.63 46.26 -13.28
C TYR A 480 11.62 46.73 -12.21
N ASN A 481 12.30 45.76 -11.56
CA ASN A 481 13.29 45.97 -10.51
C ASN A 481 14.51 46.76 -11.02
N THR A 482 14.93 46.47 -12.27
CA THR A 482 16.07 47.10 -12.92
C THR A 482 15.79 48.59 -13.16
N PHE A 483 14.51 48.97 -13.41
CA PHE A 483 14.05 50.33 -13.64
C PHE A 483 14.07 51.15 -12.36
N TYR A 484 13.58 50.60 -11.21
CA TYR A 484 13.59 51.41 -9.98
C TYR A 484 14.95 51.59 -9.33
N SER A 485 15.89 50.64 -9.53
CA SER A 485 17.28 50.78 -9.04
C SER A 485 17.97 51.83 -9.92
N LYS A 486 17.40 52.08 -11.12
CA LYS A 486 17.84 53.10 -12.06
C LYS A 486 17.08 54.39 -11.79
N GLU A 487 16.06 54.39 -10.89
CA GLU A 487 15.31 55.60 -10.45
C GLU A 487 15.73 55.99 -9.02
N LYS A 488 16.48 55.09 -8.35
CA LYS A 488 17.09 55.30 -7.04
C LYS A 488 18.21 56.33 -7.29
N HIS A 489 19.00 56.13 -8.40
CA HIS A 489 20.12 56.98 -8.81
C HIS A 489 19.72 58.32 -9.47
N LEU A 490 18.42 58.59 -9.53
CA LEU A 490 17.89 59.82 -10.05
C LEU A 490 17.60 60.72 -8.87
N ASN A 491 16.77 60.29 -7.88
CA ASN A 491 16.45 61.09 -6.68
C ASN A 491 17.67 61.36 -5.82
N ASN A 492 18.65 60.43 -5.86
CA ASN A 492 19.92 60.62 -5.16
C ASN A 492 20.77 61.70 -5.84
N ILE A 493 20.70 61.77 -7.21
CA ILE A 493 21.36 62.77 -8.07
C ILE A 493 20.45 64.02 -8.25
N PHE A 494 19.29 63.97 -7.57
CA PHE A 494 18.33 65.05 -7.48
C PHE A 494 18.58 65.74 -6.15
N HIS A 495 19.18 65.02 -5.15
CA HIS A 495 19.60 65.58 -3.85
C HIS A 495 20.53 66.77 -4.10
N HIS A 496 21.39 66.64 -5.12
CA HIS A 496 22.34 67.62 -5.62
C HIS A 496 21.63 68.84 -6.17
N LEU A 497 20.72 68.62 -7.11
CA LEU A 497 19.98 69.69 -7.75
C LEU A 497 19.16 70.58 -6.81
N ILE A 498 18.59 70.02 -5.72
CA ILE A 498 17.81 70.78 -4.74
C ILE A 498 18.73 71.60 -3.84
N TYR A 499 19.75 70.94 -3.25
CA TYR A 499 20.77 71.53 -2.39
C TYR A 499 21.49 72.62 -3.19
N VAL A 500 21.61 72.45 -4.55
CA VAL A 500 22.19 73.44 -5.47
C VAL A 500 21.33 74.70 -5.48
N LEU A 501 20.10 74.58 -5.98
CA LEU A 501 19.13 75.67 -6.10
C LEU A 501 18.61 76.30 -4.78
N GLN A 502 18.81 75.62 -3.61
CA GLN A 502 18.36 76.17 -2.34
C GLN A 502 19.11 77.41 -1.89
N MET A 503 20.38 77.57 -2.33
CA MET A 503 21.24 78.70 -1.96
C MET A 503 20.99 80.03 -2.69
N LYS A 504 20.60 79.96 -3.99
CA LYS A 504 20.34 81.11 -4.89
C LYS A 504 19.39 82.21 -4.34
N PHE A 505 18.51 81.84 -3.37
CA PHE A 505 17.52 82.70 -2.70
C PHE A 505 18.08 83.42 -1.48
N ASN A 506 19.41 83.38 -1.32
CA ASN A 506 20.16 84.01 -0.24
C ASN A 506 21.13 85.07 -0.75
N GLN B 22 2.01 -14.03 -13.43
CA GLN B 22 0.75 -14.77 -13.34
C GLN B 22 -0.36 -14.26 -12.38
N LEU B 23 -1.65 -14.49 -12.75
CA LEU B 23 -2.85 -14.01 -12.05
C LEU B 23 -3.74 -15.11 -11.46
N VAL B 24 -4.34 -14.90 -10.26
CA VAL B 24 -5.20 -15.93 -9.67
C VAL B 24 -6.50 -15.50 -9.00
N GLU B 25 -7.59 -16.02 -9.58
CA GLU B 25 -8.98 -15.76 -9.27
C GLU B 25 -9.55 -16.62 -8.18
N SER B 26 -10.19 -15.95 -7.22
CA SER B 26 -10.79 -16.51 -6.02
C SER B 26 -12.02 -15.71 -5.62
N GLY B 27 -13.04 -16.39 -5.12
CA GLY B 27 -14.24 -15.77 -4.62
C GLY B 27 -15.49 -16.21 -5.30
N GLY B 28 -15.38 -17.25 -6.12
CA GLY B 28 -16.52 -17.81 -6.83
C GLY B 28 -17.39 -18.71 -5.99
N GLY B 29 -18.42 -19.28 -6.62
CA GLY B 29 -19.35 -20.19 -5.97
C GLY B 29 -20.80 -20.07 -6.38
N LEU B 30 -21.70 -20.61 -5.53
CA LEU B 30 -23.15 -20.57 -5.72
C LEU B 30 -23.81 -19.40 -4.94
N VAL B 31 -24.48 -18.51 -5.69
CA VAL B 31 -25.25 -17.40 -5.16
C VAL B 31 -26.66 -17.56 -5.69
N LYS B 32 -27.66 -17.21 -4.90
CA LYS B 32 -29.06 -17.26 -5.33
C LYS B 32 -29.33 -15.99 -6.20
N PRO B 33 -30.29 -15.98 -7.16
CA PRO B 33 -30.51 -14.74 -7.93
C PRO B 33 -30.91 -13.62 -6.99
N GLY B 34 -30.33 -12.44 -7.20
CA GLY B 34 -30.56 -11.25 -6.37
C GLY B 34 -29.50 -11.00 -5.32
N GLY B 35 -28.61 -11.98 -5.13
CA GLY B 35 -27.50 -11.97 -4.17
C GLY B 35 -26.29 -11.15 -4.59
N SER B 36 -25.19 -11.27 -3.84
CA SER B 36 -23.95 -10.50 -4.08
C SER B 36 -22.70 -11.37 -3.92
N LEU B 37 -21.62 -11.01 -4.60
CA LEU B 37 -20.39 -11.82 -4.54
C LEU B 37 -19.16 -10.99 -4.87
N LYS B 38 -18.04 -11.16 -4.16
CA LYS B 38 -16.79 -10.43 -4.43
C LYS B 38 -15.76 -11.42 -4.96
N LEU B 39 -15.13 -11.11 -6.09
CA LEU B 39 -14.11 -11.94 -6.73
C LEU B 39 -12.75 -11.22 -6.63
N SER B 40 -11.68 -11.94 -6.24
CA SER B 40 -10.33 -11.37 -6.14
C SER B 40 -9.39 -12.00 -7.18
N CYS B 41 -8.30 -11.28 -7.55
CA CYS B 41 -7.29 -11.80 -8.48
C CYS B 41 -5.89 -11.47 -7.98
N ALA B 42 -5.05 -12.50 -7.68
CA ALA B 42 -3.69 -12.31 -7.15
C ALA B 42 -2.62 -12.17 -8.24
N ALA B 43 -2.23 -10.94 -8.54
CA ALA B 43 -1.26 -10.58 -9.57
C ALA B 43 0.18 -10.73 -9.13
N SER B 44 0.98 -11.44 -9.94
CA SER B 44 2.37 -11.79 -9.66
C SER B 44 3.18 -11.86 -10.94
N GLY B 45 4.49 -11.82 -10.77
CA GLY B 45 5.45 -11.85 -11.87
C GLY B 45 5.68 -10.49 -12.48
N PHE B 46 4.83 -9.48 -12.10
CA PHE B 46 4.93 -8.13 -12.66
C PHE B 46 4.51 -6.97 -11.77
N THR B 47 4.86 -5.76 -12.26
CA THR B 47 4.63 -4.46 -11.66
C THR B 47 3.18 -4.08 -11.89
N PHE B 48 2.32 -4.61 -11.01
CA PHE B 48 0.86 -4.43 -11.02
C PHE B 48 0.34 -3.03 -11.38
N SER B 49 0.89 -1.98 -10.77
CA SER B 49 0.48 -0.59 -10.97
C SER B 49 0.97 0.09 -12.27
N ASP B 50 1.51 -0.71 -13.22
CA ASP B 50 1.93 -0.21 -14.55
C ASP B 50 0.82 -0.52 -15.55
N PHE B 51 0.01 -1.56 -15.27
CA PHE B 51 -1.02 -2.14 -16.13
C PHE B 51 -2.48 -1.82 -15.89
N TYR B 52 -3.23 -1.69 -17.00
CA TYR B 52 -4.67 -1.56 -17.05
C TYR B 52 -5.18 -3.04 -16.81
N MET B 53 -6.29 -3.21 -16.10
CA MET B 53 -6.78 -4.55 -15.78
C MET B 53 -8.21 -4.80 -16.21
N TYR B 54 -8.46 -6.03 -16.69
CA TYR B 54 -9.77 -6.52 -17.18
C TYR B 54 -10.40 -7.69 -16.41
N TRP B 55 -11.72 -7.88 -16.62
CA TRP B 55 -12.54 -9.00 -16.17
C TRP B 55 -13.27 -9.43 -17.43
N VAL B 56 -13.30 -10.75 -17.69
CA VAL B 56 -13.93 -11.36 -18.85
C VAL B 56 -14.66 -12.62 -18.37
N ARG B 57 -15.94 -12.77 -18.76
CA ARG B 57 -16.72 -13.95 -18.42
C ARG B 57 -16.80 -14.85 -19.63
N GLN B 58 -16.88 -16.18 -19.41
CA GLN B 58 -17.07 -17.13 -20.48
C GLN B 58 -18.26 -17.98 -20.07
N THR B 59 -19.39 -17.78 -20.73
CA THR B 59 -20.61 -18.50 -20.43
C THR B 59 -20.47 -20.00 -20.73
N PRO B 60 -21.27 -20.89 -20.06
CA PRO B 60 -21.16 -22.34 -20.30
C PRO B 60 -21.14 -22.75 -21.76
N GLU B 61 -21.86 -22.01 -22.65
CA GLU B 61 -21.87 -22.21 -24.10
C GLU B 61 -20.73 -21.41 -24.79
N LYS B 62 -19.58 -21.39 -24.10
CA LYS B 62 -18.27 -20.86 -24.47
C LYS B 62 -18.11 -19.39 -25.00
N ARG B 63 -19.19 -18.57 -24.95
CA ARG B 63 -19.20 -17.15 -25.40
C ARG B 63 -18.35 -16.23 -24.51
N LEU B 64 -17.48 -15.42 -25.12
CA LEU B 64 -16.67 -14.48 -24.36
C LEU B 64 -17.29 -13.10 -24.26
N GLU B 65 -17.65 -12.64 -23.05
CA GLU B 65 -18.24 -11.30 -22.80
C GLU B 65 -17.40 -10.43 -21.85
N TRP B 66 -16.74 -9.38 -22.39
CA TRP B 66 -15.94 -8.40 -21.62
C TRP B 66 -16.79 -7.86 -20.46
N VAL B 67 -16.23 -7.87 -19.24
CA VAL B 67 -16.94 -7.44 -18.03
C VAL B 67 -16.54 -6.06 -17.50
N ALA B 68 -15.23 -5.75 -17.34
CA ALA B 68 -14.79 -4.44 -16.82
C ALA B 68 -13.31 -4.13 -17.04
N THR B 69 -12.99 -2.82 -17.18
CA THR B 69 -11.61 -2.32 -17.32
C THR B 69 -11.28 -1.24 -16.30
N ILE B 70 -10.13 -1.41 -15.60
CA ILE B 70 -9.62 -0.44 -14.63
C ILE B 70 -8.21 0.02 -15.02
N SER B 71 -7.95 1.35 -15.01
CA SER B 71 -6.64 1.96 -15.28
C SER B 71 -5.62 1.54 -14.21
N ASP B 72 -4.34 1.74 -14.50
CA ASP B 72 -3.21 1.47 -13.61
C ASP B 72 -3.40 2.07 -12.20
N GLY B 73 -3.78 3.35 -12.13
CA GLY B 73 -3.99 4.08 -10.89
C GLY B 73 -5.44 4.42 -10.58
N ASP B 74 -6.34 3.46 -10.83
CA ASP B 74 -7.79 3.47 -10.63
C ASP B 74 -8.64 4.60 -11.23
N SER B 75 -8.02 5.69 -11.71
CA SER B 75 -8.73 6.85 -12.25
C SER B 75 -9.71 6.56 -13.41
N TYR B 76 -9.43 5.57 -14.29
CA TYR B 76 -10.36 5.27 -15.39
C TYR B 76 -10.96 3.90 -15.27
N ILE B 77 -12.30 3.81 -15.32
CA ILE B 77 -13.11 2.60 -15.20
C ILE B 77 -14.13 2.50 -16.35
N TYR B 78 -14.19 1.33 -17.01
CA TYR B 78 -15.16 1.09 -18.10
C TYR B 78 -16.00 -0.18 -17.86
N TYR B 79 -17.33 -0.11 -18.08
CA TYR B 79 -18.26 -1.25 -17.92
C TYR B 79 -19.20 -1.41 -19.12
N PRO B 80 -19.48 -2.62 -19.62
CA PRO B 80 -20.48 -2.75 -20.68
C PRO B 80 -21.89 -2.49 -20.14
N ASP B 81 -22.79 -1.97 -20.99
CA ASP B 81 -24.20 -1.72 -20.65
C ASP B 81 -24.82 -2.97 -19.94
N SER B 82 -24.35 -4.18 -20.27
CA SER B 82 -24.85 -5.40 -19.62
C SER B 82 -24.70 -5.40 -18.09
N VAL B 83 -23.54 -4.88 -17.56
CA VAL B 83 -23.21 -4.89 -16.12
C VAL B 83 -23.27 -3.55 -15.39
N ARG B 84 -23.63 -2.49 -16.11
CA ARG B 84 -23.71 -1.10 -15.65
C ARG B 84 -24.39 -0.93 -14.27
N GLY B 85 -23.65 -0.33 -13.33
CA GLY B 85 -24.13 -0.13 -11.96
C GLY B 85 -24.48 -1.38 -11.14
N ARG B 86 -24.24 -2.58 -11.68
CA ARG B 86 -24.51 -3.82 -10.97
C ARG B 86 -23.17 -4.31 -10.41
N PHE B 87 -22.11 -4.25 -11.25
CA PHE B 87 -20.75 -4.68 -10.93
C PHE B 87 -19.79 -3.50 -10.65
N THR B 88 -18.83 -3.70 -9.73
CA THR B 88 -17.85 -2.69 -9.37
C THR B 88 -16.41 -3.21 -9.41
N ILE B 89 -15.57 -2.61 -10.26
CA ILE B 89 -14.18 -3.00 -10.37
C ILE B 89 -13.33 -2.07 -9.51
N SER B 90 -12.38 -2.67 -8.75
CA SER B 90 -11.46 -1.93 -7.89
C SER B 90 -10.15 -2.68 -7.76
N ARG B 91 -9.09 -1.96 -7.40
CA ARG B 91 -7.77 -2.51 -7.22
C ARG B 91 -7.14 -1.94 -5.95
N ASP B 92 -6.16 -2.67 -5.40
CA ASP B 92 -5.37 -2.28 -4.24
C ASP B 92 -3.92 -2.53 -4.66
N ASN B 93 -3.35 -1.56 -5.41
CA ASN B 93 -1.99 -1.57 -5.97
C ASN B 93 -0.91 -1.88 -4.94
N ALA B 94 -1.23 -1.62 -3.67
CA ALA B 94 -0.42 -1.91 -2.50
C ALA B 94 -0.37 -3.44 -2.23
N LYS B 95 -1.56 -4.11 -2.25
CA LYS B 95 -1.69 -5.57 -1.99
C LYS B 95 -1.55 -6.42 -3.25
N ASN B 96 -1.46 -5.76 -4.44
CA ASN B 96 -1.37 -6.37 -5.78
C ASN B 96 -2.58 -7.30 -5.99
N ILE B 97 -3.81 -6.72 -5.90
CA ILE B 97 -5.08 -7.47 -6.03
C ILE B 97 -6.08 -6.72 -6.89
N LEU B 98 -6.87 -7.49 -7.68
CA LEU B 98 -7.97 -7.02 -8.53
C LEU B 98 -9.31 -7.54 -7.93
N PHE B 99 -10.34 -6.66 -7.87
CA PHE B 99 -11.64 -6.96 -7.27
C PHE B 99 -12.81 -6.60 -8.16
N LEU B 100 -13.74 -7.56 -8.31
CA LEU B 100 -14.98 -7.39 -9.03
C LEU B 100 -16.11 -7.59 -8.07
N GLN B 101 -16.84 -6.52 -7.75
CA GLN B 101 -17.98 -6.64 -6.84
C GLN B 101 -19.13 -7.07 -7.71
N MET B 102 -19.92 -8.01 -7.23
CA MET B 102 -21.10 -8.42 -7.95
C MET B 102 -22.26 -8.16 -7.02
N SER B 103 -23.28 -7.47 -7.52
CA SER B 103 -24.45 -7.10 -6.73
C SER B 103 -25.70 -7.37 -7.52
N SER B 104 -26.79 -7.81 -6.82
CA SER B 104 -28.12 -8.03 -7.42
C SER B 104 -28.02 -8.84 -8.74
N LEU B 105 -27.42 -10.03 -8.63
CA LEU B 105 -27.14 -10.85 -9.79
C LEU B 105 -28.29 -11.67 -10.38
N LYS B 106 -28.29 -11.76 -11.71
CA LYS B 106 -29.26 -12.41 -12.57
C LYS B 106 -28.65 -13.76 -12.84
N SER B 107 -29.42 -14.74 -13.36
CA SER B 107 -28.83 -16.04 -13.70
C SER B 107 -27.87 -15.87 -14.89
N GLU B 108 -28.10 -14.84 -15.74
CA GLU B 108 -27.34 -14.46 -16.92
C GLU B 108 -25.85 -14.32 -16.64
N ASP B 109 -25.46 -13.97 -15.41
CA ASP B 109 -24.06 -13.82 -15.03
C ASP B 109 -23.34 -15.15 -14.90
N THR B 110 -24.07 -16.28 -14.68
CA THR B 110 -23.45 -17.62 -14.58
C THR B 110 -22.42 -17.72 -15.72
N ALA B 111 -21.13 -17.86 -15.35
CA ALA B 111 -19.99 -17.91 -16.29
C ALA B 111 -18.62 -18.09 -15.57
N MET B 112 -17.56 -18.40 -16.36
CA MET B 112 -16.21 -18.59 -15.88
C MET B 112 -15.58 -17.24 -15.93
N TYR B 113 -15.36 -16.65 -14.75
CA TYR B 113 -14.82 -15.30 -14.65
C TYR B 113 -13.31 -15.27 -14.61
N PHE B 114 -12.72 -14.67 -15.65
CA PHE B 114 -11.29 -14.50 -15.87
C PHE B 114 -10.89 -13.08 -15.56
N CYS B 115 -9.72 -12.90 -14.93
CA CYS B 115 -9.11 -11.58 -14.70
C CYS B 115 -7.96 -11.52 -15.67
N ALA B 116 -7.72 -10.37 -16.28
CA ALA B 116 -6.66 -10.32 -17.28
C ALA B 116 -5.88 -9.01 -17.35
N ARG B 117 -4.58 -9.13 -17.70
CA ARG B 117 -3.65 -8.01 -17.86
C ARG B 117 -3.68 -7.49 -19.29
N ASP B 118 -3.75 -6.16 -19.44
CA ASP B 118 -3.68 -5.46 -20.72
C ASP B 118 -2.20 -5.54 -21.15
N GLY B 119 -1.94 -5.54 -22.45
CA GLY B 119 -0.59 -5.64 -22.99
C GLY B 119 0.36 -4.51 -22.63
N ASN B 120 -0.16 -3.26 -22.57
CA ASN B 120 0.55 -2.02 -22.24
C ASN B 120 1.50 -1.55 -23.38
N GLY B 121 1.02 -1.66 -24.61
CA GLY B 121 1.76 -1.25 -25.80
C GLY B 121 1.92 0.25 -25.90
N LYS B 122 3.08 0.67 -26.43
CA LYS B 122 3.37 2.09 -26.59
C LYS B 122 2.42 2.68 -27.62
N ASP B 123 2.43 2.15 -28.84
CA ASP B 123 1.52 2.64 -29.84
C ASP B 123 0.42 1.69 -30.01
N GLY B 124 -0.67 2.00 -29.33
CA GLY B 124 -1.87 1.18 -29.38
C GLY B 124 -2.59 0.82 -28.09
N GLY B 125 -3.70 0.13 -28.31
CA GLY B 125 -4.62 -0.39 -27.31
C GLY B 125 -4.52 -1.90 -27.34
N ASP B 126 -3.45 -2.38 -26.70
CA ASP B 126 -3.05 -3.77 -26.58
C ASP B 126 -4.11 -4.77 -26.16
N ALA B 127 -3.81 -6.04 -26.43
CA ALA B 127 -4.61 -7.22 -26.15
C ALA B 127 -4.52 -7.67 -24.69
N MET B 128 -5.27 -8.71 -24.34
CA MET B 128 -5.27 -9.34 -23.02
C MET B 128 -4.16 -10.45 -23.08
N ASP B 129 -2.91 -10.01 -22.78
CA ASP B 129 -1.73 -10.87 -22.87
C ASP B 129 -1.68 -12.02 -21.88
N TYR B 130 -1.90 -11.73 -20.61
CA TYR B 130 -1.92 -12.73 -19.56
C TYR B 130 -3.33 -12.88 -19.05
N TRP B 131 -3.78 -14.13 -18.94
CA TRP B 131 -5.13 -14.48 -18.49
C TRP B 131 -5.00 -15.40 -17.30
N GLY B 132 -5.81 -15.14 -16.27
CA GLY B 132 -5.85 -15.99 -15.09
C GLY B 132 -6.56 -17.29 -15.39
N GLN B 133 -6.56 -18.23 -14.43
CA GLN B 133 -7.17 -19.53 -14.63
C GLN B 133 -8.72 -19.64 -14.68
N GLY B 134 -9.38 -18.67 -14.07
CA GLY B 134 -10.83 -18.56 -14.03
C GLY B 134 -11.42 -18.96 -12.68
N THR B 135 -12.61 -18.40 -12.39
CA THR B 135 -13.41 -18.70 -11.20
C THR B 135 -14.84 -18.81 -11.60
N SER B 136 -15.45 -19.90 -11.21
CA SER B 136 -16.82 -20.18 -11.57
C SER B 136 -17.79 -19.51 -10.63
N VAL B 137 -18.73 -18.80 -11.24
CA VAL B 137 -19.83 -18.17 -10.57
C VAL B 137 -21.09 -18.88 -11.05
N THR B 138 -22.03 -19.15 -10.17
CA THR B 138 -23.23 -19.75 -10.65
C THR B 138 -24.42 -19.28 -9.86
N VAL B 139 -25.25 -18.57 -10.57
CA VAL B 139 -26.44 -17.90 -10.09
C VAL B 139 -27.70 -18.76 -10.26
N SER B 140 -28.00 -19.61 -9.25
CA SER B 140 -29.16 -20.50 -9.21
C SER B 140 -29.77 -20.62 -7.80
N SER B 141 -31.10 -20.50 -7.72
CA SER B 141 -31.85 -20.61 -6.48
C SER B 141 -31.73 -22.04 -5.96
N ALA B 142 -31.41 -23.00 -6.88
CA ALA B 142 -31.13 -24.42 -6.74
C ALA B 142 -30.34 -24.79 -5.47
N LYS B 143 -30.64 -25.96 -4.86
CA LYS B 143 -30.00 -26.46 -3.63
C LYS B 143 -28.88 -27.39 -3.90
N THR B 144 -27.82 -27.27 -3.08
CA THR B 144 -26.64 -28.11 -3.17
C THR B 144 -27.03 -29.52 -2.70
N THR B 145 -26.98 -30.53 -3.60
CA THR B 145 -27.25 -31.91 -3.19
C THR B 145 -26.14 -32.81 -3.69
N ALA B 146 -25.77 -33.82 -2.87
CA ALA B 146 -24.78 -34.87 -3.08
C ALA B 146 -25.16 -35.82 -4.23
N PRO B 147 -24.22 -36.44 -4.99
CA PRO B 147 -24.66 -37.30 -6.08
C PRO B 147 -24.85 -38.72 -5.65
N SER B 148 -25.67 -39.43 -6.40
CA SER B 148 -25.90 -40.83 -6.14
C SER B 148 -25.00 -41.53 -7.15
N VAL B 149 -24.17 -42.48 -6.69
CA VAL B 149 -23.22 -43.13 -7.59
C VAL B 149 -23.64 -44.53 -7.83
N TYR B 150 -23.72 -44.93 -9.10
CA TYR B 150 -24.14 -46.29 -9.47
C TYR B 150 -23.16 -46.96 -10.43
N PRO B 151 -22.66 -48.16 -10.07
CA PRO B 151 -21.73 -48.85 -10.97
C PRO B 151 -22.49 -49.62 -12.05
N LEU B 152 -22.34 -49.21 -13.31
CA LEU B 152 -22.95 -49.90 -14.43
C LEU B 152 -22.11 -51.13 -14.75
N ALA B 153 -22.68 -52.32 -14.53
CA ALA B 153 -22.01 -53.61 -14.77
C ALA B 153 -22.68 -54.30 -15.95
N PRO B 154 -21.92 -55.07 -16.78
CA PRO B 154 -22.53 -55.70 -17.97
C PRO B 154 -23.70 -56.67 -17.80
N VAL B 155 -24.28 -57.06 -18.94
CA VAL B 155 -25.41 -57.99 -18.99
C VAL B 155 -24.90 -59.43 -18.95
N CYS B 156 -25.38 -60.23 -17.97
CA CYS B 156 -25.03 -61.63 -17.75
C CYS B 156 -25.26 -62.50 -18.99
N SER B 163 -12.26 -58.19 -24.78
CA SER B 163 -12.68 -56.79 -24.83
C SER B 163 -14.01 -56.48 -24.08
N VAL B 164 -13.91 -55.97 -22.84
CA VAL B 164 -15.05 -55.64 -21.99
C VAL B 164 -15.06 -54.17 -21.58
N THR B 165 -16.20 -53.46 -21.79
CA THR B 165 -16.36 -52.07 -21.39
C THR B 165 -17.34 -51.95 -20.22
N LEU B 166 -17.00 -51.17 -19.17
CA LEU B 166 -17.85 -50.99 -17.98
C LEU B 166 -17.97 -49.55 -17.54
N GLY B 167 -19.16 -49.19 -17.10
CA GLY B 167 -19.50 -47.82 -16.73
C GLY B 167 -19.72 -47.50 -15.27
N CYS B 168 -20.04 -46.22 -15.03
CA CYS B 168 -20.26 -45.62 -13.72
C CYS B 168 -21.17 -44.41 -13.93
N LEU B 169 -22.33 -44.40 -13.27
CA LEU B 169 -23.32 -43.36 -13.38
C LEU B 169 -23.42 -42.54 -12.09
N VAL B 170 -23.35 -41.21 -12.25
CA VAL B 170 -23.41 -40.18 -11.21
C VAL B 170 -24.67 -39.38 -11.48
N LYS B 171 -25.69 -39.65 -10.67
CA LYS B 171 -26.98 -38.98 -10.81
C LYS B 171 -27.19 -37.79 -9.86
N GLY B 172 -27.94 -36.84 -10.36
CA GLY B 172 -28.44 -35.66 -9.68
C GLY B 172 -27.67 -35.12 -8.50
N TYR B 173 -26.71 -34.23 -8.79
CA TYR B 173 -25.91 -33.49 -7.86
C TYR B 173 -25.87 -32.02 -8.26
N PHE B 174 -25.36 -31.16 -7.34
CA PHE B 174 -25.28 -29.71 -7.54
C PHE B 174 -24.30 -29.00 -6.57
N PRO B 175 -23.45 -28.09 -7.08
CA PRO B 175 -23.29 -27.71 -8.49
C PRO B 175 -22.20 -28.56 -9.15
N GLU B 176 -21.73 -28.19 -10.36
CA GLU B 176 -20.59 -28.89 -10.94
C GLU B 176 -19.35 -28.44 -10.12
N PRO B 177 -18.24 -29.20 -10.04
CA PRO B 177 -17.90 -30.37 -10.82
C PRO B 177 -17.83 -31.67 -10.03
N VAL B 178 -17.59 -32.77 -10.73
CA VAL B 178 -17.21 -34.05 -10.12
C VAL B 178 -15.94 -34.57 -10.73
N THR B 179 -14.98 -34.87 -9.85
CA THR B 179 -13.76 -35.49 -10.29
C THR B 179 -14.02 -36.98 -10.18
N LEU B 180 -14.01 -37.66 -11.34
CA LEU B 180 -14.22 -39.10 -11.40
C LEU B 180 -12.94 -39.76 -11.87
N THR B 181 -12.33 -40.57 -11.01
CA THR B 181 -11.16 -41.39 -11.36
C THR B 181 -11.57 -42.87 -11.27
N TRP B 182 -10.71 -43.78 -11.78
CA TRP B 182 -10.96 -45.22 -11.68
C TRP B 182 -9.81 -45.86 -10.88
N ASN B 183 -10.16 -46.62 -9.84
CA ASN B 183 -9.23 -47.29 -8.93
C ASN B 183 -8.15 -46.33 -8.41
N SER B 184 -8.61 -45.22 -7.80
CA SER B 184 -7.81 -44.12 -7.24
C SER B 184 -6.89 -43.50 -8.29
N GLY B 185 -7.27 -43.62 -9.56
CA GLY B 185 -6.52 -43.07 -10.69
C GLY B 185 -5.58 -44.04 -11.37
N SER B 186 -5.10 -45.05 -10.65
CA SER B 186 -4.20 -46.08 -11.14
C SER B 186 -4.73 -46.65 -12.47
N LEU B 187 -5.99 -47.10 -12.47
CA LEU B 187 -6.62 -47.68 -13.64
C LEU B 187 -7.30 -46.67 -14.61
N SER B 188 -6.60 -45.58 -14.97
CA SER B 188 -7.13 -44.62 -15.95
C SER B 188 -6.28 -44.53 -17.20
N SER B 189 -6.66 -45.33 -18.22
CA SER B 189 -6.02 -45.48 -19.52
C SER B 189 -7.06 -45.23 -20.64
N GLY B 190 -7.83 -46.27 -20.98
CA GLY B 190 -8.89 -46.24 -21.98
C GLY B 190 -10.23 -45.94 -21.36
N VAL B 191 -10.28 -44.80 -20.64
CA VAL B 191 -11.42 -44.24 -19.93
C VAL B 191 -12.08 -43.16 -20.80
N HIS B 192 -13.40 -42.97 -20.64
CA HIS B 192 -14.22 -41.98 -21.35
C HIS B 192 -15.25 -41.35 -20.40
N THR B 193 -14.86 -40.25 -19.71
CA THR B 193 -15.77 -39.51 -18.84
C THR B 193 -16.51 -38.49 -19.70
N PHE B 194 -17.82 -38.36 -19.50
CA PHE B 194 -18.67 -37.48 -20.32
C PHE B 194 -19.06 -36.20 -19.61
N PRO B 195 -19.28 -35.10 -20.37
CA PRO B 195 -19.76 -33.83 -19.73
C PRO B 195 -21.03 -34.03 -18.91
N ALA B 196 -21.19 -33.22 -17.86
CA ALA B 196 -22.41 -33.29 -17.07
C ALA B 196 -23.58 -32.59 -17.80
N VAL B 197 -24.83 -33.03 -17.52
CA VAL B 197 -26.04 -32.48 -18.15
C VAL B 197 -27.04 -32.05 -17.08
N LEU B 198 -27.63 -30.85 -17.22
CA LEU B 198 -28.65 -30.32 -16.30
C LEU B 198 -30.00 -30.87 -16.73
N GLN B 199 -30.51 -31.90 -16.01
CA GLN B 199 -31.75 -32.59 -16.33
C GLN B 199 -32.95 -32.01 -15.66
N SER B 200 -32.71 -31.33 -14.54
CA SER B 200 -33.73 -30.67 -13.76
C SER B 200 -33.04 -29.56 -13.14
N ASP B 201 -32.42 -29.84 -12.01
CA ASP B 201 -31.74 -28.86 -11.17
C ASP B 201 -30.59 -29.61 -10.51
N LEU B 202 -30.36 -30.82 -11.06
CA LEU B 202 -29.39 -31.80 -10.65
C LEU B 202 -28.57 -32.22 -11.87
N TYR B 203 -27.26 -32.42 -11.72
CA TYR B 203 -26.40 -32.77 -12.84
C TYR B 203 -26.19 -34.25 -13.01
N THR B 204 -26.03 -34.71 -14.27
CA THR B 204 -25.63 -36.10 -14.55
C THR B 204 -24.50 -36.28 -15.56
N LEU B 205 -23.52 -37.10 -15.14
CA LEU B 205 -22.37 -37.51 -15.95
C LEU B 205 -22.13 -38.99 -15.79
N SER B 206 -21.78 -39.63 -16.90
CA SER B 206 -21.43 -41.03 -16.97
C SER B 206 -20.00 -41.15 -17.46
N SER B 207 -19.36 -42.27 -17.13
CA SER B 207 -17.98 -42.56 -17.51
C SER B 207 -17.86 -44.02 -17.88
N SER B 208 -17.05 -44.34 -18.93
CA SER B 208 -16.81 -45.71 -19.41
C SER B 208 -15.33 -46.09 -19.45
N VAL B 209 -14.96 -47.19 -18.78
CA VAL B 209 -13.61 -47.73 -18.79
C VAL B 209 -13.60 -48.98 -19.64
N THR B 210 -12.66 -49.08 -20.60
CA THR B 210 -12.56 -50.29 -21.42
C THR B 210 -11.38 -51.17 -20.98
N VAL B 211 -11.60 -52.48 -20.90
CA VAL B 211 -10.60 -53.48 -20.50
C VAL B 211 -10.71 -54.73 -21.41
N THR B 212 -9.79 -55.69 -21.24
CA THR B 212 -9.82 -56.94 -22.00
C THR B 212 -10.61 -57.95 -21.20
N SER B 213 -11.45 -58.76 -21.87
CA SER B 213 -12.32 -59.74 -21.23
C SER B 213 -11.70 -60.40 -19.99
N SER B 214 -10.37 -60.72 -20.06
CA SER B 214 -9.56 -61.38 -19.03
C SER B 214 -9.11 -60.48 -17.87
N THR B 215 -9.14 -59.14 -18.01
CA THR B 215 -8.71 -58.25 -16.93
C THR B 215 -9.78 -58.16 -15.88
N TRP B 216 -10.94 -57.61 -16.28
CA TRP B 216 -12.09 -57.29 -15.42
C TRP B 216 -12.48 -58.24 -14.27
N PRO B 217 -13.20 -59.36 -14.41
CA PRO B 217 -13.65 -60.02 -13.19
C PRO B 217 -12.61 -60.26 -12.11
N SER B 218 -11.42 -60.76 -12.50
CA SER B 218 -10.22 -61.07 -11.71
C SER B 218 -9.63 -59.88 -10.95
N GLN B 219 -9.21 -58.81 -11.70
CA GLN B 219 -8.63 -57.60 -11.11
C GLN B 219 -9.77 -56.63 -10.90
N SER B 220 -10.15 -56.44 -9.63
CA SER B 220 -11.29 -55.63 -9.21
C SER B 220 -11.20 -54.13 -9.57
N ILE B 221 -12.10 -53.69 -10.45
CA ILE B 221 -12.07 -52.30 -10.87
C ILE B 221 -13.23 -51.46 -10.35
N THR B 222 -12.92 -50.56 -9.39
CA THR B 222 -13.85 -49.61 -8.76
C THR B 222 -13.73 -48.20 -9.29
N CYS B 223 -14.85 -47.50 -9.28
CA CYS B 223 -15.11 -46.14 -9.74
C CYS B 223 -15.01 -45.17 -8.53
N ASN B 224 -14.23 -44.08 -8.66
CA ASN B 224 -14.04 -43.09 -7.59
C ASN B 224 -14.69 -41.78 -7.93
N VAL B 225 -15.66 -41.34 -7.13
CA VAL B 225 -16.40 -40.09 -7.37
C VAL B 225 -16.31 -39.10 -6.21
N ALA B 226 -15.88 -37.85 -6.49
CA ALA B 226 -15.77 -36.88 -5.42
C ALA B 226 -16.46 -35.61 -5.74
N HIS B 227 -17.44 -35.30 -4.90
CA HIS B 227 -18.23 -34.08 -5.03
C HIS B 227 -17.81 -33.23 -3.85
N PRO B 228 -17.07 -32.15 -4.16
CA PRO B 228 -16.49 -31.33 -3.09
C PRO B 228 -17.51 -30.51 -2.32
N ALA B 229 -18.46 -29.81 -3.02
CA ALA B 229 -19.48 -29.01 -2.32
C ALA B 229 -20.18 -29.84 -1.20
N SER B 230 -20.44 -31.15 -1.43
CA SER B 230 -21.05 -32.00 -0.43
C SER B 230 -20.02 -32.64 0.46
N SER B 231 -18.72 -32.47 0.14
CA SER B 231 -17.59 -33.10 0.84
C SER B 231 -17.72 -34.63 0.79
N THR B 232 -18.05 -35.17 -0.40
CA THR B 232 -18.17 -36.60 -0.67
C THR B 232 -16.91 -37.14 -1.38
N LYS B 233 -16.61 -38.41 -1.11
CA LYS B 233 -15.52 -39.21 -1.66
C LYS B 233 -16.08 -40.65 -1.68
N VAL B 234 -16.72 -41.00 -2.82
CA VAL B 234 -17.42 -42.26 -3.03
C VAL B 234 -16.66 -43.25 -3.90
N ASP B 235 -16.37 -44.43 -3.31
CA ASP B 235 -15.71 -45.55 -3.96
C ASP B 235 -16.80 -46.61 -4.17
N LYS B 236 -17.38 -46.67 -5.39
CA LYS B 236 -18.41 -47.66 -5.69
C LYS B 236 -17.88 -48.80 -6.54
N LYS B 237 -17.71 -49.96 -5.87
CA LYS B 237 -17.20 -51.21 -6.43
C LYS B 237 -18.10 -51.72 -7.56
N ILE B 238 -17.48 -51.97 -8.73
CA ILE B 238 -18.17 -52.63 -9.85
C ILE B 238 -17.98 -54.12 -9.57
N GLU B 239 -19.08 -54.87 -9.64
CA GLU B 239 -19.11 -56.33 -9.43
C GLU B 239 -20.24 -56.94 -10.31
N PRO B 240 -20.23 -58.25 -10.67
CA PRO B 240 -21.32 -58.77 -11.52
C PRO B 240 -22.57 -59.16 -10.74
N ASP C 21 -22.19 -0.09 -30.86
CA ASP C 21 -21.66 -1.36 -30.33
C ASP C 21 -21.08 -2.19 -31.48
N ILE C 22 -19.78 -2.51 -31.46
CA ILE C 22 -19.23 -3.28 -32.60
C ILE C 22 -19.57 -4.75 -32.50
N VAL C 23 -19.80 -5.43 -33.65
CA VAL C 23 -20.11 -6.87 -33.75
C VAL C 23 -19.09 -7.57 -34.67
N LEU C 24 -18.46 -8.66 -34.19
CA LEU C 24 -17.43 -9.39 -34.93
C LEU C 24 -17.95 -10.75 -35.37
N THR C 25 -18.17 -10.91 -36.70
CA THR C 25 -18.70 -12.16 -37.29
C THR C 25 -17.66 -13.15 -37.85
N GLN C 26 -17.42 -14.26 -37.10
CA GLN C 26 -16.47 -15.35 -37.43
C GLN C 26 -17.06 -16.44 -38.33
N SER C 27 -16.41 -16.65 -39.49
CA SER C 27 -16.83 -17.62 -40.49
C SER C 27 -15.73 -18.64 -40.88
N PRO C 28 -15.91 -19.95 -40.61
CA PRO C 28 -17.07 -20.61 -40.02
C PRO C 28 -17.10 -20.67 -38.49
N ALA C 29 -18.11 -21.39 -37.93
CA ALA C 29 -18.30 -21.57 -36.49
C ALA C 29 -17.51 -22.76 -35.98
N SER C 30 -17.36 -23.79 -36.85
CA SER C 30 -16.62 -25.06 -36.68
C SER C 30 -15.86 -25.32 -37.99
N LEU C 31 -14.78 -26.12 -37.94
CA LEU C 31 -14.04 -26.37 -39.16
C LEU C 31 -13.36 -27.72 -39.18
N ALA C 32 -13.68 -28.53 -40.20
CA ALA C 32 -13.10 -29.85 -40.44
C ALA C 32 -11.85 -29.70 -41.34
N VAL C 33 -10.65 -30.12 -40.87
CA VAL C 33 -9.37 -29.95 -41.61
C VAL C 33 -8.50 -31.20 -41.58
N SER C 34 -8.16 -31.76 -42.75
CA SER C 34 -7.27 -32.93 -42.83
C SER C 34 -5.83 -32.50 -42.45
N LEU C 35 -5.08 -33.37 -41.70
CA LEU C 35 -3.71 -33.10 -41.22
C LEU C 35 -2.69 -32.69 -42.27
N GLY C 36 -2.14 -31.49 -42.09
CA GLY C 36 -1.15 -30.90 -42.99
C GLY C 36 -1.71 -29.87 -43.97
N GLN C 37 -3.04 -29.85 -44.15
CA GLN C 37 -3.70 -28.94 -45.08
C GLN C 37 -3.86 -27.51 -44.51
N ARG C 38 -4.61 -26.65 -45.22
CA ARG C 38 -4.85 -25.24 -44.86
C ARG C 38 -6.17 -25.03 -44.10
N ALA C 39 -6.13 -24.18 -43.06
CA ALA C 39 -7.28 -23.79 -42.23
C ALA C 39 -7.47 -22.26 -42.35
N THR C 40 -8.72 -21.79 -42.61
CA THR C 40 -9.00 -20.36 -42.77
C THR C 40 -10.25 -19.89 -42.01
N ILE C 41 -10.04 -18.96 -41.07
CA ILE C 41 -11.01 -18.35 -40.17
C ILE C 41 -11.09 -16.85 -40.45
N SER C 42 -12.29 -16.35 -40.78
CA SER C 42 -12.53 -14.97 -41.14
C SER C 42 -13.50 -14.22 -40.24
N CYS C 43 -13.01 -13.16 -39.62
CA CYS C 43 -13.72 -12.26 -38.71
C CYS C 43 -14.16 -11.00 -39.48
N ARG C 44 -15.46 -10.62 -39.40
CA ARG C 44 -15.97 -9.42 -40.07
C ARG C 44 -16.59 -8.48 -39.06
N ALA C 45 -16.06 -7.23 -38.99
CA ALA C 45 -16.52 -6.23 -38.05
C ALA C 45 -17.49 -5.21 -38.66
N SER C 46 -18.43 -4.74 -37.83
CA SER C 46 -19.41 -3.74 -38.20
C SER C 46 -18.65 -2.47 -38.55
N GLN C 47 -17.96 -1.85 -37.56
CA GLN C 47 -17.17 -0.62 -37.77
C GLN C 47 -15.72 -0.92 -38.09
N SER C 48 -15.04 0.07 -38.70
CA SER C 48 -13.64 -0.05 -39.04
C SER C 48 -12.84 0.08 -37.75
N VAL C 49 -12.05 -0.96 -37.43
CA VAL C 49 -11.18 -0.94 -36.23
C VAL C 49 -9.75 -0.39 -36.52
N SER C 50 -9.56 0.08 -37.75
CA SER C 50 -8.27 0.55 -38.17
C SER C 50 -8.15 2.06 -38.30
N THR C 51 -6.88 2.53 -38.42
CA THR C 51 -6.34 3.89 -38.61
C THR C 51 -5.11 3.69 -39.49
N SER C 52 -4.90 4.58 -40.44
CA SER C 52 -3.76 4.57 -41.35
C SER C 52 -2.41 4.27 -40.61
N SER C 53 -2.47 4.19 -39.27
CA SER C 53 -1.32 3.94 -38.40
C SER C 53 -1.44 2.68 -37.52
N TYR C 54 -2.66 2.35 -37.05
CA TYR C 54 -2.90 1.15 -36.20
C TYR C 54 -4.14 0.32 -36.54
N THR C 55 -4.16 -0.90 -36.01
CA THR C 55 -5.27 -1.82 -36.20
C THR C 55 -5.61 -2.61 -34.88
N TYR C 56 -6.51 -2.04 -34.03
CA TYR C 56 -6.97 -2.56 -32.74
C TYR C 56 -7.84 -3.87 -32.80
N PHE C 57 -7.24 -4.93 -33.29
CA PHE C 57 -7.87 -6.24 -33.45
C PHE C 57 -6.89 -7.27 -32.93
N HIS C 58 -7.38 -8.45 -32.49
CA HIS C 58 -6.49 -9.49 -31.93
C HIS C 58 -7.11 -10.93 -32.03
N TRP C 59 -6.26 -11.97 -32.28
CA TRP C 59 -6.69 -13.38 -32.27
C TRP C 59 -6.12 -14.14 -31.08
N TYR C 60 -6.93 -15.02 -30.46
CA TYR C 60 -6.51 -15.86 -29.35
C TYR C 60 -6.69 -17.34 -29.75
N GLN C 61 -6.28 -18.26 -28.88
CA GLN C 61 -6.46 -19.68 -29.11
C GLN C 61 -7.00 -20.20 -27.82
N GLN C 62 -7.98 -21.09 -27.88
CA GLN C 62 -8.51 -21.67 -26.66
C GLN C 62 -8.57 -23.19 -26.68
N LYS C 63 -7.45 -23.81 -26.21
CA LYS C 63 -7.33 -25.26 -26.08
C LYS C 63 -8.32 -25.74 -25.00
N PRO C 64 -8.90 -26.95 -25.16
CA PRO C 64 -9.95 -27.40 -24.22
C PRO C 64 -9.58 -27.33 -22.75
N GLY C 65 -10.49 -26.76 -21.95
CA GLY C 65 -10.34 -26.56 -20.51
C GLY C 65 -9.12 -25.74 -20.13
N GLN C 66 -8.99 -24.57 -20.74
CA GLN C 66 -7.86 -23.64 -20.52
C GLN C 66 -8.33 -22.23 -20.81
N PRO C 67 -7.69 -21.16 -20.29
CA PRO C 67 -8.17 -19.80 -20.65
C PRO C 67 -7.74 -19.47 -22.09
N PRO C 68 -8.33 -18.46 -22.80
CA PRO C 68 -7.82 -18.14 -24.13
C PRO C 68 -6.37 -17.67 -23.98
N LYS C 69 -5.50 -18.10 -24.91
CA LYS C 69 -4.06 -17.76 -24.91
C LYS C 69 -3.83 -16.79 -26.07
N LEU C 70 -3.07 -15.71 -25.85
CA LEU C 70 -2.89 -14.75 -26.93
C LEU C 70 -2.08 -15.26 -28.12
N LEU C 71 -2.75 -15.43 -29.28
CA LEU C 71 -2.16 -15.90 -30.53
C LEU C 71 -1.56 -14.73 -31.33
N ILE C 72 -2.43 -13.82 -31.88
CA ILE C 72 -2.04 -12.64 -32.72
C ILE C 72 -2.28 -11.30 -31.96
N ARG C 73 -1.25 -10.39 -31.90
CA ARG C 73 -1.29 -9.10 -31.20
C ARG C 73 -2.14 -8.05 -31.82
N TYR C 74 -1.88 -7.67 -33.08
CA TYR C 74 -2.69 -6.62 -33.70
C TYR C 74 -3.37 -7.11 -34.99
N ALA C 75 -2.67 -7.09 -36.11
CA ALA C 75 -3.24 -7.62 -37.34
C ALA C 75 -2.59 -8.98 -37.54
N SER C 76 -1.24 -8.98 -37.51
CA SER C 76 -0.35 -10.14 -37.67
C SER C 76 0.73 -10.21 -36.59
N ASN C 77 0.65 -9.35 -35.56
CA ASN C 77 1.71 -9.31 -34.58
C ASN C 77 1.86 -10.52 -33.69
N LEU C 78 2.29 -11.65 -34.31
CA LEU C 78 2.49 -12.99 -33.73
C LEU C 78 3.14 -12.97 -32.34
N GLU C 79 2.82 -13.97 -31.52
CA GLU C 79 3.30 -14.05 -30.14
C GLU C 79 4.55 -14.84 -29.92
N SER C 80 5.39 -14.39 -28.96
CA SER C 80 6.64 -15.04 -28.54
C SER C 80 6.25 -16.42 -27.99
N GLY C 81 6.22 -17.40 -28.89
CA GLY C 81 5.86 -18.78 -28.60
C GLY C 81 4.81 -19.34 -29.54
N VAL C 82 4.55 -18.63 -30.66
CA VAL C 82 3.56 -19.05 -31.66
C VAL C 82 4.33 -19.53 -32.91
N PRO C 83 4.01 -20.75 -33.43
CA PRO C 83 4.74 -21.29 -34.60
C PRO C 83 4.69 -20.51 -35.91
N ALA C 84 5.53 -20.94 -36.89
CA ALA C 84 5.65 -20.34 -38.23
C ALA C 84 4.41 -20.55 -39.10
N ARG C 85 3.59 -21.58 -38.75
CA ARG C 85 2.37 -21.96 -39.46
C ARG C 85 1.26 -20.93 -39.32
N PHE C 86 1.12 -20.31 -38.14
CA PHE C 86 0.09 -19.30 -37.87
C PHE C 86 0.44 -17.95 -38.52
N SER C 87 -0.57 -17.26 -39.10
CA SER C 87 -0.45 -15.96 -39.75
C SER C 87 -1.78 -15.23 -39.92
N GLY C 88 -2.05 -14.30 -39.01
CA GLY C 88 -3.23 -13.45 -39.03
C GLY C 88 -3.00 -12.31 -39.99
N SER C 89 -4.06 -11.78 -40.62
CA SER C 89 -3.97 -10.69 -41.61
C SER C 89 -5.24 -9.85 -41.69
N GLY C 90 -5.17 -8.77 -42.46
CA GLY C 90 -6.27 -7.86 -42.66
C GLY C 90 -6.11 -6.46 -42.11
N SER C 91 -7.11 -5.62 -42.41
CA SER C 91 -7.25 -4.23 -42.01
C SER C 91 -8.69 -3.76 -42.19
N GLY C 92 -9.10 -2.78 -41.40
CA GLY C 92 -10.42 -2.17 -41.49
C GLY C 92 -11.55 -2.93 -40.84
N THR C 93 -12.30 -3.68 -41.66
CA THR C 93 -13.47 -4.48 -41.26
C THR C 93 -13.31 -5.99 -41.49
N ASP C 94 -12.47 -6.38 -42.48
CA ASP C 94 -12.25 -7.78 -42.84
C ASP C 94 -10.87 -8.34 -42.53
N PHE C 95 -10.85 -9.41 -41.69
CA PHE C 95 -9.62 -10.09 -41.23
C PHE C 95 -9.63 -11.59 -41.55
N THR C 96 -8.45 -12.23 -41.53
CA THR C 96 -8.27 -13.66 -41.85
C THR C 96 -7.11 -14.32 -41.07
N LEU C 97 -7.44 -15.33 -40.25
CA LEU C 97 -6.45 -16.13 -39.50
C LEU C 97 -6.17 -17.37 -40.31
N ASN C 98 -4.91 -17.53 -40.74
CA ASN C 98 -4.50 -18.64 -41.58
C ASN C 98 -3.55 -19.62 -40.89
N ILE C 99 -3.91 -20.92 -40.92
CA ILE C 99 -3.10 -21.99 -40.34
C ILE C 99 -2.78 -23.01 -41.44
N HIS C 100 -1.48 -23.17 -41.75
CA HIS C 100 -0.93 -24.12 -42.73
C HIS C 100 0.56 -24.43 -42.46
N PRO C 101 0.97 -25.71 -42.23
CA PRO C 101 0.17 -26.93 -42.16
C PRO C 101 -0.46 -27.11 -40.79
N VAL C 102 -1.66 -27.70 -40.75
CA VAL C 102 -2.34 -27.93 -39.47
C VAL C 102 -1.81 -29.23 -38.83
N GLU C 103 -1.58 -29.22 -37.51
CA GLU C 103 -1.10 -30.36 -36.74
C GLU C 103 -2.10 -30.72 -35.60
N GLU C 104 -1.79 -31.74 -34.78
CA GLU C 104 -2.71 -32.15 -33.70
C GLU C 104 -2.79 -31.11 -32.56
N GLU C 105 -1.66 -30.40 -32.31
CA GLU C 105 -1.55 -29.36 -31.27
C GLU C 105 -2.36 -28.09 -31.59
N ASP C 106 -3.26 -28.16 -32.60
CA ASP C 106 -4.04 -27.03 -33.06
C ASP C 106 -5.52 -27.04 -32.69
N THR C 107 -6.08 -28.22 -32.36
CA THR C 107 -7.51 -28.35 -31.99
C THR C 107 -7.85 -27.47 -30.78
N ALA C 108 -8.61 -26.38 -31.04
CA ALA C 108 -9.00 -25.36 -30.06
C ALA C 108 -10.13 -24.46 -30.59
N THR C 109 -10.79 -23.68 -29.69
CA THR C 109 -11.82 -22.71 -30.12
C THR C 109 -11.11 -21.38 -30.38
N TYR C 110 -11.24 -20.81 -31.58
CA TYR C 110 -10.59 -19.55 -31.96
C TYR C 110 -11.54 -18.35 -31.92
N TYR C 111 -11.11 -17.28 -31.20
CA TYR C 111 -11.88 -16.06 -30.98
C TYR C 111 -11.16 -14.78 -31.41
N CYS C 112 -11.79 -13.99 -32.28
CA CYS C 112 -11.23 -12.71 -32.67
C CYS C 112 -11.77 -11.66 -31.70
N GLN C 113 -10.95 -10.62 -31.36
CA GLN C 113 -11.35 -9.55 -30.44
C GLN C 113 -11.00 -8.16 -30.94
N HIS C 114 -11.69 -7.14 -30.44
CA HIS C 114 -11.41 -5.75 -30.78
C HIS C 114 -11.19 -4.92 -29.53
N SER C 115 -10.28 -3.94 -29.63
CA SER C 115 -9.94 -3.03 -28.56
C SER C 115 -10.22 -1.59 -28.97
N TRP C 116 -10.88 -1.40 -30.13
CA TRP C 116 -11.20 -0.10 -30.75
C TRP C 116 -12.11 0.92 -29.99
N GLU C 117 -13.37 0.53 -29.70
CA GLU C 117 -14.39 1.37 -29.02
C GLU C 117 -14.53 0.99 -27.53
N ILE C 118 -15.48 1.65 -26.81
CA ILE C 118 -15.74 1.33 -25.40
C ILE C 118 -16.31 -0.07 -25.33
N PRO C 119 -17.38 -0.50 -26.07
CA PRO C 119 -17.80 -1.94 -25.89
C PRO C 119 -16.81 -2.91 -26.54
N TYR C 120 -15.87 -3.47 -25.71
CA TYR C 120 -14.86 -4.42 -26.18
C TYR C 120 -15.60 -5.73 -26.51
N THR C 121 -15.78 -6.02 -27.80
CA THR C 121 -16.54 -7.20 -28.24
C THR C 121 -15.65 -8.34 -28.71
N PHE C 122 -16.07 -9.59 -28.41
CA PHE C 122 -15.39 -10.79 -28.88
C PHE C 122 -16.18 -11.42 -30.05
N GLY C 123 -15.54 -12.36 -30.72
CA GLY C 123 -16.14 -13.09 -31.81
C GLY C 123 -17.00 -14.24 -31.31
N GLY C 124 -17.68 -14.86 -32.25
CA GLY C 124 -18.55 -15.98 -31.95
C GLY C 124 -17.79 -17.19 -31.48
N GLY C 125 -16.86 -17.64 -32.30
CA GLY C 125 -16.03 -18.79 -32.02
C GLY C 125 -15.83 -19.62 -33.26
N THR C 126 -14.73 -20.37 -33.32
CA THR C 126 -14.40 -21.23 -34.43
C THR C 126 -13.68 -22.41 -33.84
N LYS C 127 -14.37 -23.57 -33.72
CA LYS C 127 -13.75 -24.76 -33.18
C LYS C 127 -13.03 -25.44 -34.34
N LEU C 128 -11.69 -25.59 -34.24
CA LEU C 128 -10.94 -26.27 -35.27
C LEU C 128 -11.21 -27.73 -35.03
N GLU C 129 -11.12 -28.55 -36.08
CA GLU C 129 -11.36 -30.00 -36.00
C GLU C 129 -10.48 -30.75 -36.99
N ILE C 130 -9.74 -31.75 -36.51
CA ILE C 130 -8.87 -32.59 -37.35
C ILE C 130 -9.72 -33.65 -38.06
N LYS C 131 -9.67 -33.67 -39.39
CA LYS C 131 -10.38 -34.62 -40.23
C LYS C 131 -9.53 -35.87 -40.35
N ARG C 132 -10.04 -36.99 -39.78
CA ARG C 132 -9.39 -38.30 -39.80
C ARG C 132 -10.31 -39.31 -40.50
N ALA C 133 -9.76 -40.48 -40.85
CA ALA C 133 -10.52 -41.54 -41.51
C ALA C 133 -11.73 -41.87 -40.65
N ASP C 134 -12.86 -42.23 -41.28
CA ASP C 134 -14.10 -42.56 -40.58
C ASP C 134 -13.92 -43.82 -39.74
N ALA C 135 -14.45 -43.82 -38.50
CA ALA C 135 -14.37 -44.95 -37.55
C ALA C 135 -15.74 -45.25 -36.93
N ALA C 136 -16.07 -46.56 -36.71
CA ALA C 136 -17.33 -47.08 -36.16
C ALA C 136 -17.38 -47.05 -34.62
N PRO C 137 -18.54 -46.82 -33.99
CA PRO C 137 -18.57 -46.76 -32.52
C PRO C 137 -18.43 -48.11 -31.84
N THR C 138 -18.10 -48.09 -30.54
CA THR C 138 -18.04 -49.31 -29.72
C THR C 138 -19.21 -49.30 -28.73
N VAL C 139 -20.41 -49.67 -29.25
CA VAL C 139 -21.71 -49.69 -28.58
C VAL C 139 -21.78 -50.74 -27.45
N SER C 140 -22.26 -50.28 -26.29
CA SER C 140 -22.44 -51.08 -25.07
C SER C 140 -23.75 -50.65 -24.35
N ILE C 141 -24.53 -51.66 -23.82
CA ILE C 141 -25.81 -51.48 -23.11
C ILE C 141 -25.72 -51.88 -21.64
N PHE C 142 -26.28 -51.05 -20.73
CA PHE C 142 -26.22 -51.31 -19.29
C PHE C 142 -27.55 -51.22 -18.55
N PRO C 143 -27.97 -52.36 -17.94
CA PRO C 143 -29.20 -52.36 -17.13
C PRO C 143 -29.09 -51.49 -15.86
N PRO C 144 -30.20 -50.99 -15.27
CA PRO C 144 -30.10 -50.15 -14.06
C PRO C 144 -29.45 -50.88 -12.90
N SER C 145 -28.58 -50.22 -12.12
CA SER C 145 -27.94 -50.86 -10.98
C SER C 145 -28.98 -51.29 -9.89
N SER C 146 -28.61 -52.25 -9.03
CA SER C 146 -29.46 -52.75 -7.96
C SER C 146 -29.79 -51.66 -6.90
N GLU C 147 -28.82 -50.78 -6.62
CA GLU C 147 -28.99 -49.69 -5.66
C GLU C 147 -29.87 -48.61 -6.23
N GLN C 148 -29.83 -48.44 -7.58
CA GLN C 148 -30.62 -47.45 -8.31
C GLN C 148 -32.09 -47.77 -8.22
N LEU C 149 -32.43 -49.03 -8.48
CA LEU C 149 -33.80 -49.52 -8.44
C LEU C 149 -34.35 -49.54 -7.02
N THR C 150 -33.50 -49.78 -6.01
CA THR C 150 -33.94 -49.77 -4.61
C THR C 150 -34.29 -48.36 -4.10
N SER C 151 -33.89 -47.31 -4.86
CA SER C 151 -34.19 -45.90 -4.61
C SER C 151 -35.39 -45.50 -5.47
N GLY C 152 -35.75 -46.37 -6.42
CA GLY C 152 -36.88 -46.25 -7.33
C GLY C 152 -36.62 -45.66 -8.72
N GLY C 153 -35.39 -45.76 -9.19
CA GLY C 153 -35.02 -45.24 -10.49
C GLY C 153 -34.51 -46.29 -11.43
N ALA C 154 -34.58 -46.02 -12.72
CA ALA C 154 -34.12 -46.99 -13.70
C ALA C 154 -33.44 -46.34 -14.89
N SER C 155 -32.11 -46.15 -14.80
CA SER C 155 -31.38 -45.59 -15.92
C SER C 155 -30.74 -46.69 -16.75
N VAL C 156 -31.16 -46.76 -18.01
CA VAL C 156 -30.63 -47.70 -18.98
C VAL C 156 -29.61 -46.88 -19.78
N VAL C 157 -28.32 -47.26 -19.70
CA VAL C 157 -27.21 -46.54 -20.35
C VAL C 157 -26.76 -47.23 -21.63
N CYS C 158 -26.49 -46.44 -22.69
CA CYS C 158 -26.01 -46.97 -23.96
C CYS C 158 -24.82 -46.12 -24.51
N PHE C 159 -23.59 -46.38 -24.00
CA PHE C 159 -22.36 -45.71 -24.42
C PHE C 159 -22.01 -46.07 -25.85
N LEU C 160 -21.33 -45.14 -26.55
CA LEU C 160 -20.72 -45.26 -27.89
C LEU C 160 -19.34 -44.66 -27.71
N ASN C 161 -18.28 -45.44 -28.05
CA ASN C 161 -16.93 -45.06 -27.67
C ASN C 161 -15.92 -44.43 -28.63
N ASN C 162 -15.66 -44.97 -29.84
CA ASN C 162 -14.68 -44.26 -30.69
C ASN C 162 -15.20 -44.03 -32.12
N PHE C 163 -15.76 -42.85 -32.41
CA PHE C 163 -16.30 -42.57 -33.74
C PHE C 163 -15.82 -41.31 -34.52
N TYR C 164 -16.10 -41.26 -35.84
CA TYR C 164 -15.82 -40.16 -36.75
C TYR C 164 -16.71 -40.24 -38.00
N PRO C 165 -17.50 -39.19 -38.40
CA PRO C 165 -17.64 -37.84 -37.81
C PRO C 165 -18.37 -37.76 -36.45
N LYS C 166 -18.72 -36.54 -35.98
CA LYS C 166 -19.48 -36.36 -34.74
C LYS C 166 -20.95 -36.71 -35.00
N ASP C 167 -21.37 -36.74 -36.28
CA ASP C 167 -22.73 -37.08 -36.58
C ASP C 167 -23.05 -38.57 -36.38
N ILE C 168 -24.03 -38.83 -35.51
CA ILE C 168 -24.56 -40.14 -35.18
C ILE C 168 -26.02 -40.00 -34.82
N ASN C 169 -26.79 -41.07 -35.03
CA ASN C 169 -28.19 -41.10 -34.69
C ASN C 169 -28.44 -42.31 -33.81
N VAL C 170 -29.06 -42.08 -32.65
CA VAL C 170 -29.35 -43.13 -31.69
C VAL C 170 -30.83 -43.29 -31.46
N LYS C 171 -31.34 -44.47 -31.73
CA LYS C 171 -32.76 -44.75 -31.48
C LYS C 171 -32.85 -45.67 -30.29
N TRP C 172 -33.75 -45.37 -29.34
CA TRP C 172 -34.01 -46.25 -28.22
C TRP C 172 -35.28 -46.93 -28.58
N LYS C 173 -35.38 -48.21 -28.25
CA LYS C 173 -36.54 -49.04 -28.52
C LYS C 173 -36.82 -49.89 -27.30
N ILE C 174 -38.03 -49.75 -26.72
CA ILE C 174 -38.44 -50.61 -25.60
C ILE C 174 -39.45 -51.57 -26.14
N ASP C 175 -39.15 -52.88 -26.03
CA ASP C 175 -39.99 -54.02 -26.49
C ASP C 175 -40.39 -53.83 -27.98
N GLY C 176 -39.43 -53.32 -28.78
CA GLY C 176 -39.61 -53.09 -30.21
C GLY C 176 -40.22 -51.76 -30.63
N SER C 177 -40.90 -51.05 -29.70
CA SER C 177 -41.47 -49.75 -30.03
C SER C 177 -40.51 -48.69 -29.57
N GLU C 178 -40.20 -47.71 -30.43
CA GLU C 178 -39.23 -46.65 -30.09
C GLU C 178 -39.64 -45.73 -28.94
N ARG C 179 -38.66 -45.29 -28.17
CA ARG C 179 -38.85 -44.35 -27.07
C ARG C 179 -37.90 -43.19 -27.36
N GLN C 180 -38.42 -42.00 -27.29
CA GLN C 180 -37.55 -40.88 -27.55
C GLN C 180 -37.55 -39.93 -26.36
N ASN C 181 -38.43 -40.22 -25.36
CA ASN C 181 -38.62 -39.34 -24.22
C ASN C 181 -37.50 -39.20 -23.18
N GLY C 182 -37.41 -40.09 -22.18
CA GLY C 182 -36.44 -40.01 -21.08
C GLY C 182 -34.95 -39.94 -21.38
N VAL C 183 -34.57 -39.64 -22.66
CA VAL C 183 -33.19 -39.64 -23.13
C VAL C 183 -32.34 -38.39 -22.78
N LEU C 184 -31.17 -38.69 -22.17
CA LEU C 184 -30.12 -37.74 -21.84
C LEU C 184 -28.85 -38.14 -22.53
N ASN C 185 -28.49 -37.31 -23.53
CA ASN C 185 -27.29 -37.43 -24.35
C ASN C 185 -26.20 -36.40 -23.96
N SER C 186 -24.94 -36.83 -24.06
CA SER C 186 -23.76 -36.08 -23.69
C SER C 186 -22.58 -36.59 -24.51
N TRP C 187 -21.94 -35.67 -25.24
CA TRP C 187 -20.85 -35.98 -26.15
C TRP C 187 -19.57 -35.38 -25.67
N THR C 188 -18.46 -36.08 -25.83
CA THR C 188 -17.13 -35.61 -25.49
C THR C 188 -16.61 -34.87 -26.71
N ASP C 189 -15.69 -33.92 -26.50
CA ASP C 189 -15.05 -33.21 -27.59
C ASP C 189 -13.88 -34.07 -27.98
N GLN C 190 -13.56 -34.16 -29.29
CA GLN C 190 -12.46 -34.93 -29.88
C GLN C 190 -11.34 -35.36 -28.90
N ASP C 191 -11.13 -36.70 -28.74
CA ASP C 191 -10.15 -37.31 -27.84
C ASP C 191 -8.71 -37.14 -28.40
N SER C 192 -8.05 -36.03 -28.03
CA SER C 192 -6.71 -35.55 -28.47
C SER C 192 -5.79 -36.56 -29.17
N LYS C 193 -5.64 -37.75 -28.59
CA LYS C 193 -4.79 -38.81 -29.12
C LYS C 193 -5.39 -39.40 -30.40
N ASP C 194 -6.38 -40.33 -30.27
CA ASP C 194 -7.04 -41.01 -31.37
C ASP C 194 -7.86 -40.12 -32.29
N SER C 195 -8.19 -38.90 -31.82
CA SER C 195 -8.93 -37.85 -32.53
C SER C 195 -10.35 -38.28 -32.97
N THR C 196 -10.93 -39.20 -32.14
CA THR C 196 -12.27 -39.85 -32.23
C THR C 196 -13.26 -39.20 -31.26
N TYR C 197 -14.56 -39.55 -31.40
CA TYR C 197 -15.66 -39.11 -30.53
C TYR C 197 -16.21 -40.29 -29.67
N SER C 198 -17.08 -39.96 -28.69
CA SER C 198 -17.73 -40.88 -27.75
C SER C 198 -18.95 -40.18 -27.19
N MET C 199 -20.11 -40.88 -27.03
CA MET C 199 -21.29 -40.25 -26.45
C MET C 199 -22.21 -41.15 -25.63
N SER C 200 -22.67 -40.67 -24.45
CA SER C 200 -23.59 -41.40 -23.57
C SER C 200 -25.01 -41.01 -23.90
N SER C 201 -25.91 -42.00 -23.96
CA SER C 201 -27.34 -41.90 -24.22
C SER C 201 -27.96 -42.60 -23.02
N THR C 202 -28.79 -41.89 -22.23
CA THR C 202 -29.40 -42.49 -21.03
C THR C 202 -30.90 -42.37 -21.05
N LEU C 203 -31.57 -43.52 -21.07
CA LEU C 203 -33.01 -43.53 -21.01
C LEU C 203 -33.33 -43.73 -19.54
N THR C 204 -33.99 -42.75 -18.93
CA THR C 204 -34.34 -42.87 -17.51
C THR C 204 -35.87 -42.99 -17.32
N LEU C 205 -36.26 -44.08 -16.62
CA LEU C 205 -37.60 -44.50 -16.25
C LEU C 205 -37.66 -44.66 -14.75
N THR C 206 -38.85 -44.95 -14.16
CA THR C 206 -38.94 -45.23 -12.71
C THR C 206 -38.61 -46.75 -12.47
N LYS C 207 -38.70 -47.24 -11.22
CA LYS C 207 -38.49 -48.67 -10.99
C LYS C 207 -39.69 -49.37 -11.59
N ASP C 208 -40.92 -48.83 -11.34
CA ASP C 208 -42.22 -49.37 -11.76
C ASP C 208 -42.38 -49.35 -13.26
N GLU C 209 -42.03 -48.24 -13.91
CA GLU C 209 -42.14 -48.17 -15.36
C GLU C 209 -41.18 -49.10 -16.08
N TYR C 210 -39.99 -49.31 -15.50
CA TYR C 210 -39.00 -50.23 -16.05
C TYR C 210 -39.53 -51.65 -15.94
N GLU C 211 -40.11 -52.00 -14.76
CA GLU C 211 -40.66 -53.33 -14.43
C GLU C 211 -42.00 -53.71 -15.12
N ARG C 212 -42.37 -52.94 -16.16
CA ARG C 212 -43.57 -53.12 -16.98
C ARG C 212 -43.24 -53.74 -18.32
N HIS C 213 -41.95 -53.58 -18.75
CA HIS C 213 -41.39 -54.00 -20.04
C HIS C 213 -40.29 -55.04 -19.93
N ASN C 214 -39.92 -55.63 -21.08
CA ASN C 214 -38.91 -56.67 -21.04
C ASN C 214 -37.65 -56.30 -21.78
N SER C 215 -37.77 -56.13 -23.11
CA SER C 215 -36.62 -55.84 -23.94
C SER C 215 -36.32 -54.40 -24.14
N TYR C 216 -35.11 -54.05 -23.77
CA TYR C 216 -34.58 -52.70 -23.86
C TYR C 216 -33.40 -52.75 -24.84
N THR C 217 -33.56 -52.04 -25.98
CA THR C 217 -32.57 -52.03 -27.08
C THR C 217 -32.20 -50.61 -27.48
N CYS C 218 -30.94 -50.38 -27.94
CA CYS C 218 -30.47 -49.07 -28.45
C CYS C 218 -29.79 -49.23 -29.80
N GLU C 219 -30.25 -48.47 -30.81
CA GLU C 219 -29.80 -48.53 -32.22
C GLU C 219 -28.94 -47.35 -32.73
N ALA C 220 -27.62 -47.61 -32.81
CA ALA C 220 -26.64 -46.63 -33.29
C ALA C 220 -26.52 -46.65 -34.80
N THR C 221 -27.15 -45.68 -35.44
CA THR C 221 -27.09 -45.52 -36.89
C THR C 221 -26.03 -44.44 -37.15
N HIS C 222 -24.98 -44.80 -37.93
CA HIS C 222 -23.85 -43.89 -38.26
C HIS C 222 -23.37 -44.16 -39.68
N LYS C 223 -22.79 -43.13 -40.34
CA LYS C 223 -22.25 -43.14 -41.70
C LYS C 223 -21.32 -44.32 -42.06
N THR C 224 -20.57 -44.88 -41.07
CA THR C 224 -19.67 -46.02 -41.31
C THR C 224 -20.43 -47.28 -41.73
N SER C 225 -21.68 -47.45 -41.23
CA SER C 225 -22.53 -48.60 -41.51
C SER C 225 -23.79 -48.27 -42.31
N THR C 226 -24.17 -49.21 -43.22
CA THR C 226 -25.38 -49.16 -44.03
C THR C 226 -26.58 -49.46 -43.11
N SER C 227 -26.41 -50.46 -42.20
CA SER C 227 -27.37 -50.96 -41.20
C SER C 227 -27.01 -50.54 -39.73
N PRO C 228 -27.98 -50.05 -38.92
CA PRO C 228 -27.66 -49.61 -37.54
C PRO C 228 -27.03 -50.64 -36.60
N ILE C 229 -26.09 -50.20 -35.73
CA ILE C 229 -25.41 -51.04 -34.72
C ILE C 229 -26.36 -51.23 -33.54
N VAL C 230 -26.62 -52.50 -33.14
CA VAL C 230 -27.60 -52.83 -32.07
C VAL C 230 -27.08 -53.63 -30.89
N LYS C 231 -27.28 -53.06 -29.69
CA LYS C 231 -26.98 -53.68 -28.40
C LYS C 231 -28.29 -53.67 -27.61
N SER C 232 -28.72 -54.86 -27.09
CA SER C 232 -30.02 -55.04 -26.43
C SER C 232 -29.97 -56.01 -25.27
N PHE C 233 -31.06 -56.04 -24.45
CA PHE C 233 -31.22 -56.96 -23.32
C PHE C 233 -32.68 -57.15 -22.89
N ASN C 234 -32.93 -58.18 -22.06
CA ASN C 234 -34.25 -58.51 -21.49
C ASN C 234 -34.08 -58.73 -20.00
N ARG C 235 -35.02 -58.23 -19.18
CA ARG C 235 -35.01 -58.42 -17.70
C ARG C 235 -35.81 -59.64 -17.20
N SER D 160 0.98 46.64 21.44
CA SER D 160 -0.09 47.50 20.93
C SER D 160 -0.51 47.13 19.49
N ILE D 161 -0.84 48.12 18.67
CA ILE D 161 -1.33 47.94 17.31
C ILE D 161 -0.31 48.50 16.27
N ASP D 162 -0.42 48.11 14.98
CA ASP D 162 0.49 48.52 13.91
C ASP D 162 -0.25 48.74 12.59
N ILE D 163 -0.24 49.99 12.10
CA ILE D 163 -0.92 50.49 10.88
C ILE D 163 0.01 50.35 9.64
N LEU D 164 -0.53 49.86 8.49
CA LEU D 164 0.30 49.63 7.29
C LEU D 164 -0.30 50.07 5.94
N GLN D 165 0.40 50.98 5.23
CA GLN D 165 0.04 51.49 3.90
C GLN D 165 1.02 50.91 2.82
N GLU D 166 0.93 49.59 2.57
CA GLU D 166 1.78 48.84 1.62
C GLU D 166 1.76 49.43 0.20
N LYS D 167 0.55 49.61 -0.34
CA LYS D 167 0.23 50.18 -1.64
C LYS D 167 -0.53 51.44 -1.33
N GLU D 168 -0.61 52.36 -2.29
CA GLU D 168 -1.44 53.55 -2.11
C GLU D 168 -2.87 53.05 -2.32
N GLY D 169 -3.80 53.60 -1.53
CA GLY D 169 -5.20 53.22 -1.58
C GLY D 169 -5.41 51.85 -0.97
N HIS D 170 -4.47 51.45 -0.08
CA HIS D 170 -4.44 50.18 0.65
C HIS D 170 -3.95 50.42 2.08
N LEU D 171 -4.83 50.19 3.06
CA LEU D 171 -4.51 50.32 4.47
C LEU D 171 -4.93 49.05 5.20
N ASP D 172 -4.05 48.56 6.09
CA ASP D 172 -4.27 47.37 6.88
C ASP D 172 -3.56 47.49 8.23
N PHE D 173 -4.22 47.01 9.29
CA PHE D 173 -3.65 47.00 10.65
C PHE D 173 -3.36 45.57 11.17
N VAL D 174 -2.42 45.44 12.12
CA VAL D 174 -2.03 44.17 12.73
C VAL D 174 -1.90 44.35 14.25
N ILE D 175 -2.73 43.61 15.01
CA ILE D 175 -2.64 43.66 16.47
C ILE D 175 -1.57 42.63 16.82
N ILE D 176 -0.38 43.13 17.16
CA ILE D 176 0.82 42.34 17.46
C ILE D 176 0.65 41.20 18.48
N PRO D 177 0.21 41.44 19.73
CA PRO D 177 0.00 40.31 20.66
C PRO D 177 -0.92 39.23 20.08
N HIS D 178 -1.87 39.61 19.22
CA HIS D 178 -2.84 38.72 18.60
C HIS D 178 -2.17 37.79 17.59
N TYR D 179 -1.51 38.37 16.57
CA TYR D 179 -0.78 37.63 15.53
C TYR D 179 0.20 36.60 16.13
N THR D 180 0.92 36.99 17.21
CA THR D 180 1.91 36.17 17.93
C THR D 180 1.26 35.09 18.72
N PHE D 181 0.12 35.38 19.37
CA PHE D 181 -0.62 34.40 20.15
C PHE D 181 -1.04 33.28 19.22
N LEU D 182 -1.58 33.63 18.02
CA LEU D 182 -2.05 32.69 16.99
C LEU D 182 -0.95 31.78 16.43
N ASP D 183 0.21 32.37 16.11
CA ASP D 183 1.36 31.64 15.56
C ASP D 183 1.91 30.56 16.50
N TYR D 184 2.05 30.89 17.81
CA TYR D 184 2.51 29.97 18.86
C TYR D 184 1.59 28.76 18.87
N TYR D 185 0.26 28.95 18.85
CA TYR D 185 -0.64 27.81 18.81
C TYR D 185 -0.68 27.09 17.47
N LYS D 186 -0.18 27.70 16.38
CA LYS D 186 -0.11 27.02 15.08
C LYS D 186 1.05 26.00 15.11
N HIS D 187 2.18 26.40 15.72
CA HIS D 187 3.36 25.57 15.87
C HIS D 187 3.13 24.41 16.85
N LEU D 188 2.23 24.60 17.85
CA LEU D 188 1.89 23.52 18.78
C LEU D 188 1.00 22.56 18.05
N SER D 189 0.16 23.06 17.12
CA SER D 189 -0.71 22.21 16.32
C SER D 189 0.14 21.30 15.43
N TYR D 190 1.09 21.89 14.67
CA TYR D 190 1.97 21.15 13.76
C TYR D 190 2.91 20.15 14.39
N ASN D 191 3.56 20.50 15.52
CA ASN D 191 4.48 19.63 16.25
C ASN D 191 3.75 18.49 16.98
N SER D 192 2.48 18.69 17.37
CA SER D 192 1.65 17.70 18.04
C SER D 192 1.17 16.65 17.04
N ILE D 193 1.17 17.03 15.75
CA ILE D 193 0.66 16.23 14.63
C ILE D 193 1.75 15.50 13.83
N TYR D 194 2.95 16.10 13.74
CA TYR D 194 4.06 15.52 13.01
C TYR D 194 4.99 14.63 13.91
N HIS D 195 4.65 14.53 15.25
CA HIS D 195 5.41 13.72 16.23
C HIS D 195 5.37 12.24 15.90
N LYS D 196 4.16 11.66 15.92
CA LYS D 196 3.89 10.27 15.55
C LYS D 196 3.69 10.28 14.04
N SER D 197 3.99 9.17 13.36
CA SER D 197 3.83 9.06 11.90
C SER D 197 2.36 9.02 11.47
N SER D 198 1.50 8.36 12.29
CA SER D 198 0.04 8.20 12.09
C SER D 198 -0.74 9.55 12.04
N THR D 199 -0.35 10.53 12.88
CA THR D 199 -0.99 11.84 12.94
C THR D 199 -0.67 12.79 11.75
N TYR D 200 0.31 12.42 10.86
CA TYR D 200 0.74 13.16 9.65
C TYR D 200 -0.35 13.36 8.59
N GLY D 201 -1.48 12.64 8.73
CA GLY D 201 -2.62 12.71 7.82
C GLY D 201 -3.73 13.64 8.29
N LYS D 202 -3.68 14.04 9.60
CA LYS D 202 -4.62 14.95 10.24
C LYS D 202 -4.43 16.34 9.64
N TYR D 203 -3.22 16.66 9.09
CA TYR D 203 -2.85 17.97 8.51
C TYR D 203 -3.90 18.62 7.62
N ILE D 204 -4.66 17.81 6.83
CA ILE D 204 -5.73 18.31 5.98
C ILE D 204 -6.73 19.07 6.85
N ALA D 205 -7.15 18.46 7.99
CA ALA D 205 -8.07 19.07 8.96
C ALA D 205 -7.43 20.22 9.71
N VAL D 206 -6.11 20.17 9.95
CA VAL D 206 -5.38 21.26 10.62
C VAL D 206 -5.22 22.45 9.67
N ASP D 207 -4.69 22.20 8.43
CA ASP D 207 -4.56 23.23 7.38
C ASP D 207 -5.95 23.85 7.17
N ALA D 208 -7.04 23.04 7.30
CA ALA D 208 -8.42 23.49 7.19
C ALA D 208 -8.79 24.47 8.32
N PHE D 209 -8.54 24.03 9.60
CA PHE D 209 -8.86 24.76 10.82
C PHE D 209 -8.16 26.10 10.92
N ILE D 210 -6.86 26.15 10.59
CA ILE D 210 -6.10 27.40 10.65
C ILE D 210 -6.76 28.44 9.73
N LYS D 211 -7.06 28.02 8.47
CA LYS D 211 -7.78 28.81 7.46
C LYS D 211 -9.14 29.22 8.02
N LYS D 212 -9.92 28.26 8.55
CA LYS D 212 -11.24 28.51 9.19
C LYS D 212 -11.18 29.48 10.37
N ILE D 213 -10.00 29.66 11.01
CA ILE D 213 -9.86 30.62 12.12
C ILE D 213 -9.31 31.99 11.66
N ASN D 214 -8.40 31.97 10.66
CA ASN D 214 -7.78 33.16 10.04
C ASN D 214 -8.82 33.95 9.28
N GLU D 215 -9.55 33.28 8.36
CA GLU D 215 -10.60 33.89 7.57
C GLU D 215 -11.60 34.67 8.46
N ALA D 216 -12.02 34.05 9.60
CA ALA D 216 -12.94 34.62 10.59
C ALA D 216 -12.40 35.81 11.38
N TYR D 217 -11.06 35.91 11.51
CA TYR D 217 -10.40 37.03 12.19
C TYR D 217 -10.45 38.19 11.23
N ASP D 218 -10.22 37.89 9.93
CA ASP D 218 -10.24 38.85 8.82
C ASP D 218 -11.64 39.42 8.61
N LYS D 219 -12.70 38.61 8.90
CA LYS D 219 -14.09 39.07 8.86
C LYS D 219 -14.28 40.05 10.01
N VAL D 220 -13.85 39.67 11.24
CA VAL D 220 -13.95 40.50 12.44
C VAL D 220 -13.21 41.82 12.29
N LYS D 221 -12.06 41.82 11.59
CA LYS D 221 -11.35 43.08 11.33
C LYS D 221 -11.99 43.89 10.17
N SER D 222 -12.46 43.20 9.10
CA SER D 222 -13.11 43.86 7.95
C SER D 222 -14.49 44.45 8.27
N LYS D 223 -14.96 44.29 9.52
CA LYS D 223 -16.22 44.86 9.97
C LYS D 223 -16.11 46.35 10.31
N CYS D 224 -14.86 46.87 10.33
CA CYS D 224 -14.53 48.29 10.56
C CYS D 224 -14.01 48.94 9.24
N ASN D 225 -14.44 48.41 8.05
CA ASN D 225 -14.01 48.88 6.72
C ASN D 225 -14.41 50.30 6.37
N ASP D 226 -15.56 50.76 6.86
CA ASP D 226 -16.06 52.10 6.60
C ASP D 226 -15.17 53.15 7.26
N ILE D 227 -14.93 53.01 8.58
CA ILE D 227 -14.08 53.86 9.42
C ILE D 227 -12.67 53.94 8.81
N LYS D 228 -12.16 52.80 8.32
CA LYS D 228 -10.85 52.66 7.68
C LYS D 228 -10.81 53.52 6.40
N ASN D 229 -11.83 53.35 5.53
CA ASN D 229 -11.96 54.06 4.24
C ASN D 229 -12.02 55.55 4.38
N ASP D 230 -12.67 56.08 5.44
CA ASP D 230 -12.70 57.53 5.67
C ASP D 230 -11.32 58.01 6.16
N LEU D 231 -10.60 57.17 6.93
CA LEU D 231 -9.24 57.49 7.39
C LEU D 231 -8.27 57.36 6.20
N ILE D 232 -8.59 56.50 5.21
CA ILE D 232 -7.80 56.33 3.98
C ILE D 232 -7.92 57.60 3.12
N ALA D 233 -9.13 58.19 3.14
CA ALA D 233 -9.49 59.41 2.42
C ALA D 233 -8.71 60.67 2.89
N THR D 234 -8.54 60.84 4.22
CA THR D 234 -7.80 61.96 4.81
C THR D 234 -6.31 61.80 4.51
N ILE D 235 -5.83 60.55 4.42
CA ILE D 235 -4.46 60.19 4.07
C ILE D 235 -4.18 60.65 2.63
N LYS D 236 -5.03 60.23 1.65
CA LYS D 236 -4.91 60.59 0.23
C LYS D 236 -4.91 62.10 0.01
N LYS D 237 -5.67 62.84 0.83
CA LYS D 237 -5.78 64.31 0.81
C LYS D 237 -4.46 64.97 1.20
N LEU D 238 -3.78 64.45 2.24
CA LEU D 238 -2.49 64.95 2.71
C LEU D 238 -1.33 64.42 1.86
N GLU D 239 -1.55 63.30 1.14
CA GLU D 239 -0.58 62.62 0.26
C GLU D 239 -0.43 63.35 -1.10
N HIS D 240 -1.57 63.76 -1.69
CA HIS D 240 -1.67 64.47 -2.97
C HIS D 240 -2.30 65.84 -2.72
N PRO D 241 -1.48 66.87 -2.43
CA PRO D 241 -2.05 68.18 -2.14
C PRO D 241 -2.21 69.08 -3.37
N TYR D 242 -2.20 68.45 -4.56
CA TYR D 242 -2.32 69.10 -5.86
C TYR D 242 -3.66 68.75 -6.54
N LYS D 301 -2.47 73.02 10.22
CA LYS D 301 -3.17 72.58 11.41
C LYS D 301 -4.50 71.92 11.08
N LYS D 302 -5.29 72.53 10.16
CA LYS D 302 -6.61 72.05 9.72
C LYS D 302 -6.59 70.55 9.40
N MET D 303 -5.67 70.14 8.50
CA MET D 303 -5.51 68.74 8.08
C MET D 303 -4.73 67.92 9.11
N MET D 304 -3.76 68.55 9.80
CA MET D 304 -2.95 67.93 10.85
C MET D 304 -3.85 67.41 11.99
N ASP D 305 -4.89 68.17 12.33
CA ASP D 305 -5.85 67.80 13.36
C ASP D 305 -6.97 66.91 12.80
N GLU D 306 -7.08 66.82 11.46
CA GLU D 306 -8.08 65.98 10.79
C GLU D 306 -7.64 64.50 10.78
N TYR D 307 -6.36 64.20 10.44
CA TYR D 307 -5.83 62.82 10.42
C TYR D 307 -5.94 62.24 11.83
N ASN D 308 -5.41 62.95 12.86
CA ASN D 308 -5.44 62.54 14.26
C ASN D 308 -6.84 62.27 14.85
N THR D 309 -7.91 62.68 14.15
CA THR D 309 -9.28 62.42 14.60
C THR D 309 -9.84 61.13 14.00
N LYS D 310 -9.43 60.81 12.75
CA LYS D 310 -9.85 59.60 12.02
C LYS D 310 -8.95 58.38 12.37
N LYS D 311 -7.82 58.64 13.06
CA LYS D 311 -6.86 57.65 13.54
C LYS D 311 -7.34 57.15 14.92
N LYS D 312 -7.80 58.07 15.79
CA LYS D 312 -8.35 57.78 17.12
C LYS D 312 -9.69 57.03 17.03
N LYS D 313 -10.36 57.11 15.88
CA LYS D 313 -11.65 56.47 15.61
C LYS D 313 -11.44 54.99 15.30
N LEU D 314 -10.33 54.67 14.56
CA LEU D 314 -9.94 53.31 14.17
C LEU D 314 -9.47 52.53 15.37
N ILE D 315 -8.66 53.17 16.26
CA ILE D 315 -8.15 52.61 17.51
C ILE D 315 -9.31 52.15 18.43
N LYS D 316 -10.43 52.90 18.44
CA LYS D 316 -11.64 52.60 19.19
C LYS D 316 -12.39 51.39 18.62
N CYS D 317 -12.47 51.29 17.25
CA CYS D 317 -13.13 50.20 16.52
C CYS D 317 -12.50 48.85 16.90
N ILE D 318 -11.15 48.85 17.02
CA ILE D 318 -10.35 47.71 17.46
C ILE D 318 -10.80 47.40 18.88
N LYS D 319 -10.65 48.38 19.79
CA LYS D 319 -11.02 48.31 21.20
C LYS D 319 -12.47 47.86 21.44
N ASN D 320 -13.35 48.08 20.44
CA ASN D 320 -14.77 47.70 20.47
C ASN D 320 -14.96 46.21 20.19
N HIS D 321 -14.21 45.67 19.19
CA HIS D 321 -14.27 44.26 18.79
C HIS D 321 -13.27 43.39 19.59
N GLU D 322 -12.86 43.88 20.78
CA GLU D 322 -11.92 43.24 21.71
C GLU D 322 -12.40 41.85 22.14
N ASN D 323 -13.66 41.76 22.63
CA ASN D 323 -14.27 40.50 23.05
C ASN D 323 -14.51 39.57 21.86
N ASP D 324 -14.67 40.16 20.64
CA ASP D 324 -14.86 39.47 19.37
C ASP D 324 -13.56 38.80 18.96
N PHE D 325 -12.44 39.54 19.06
CA PHE D 325 -11.10 39.07 18.71
C PHE D 325 -10.58 38.01 19.68
N ASN D 326 -10.60 38.31 21.00
CA ASN D 326 -10.15 37.41 22.08
C ASN D 326 -10.82 36.01 22.08
N LYS D 327 -11.98 35.88 21.41
CA LYS D 327 -12.69 34.61 21.33
C LYS D 327 -12.13 33.72 20.22
N ILE D 328 -11.80 34.29 19.04
CA ILE D 328 -11.18 33.58 17.91
C ILE D 328 -9.79 33.14 18.38
N CYS D 329 -9.14 34.03 19.16
CA CYS D 329 -7.84 33.83 19.83
C CYS D 329 -7.91 32.60 20.75
N MET D 330 -8.90 32.56 21.65
CA MET D 330 -9.09 31.44 22.57
C MET D 330 -9.54 30.17 21.84
N ASP D 331 -10.37 30.28 20.76
CA ASP D 331 -10.82 29.11 19.98
C ASP D 331 -9.65 28.33 19.35
N MET D 332 -8.58 29.05 18.94
CA MET D 332 -7.35 28.48 18.38
C MET D 332 -6.44 27.94 19.51
N LYS D 333 -6.45 28.61 20.69
CA LYS D 333 -5.69 28.15 21.86
C LYS D 333 -6.35 26.85 22.38
N ASN D 334 -7.69 26.79 22.31
CA ASN D 334 -8.46 25.63 22.74
C ASN D 334 -8.25 24.47 21.77
N TYR D 335 -7.83 24.77 20.51
CA TYR D 335 -7.53 23.75 19.49
C TYR D 335 -6.12 23.21 19.63
N GLY D 336 -5.14 24.11 19.55
CA GLY D 336 -3.71 23.82 19.61
C GLY D 336 -3.25 23.08 20.84
N THR D 337 -3.80 23.44 22.03
CA THR D 337 -3.44 22.76 23.29
C THR D 337 -4.06 21.38 23.33
N ASN D 338 -5.31 21.26 22.77
CA ASN D 338 -6.01 19.97 22.71
C ASN D 338 -5.13 18.96 21.96
N LEU D 339 -4.55 19.39 20.79
CA LEU D 339 -3.64 18.53 20.01
C LEU D 339 -2.37 18.24 20.79
N PHE D 340 -1.87 19.22 21.57
CA PHE D 340 -0.67 19.07 22.41
C PHE D 340 -0.89 18.08 23.57
N GLU D 341 -2.08 18.14 24.21
CA GLU D 341 -2.46 17.23 25.31
C GLU D 341 -2.51 15.79 24.79
N GLN D 342 -2.96 15.64 23.53
CA GLN D 342 -3.10 14.39 22.76
C GLN D 342 -1.76 13.77 22.37
N LEU D 343 -0.68 14.57 22.32
CA LEU D 343 0.66 14.13 21.94
C LEU D 343 1.20 13.03 22.86
N SER D 344 1.20 11.77 22.37
CA SER D 344 1.66 10.61 23.10
C SER D 344 3.06 10.19 22.64
N CYS D 345 3.79 9.43 23.50
CA CYS D 345 5.10 8.90 23.19
C CYS D 345 5.00 7.42 23.25
N TYR D 346 5.89 6.71 22.54
CA TYR D 346 5.90 5.25 22.58
C TYR D 346 6.34 4.85 23.99
N ASN D 347 7.32 5.57 24.52
CA ASN D 347 7.89 5.33 25.83
C ASN D 347 8.21 6.73 26.29
N ASN D 348 7.56 7.19 27.38
CA ASN D 348 7.74 8.55 27.90
C ASN D 348 9.16 8.75 28.49
N ASN D 349 10.11 7.93 28.02
CA ASN D 349 11.54 7.91 28.32
C ASN D 349 12.31 7.92 26.99
N PHE D 350 11.68 7.44 25.94
CA PHE D 350 12.23 7.31 24.59
C PHE D 350 11.91 8.41 23.63
N CYS D 351 11.11 9.39 24.05
CA CYS D 351 10.63 10.43 23.18
C CYS D 351 11.47 10.84 21.97
N ASN D 352 10.91 10.61 20.76
CA ASN D 352 11.54 10.94 19.48
C ASN D 352 11.38 12.41 19.13
N THR D 353 12.26 12.90 18.23
CA THR D 353 12.29 14.30 17.77
C THR D 353 12.21 14.40 16.24
N ASN D 354 11.33 13.60 15.63
CA ASN D 354 11.14 13.64 14.18
C ASN D 354 10.30 14.88 13.82
N GLY D 355 9.17 15.06 14.53
CA GLY D 355 8.24 16.18 14.37
C GLY D 355 8.90 17.54 14.52
N ILE D 356 9.96 17.61 15.33
CA ILE D 356 10.71 18.84 15.53
C ILE D 356 11.48 19.08 14.24
N ARG D 357 12.31 18.09 13.81
CA ARG D 357 13.09 18.15 12.58
C ARG D 357 12.20 18.33 11.36
N TYR D 358 11.16 17.48 11.18
CA TYR D 358 10.28 17.60 10.03
C TYR D 358 9.66 19.00 9.98
N HIS D 359 8.97 19.43 11.05
CA HIS D 359 8.34 20.75 11.11
C HIS D 359 9.33 21.86 10.76
N TYR D 360 10.43 22.00 11.52
CA TYR D 360 11.45 23.01 11.24
C TYR D 360 11.87 23.00 9.76
N ASP D 361 12.41 21.86 9.28
CA ASP D 361 12.86 21.66 7.90
C ASP D 361 11.79 21.93 6.84
N GLU D 362 10.50 21.88 7.24
CA GLU D 362 9.37 22.06 6.35
C GLU D 362 8.54 23.37 6.48
N TYR D 363 8.67 24.11 7.62
CA TYR D 363 7.86 25.28 7.95
C TYR D 363 8.70 26.47 8.37
N ILE D 364 9.80 26.23 9.08
CA ILE D 364 10.62 27.32 9.61
C ILE D 364 11.92 27.56 8.85
N HIS D 365 12.54 26.51 8.28
CA HIS D 365 13.85 26.63 7.61
C HIS D 365 13.95 27.63 6.45
N LYS D 366 12.99 27.58 5.51
CA LYS D 366 12.88 28.44 4.35
C LYS D 366 13.05 29.89 4.80
N LEU D 367 12.31 30.29 5.87
CA LEU D 367 12.36 31.61 6.51
C LEU D 367 13.75 31.98 7.01
N ILE D 368 14.49 31.02 7.61
CA ILE D 368 15.84 31.29 8.09
C ILE D 368 16.75 31.61 6.91
N LEU D 369 16.63 30.85 5.80
CA LEU D 369 17.36 31.09 4.55
C LEU D 369 16.98 32.46 3.95
N SER D 370 15.66 32.75 3.92
CA SER D 370 15.03 33.97 3.42
C SER D 370 15.61 35.25 4.08
N VAL D 371 15.91 35.15 5.40
CA VAL D 371 16.47 36.23 6.20
C VAL D 371 18.00 36.28 5.96
N LYS D 372 18.67 35.11 5.95
CA LYS D 372 20.12 34.97 5.72
C LYS D 372 20.56 35.46 4.32
N SER D 373 19.60 35.61 3.40
CA SER D 373 19.82 36.07 2.02
C SER D 373 19.81 37.62 1.88
N LYS D 374 18.70 38.26 2.33
CA LYS D 374 18.45 39.71 2.25
C LYS D 374 19.21 40.46 3.37
N ASN D 375 20.10 41.42 3.02
CA ASN D 375 20.89 42.19 4.01
C ASN D 375 20.10 43.28 4.73
N LEU D 376 19.39 42.88 5.79
CA LEU D 376 18.53 43.73 6.62
C LEU D 376 19.23 44.92 7.27
N ASN D 377 20.57 44.91 7.29
CA ASN D 377 21.39 45.98 7.84
C ASN D 377 21.55 47.08 6.82
N LYS D 378 21.91 46.73 5.57
CA LYS D 378 22.02 47.66 4.46
C LYS D 378 20.65 48.25 4.26
N ASP D 379 19.58 47.44 4.47
CA ASP D 379 18.18 47.86 4.42
C ASP D 379 17.93 49.10 5.33
N LEU D 380 18.58 49.18 6.52
CA LEU D 380 18.45 50.31 7.44
C LEU D 380 19.43 51.40 7.00
N SER D 381 20.70 51.01 6.63
CA SER D 381 21.80 51.88 6.17
C SER D 381 21.36 52.77 5.00
N ASP D 382 20.59 52.19 4.06
CA ASP D 382 20.04 52.85 2.89
C ASP D 382 18.85 53.75 3.30
N MET D 383 17.97 53.22 4.20
CA MET D 383 16.79 53.94 4.70
C MET D 383 17.17 55.14 5.56
N THR D 384 18.26 55.02 6.36
CA THR D 384 18.77 56.11 7.21
C THR D 384 19.20 57.27 6.35
N ASN D 385 19.98 56.99 5.25
CA ASN D 385 20.52 57.92 4.24
C ASN D 385 19.42 58.77 3.61
N ILE D 386 18.28 58.14 3.25
CA ILE D 386 17.10 58.76 2.67
C ILE D 386 16.49 59.70 3.72
N LEU D 387 16.44 59.28 4.99
CA LEU D 387 15.92 60.12 6.07
C LEU D 387 16.90 61.23 6.50
N GLN D 388 18.13 61.24 5.91
CA GLN D 388 19.22 62.21 6.11
C GLN D 388 19.27 63.22 4.96
N GLN D 389 18.87 62.79 3.74
CA GLN D 389 18.80 63.59 2.52
C GLN D 389 17.64 64.56 2.67
N SER D 390 16.45 64.01 3.04
CA SER D 390 15.21 64.76 3.24
C SER D 390 15.21 65.62 4.51
N GLU D 391 15.96 65.23 5.56
CA GLU D 391 16.09 65.98 6.79
C GLU D 391 16.96 67.22 6.52
N LEU D 392 18.03 67.05 5.72
CA LEU D 392 18.94 68.13 5.33
C LEU D 392 18.25 69.16 4.44
N LEU D 393 17.47 68.67 3.46
CA LEU D 393 16.66 69.44 2.50
C LEU D 393 15.66 70.32 3.24
N LEU D 394 14.92 69.73 4.22
CA LEU D 394 13.92 70.44 5.01
C LEU D 394 14.54 71.38 6.01
N THR D 395 15.63 70.95 6.75
CA THR D 395 16.31 71.82 7.72
C THR D 395 16.66 73.21 7.12
N ASN D 396 17.06 73.25 5.83
CA ASN D 396 17.35 74.51 5.12
C ASN D 396 16.23 75.03 4.22
N LEU D 397 15.11 74.29 4.12
CA LEU D 397 13.92 74.73 3.38
C LEU D 397 13.16 75.71 4.29
N ASN D 398 13.33 75.55 5.63
CA ASN D 398 12.79 76.39 6.70
C ASN D 398 13.56 77.72 6.76
N LYS D 399 14.52 77.92 5.84
CA LYS D 399 15.43 79.06 5.74
C LYS D 399 14.93 80.20 4.81
N LYS D 400 14.85 79.98 3.48
CA LYS D 400 14.40 81.00 2.53
C LYS D 400 13.40 80.54 1.43
N MET D 401 12.98 79.22 1.46
CA MET D 401 11.97 78.64 0.57
C MET D 401 10.60 78.73 1.30
N GLY D 402 10.69 79.27 2.51
CA GLY D 402 9.62 79.66 3.40
C GLY D 402 8.63 78.62 3.86
N SER D 403 7.41 78.74 3.34
CA SER D 403 6.26 77.94 3.72
C SER D 403 5.30 77.87 2.55
N TYR D 404 5.55 78.72 1.55
CA TYR D 404 4.75 78.91 0.36
C TYR D 404 4.08 77.71 -0.33
N ILE D 405 4.84 76.84 -1.04
CA ILE D 405 4.13 75.79 -1.75
C ILE D 405 3.78 74.58 -0.93
N TYR D 406 4.72 73.64 -0.70
CA TYR D 406 4.43 72.40 0.00
C TYR D 406 5.32 72.09 1.20
N ILE D 407 4.79 72.34 2.40
CA ILE D 407 5.45 72.09 3.67
C ILE D 407 4.56 71.32 4.64
N ASP D 408 3.26 71.72 4.79
CA ASP D 408 2.33 70.97 5.66
C ASP D 408 2.22 69.47 5.26
N THR D 409 2.80 69.10 4.07
CA THR D 409 2.86 67.71 3.59
C THR D 409 4.22 67.03 3.74
N ILE D 410 5.35 67.67 3.31
CA ILE D 410 6.69 67.08 3.48
C ILE D 410 7.00 66.92 4.99
N LYS D 411 6.57 67.90 5.82
CA LYS D 411 6.68 67.89 7.28
C LYS D 411 5.91 66.70 7.87
N PHE D 412 4.86 66.22 7.15
CA PHE D 412 4.02 65.09 7.56
C PHE D 412 4.67 63.74 7.18
N ILE D 413 5.00 63.56 5.87
CA ILE D 413 5.64 62.38 5.28
C ILE D 413 6.92 62.04 6.05
N HIS D 414 7.86 63.01 6.20
CA HIS D 414 9.13 62.82 6.91
C HIS D 414 8.89 62.35 8.38
N LYS D 415 7.84 62.87 9.05
CA LYS D 415 7.43 62.47 10.40
C LYS D 415 6.84 61.06 10.32
N GLU D 416 6.06 60.80 9.25
CA GLU D 416 5.44 59.50 9.00
C GLU D 416 6.49 58.44 8.67
N MET D 417 7.47 58.76 7.81
CA MET D 417 8.57 57.86 7.43
C MET D 417 9.54 57.58 8.61
N LYS D 418 9.71 58.56 9.54
CA LYS D 418 10.57 58.39 10.74
C LYS D 418 9.98 57.42 11.75
N HIS D 419 8.64 57.38 11.87
CA HIS D 419 7.94 56.46 12.77
C HIS D 419 7.96 55.05 12.21
N ILE D 420 7.88 54.92 10.86
CA ILE D 420 7.95 53.65 10.12
C ILE D 420 9.34 53.01 10.35
N PHE D 421 10.43 53.78 10.15
CA PHE D 421 11.80 53.31 10.36
C PHE D 421 12.02 52.81 11.77
N ASN D 422 11.40 53.46 12.77
CA ASN D 422 11.56 53.04 14.17
C ASN D 422 10.96 51.68 14.46
N ARG D 423 9.86 51.34 13.75
CA ARG D 423 9.18 50.05 13.83
C ARG D 423 10.02 49.01 13.07
N ILE D 424 10.61 49.39 11.90
CA ILE D 424 11.48 48.50 11.12
C ILE D 424 12.73 48.14 11.93
N GLU D 425 13.44 49.17 12.46
CA GLU D 425 14.63 49.03 13.31
C GLU D 425 14.29 48.17 14.56
N TYR D 426 13.02 48.23 15.03
CA TYR D 426 12.51 47.46 16.16
C TYR D 426 12.31 46.02 15.76
N HIS D 427 11.70 45.77 14.59
CA HIS D 427 11.48 44.41 14.11
C HIS D 427 12.73 43.74 13.60
N THR D 428 13.61 44.44 12.84
CA THR D 428 14.86 43.86 12.30
C THR D 428 15.74 43.36 13.41
N LYS D 429 15.77 44.07 14.55
CA LYS D 429 16.58 43.64 15.70
C LYS D 429 16.09 42.29 16.23
N ILE D 430 14.76 42.14 16.37
CA ILE D 430 14.09 40.91 16.80
C ILE D 430 14.32 39.79 15.78
N ILE D 431 14.26 40.13 14.47
CA ILE D 431 14.50 39.16 13.38
C ILE D 431 15.93 38.63 13.43
N ASN D 432 16.92 39.53 13.47
CA ASN D 432 18.35 39.17 13.54
C ASN D 432 18.63 38.37 14.84
N ASP D 433 17.89 38.74 15.91
CA ASP D 433 17.93 38.15 17.23
C ASP D 433 17.60 36.67 17.12
N LYS D 434 16.31 36.36 16.91
CA LYS D 434 15.75 35.01 16.82
C LYS D 434 16.34 34.13 15.74
N THR D 435 16.93 34.70 14.65
CA THR D 435 17.57 33.89 13.62
C THR D 435 18.82 33.18 14.12
N LYS D 436 19.45 33.70 15.19
CA LYS D 436 20.59 33.06 15.87
C LYS D 436 20.01 32.00 16.80
N ILE D 437 19.18 32.45 17.78
CA ILE D 437 18.46 31.67 18.80
C ILE D 437 17.86 30.40 18.21
N ILE D 438 17.07 30.53 17.13
CA ILE D 438 16.44 29.40 16.45
C ILE D 438 17.53 28.49 15.87
N GLN D 439 18.50 29.04 15.12
CA GLN D 439 19.57 28.23 14.53
C GLN D 439 20.42 27.46 15.55
N ASP D 440 20.62 28.04 16.75
CA ASP D 440 21.39 27.42 17.83
C ASP D 440 20.55 26.32 18.49
N LYS D 441 19.31 26.66 18.88
CA LYS D 441 18.35 25.81 19.59
C LYS D 441 17.89 24.54 18.91
N ILE D 442 17.87 24.48 17.53
CA ILE D 442 17.48 23.23 16.83
C ILE D 442 18.48 22.09 17.08
N LYS D 443 19.78 22.35 16.84
CA LYS D 443 20.88 21.38 17.01
C LYS D 443 20.65 20.50 18.27
N LEU D 444 20.29 21.17 19.39
CA LEU D 444 20.05 20.61 20.71
C LEU D 444 18.90 19.65 20.78
N ASN D 445 17.90 19.79 19.89
CA ASN D 445 16.64 19.00 19.86
C ASN D 445 16.35 18.30 18.50
N ILE D 446 17.35 17.65 17.89
CA ILE D 446 17.08 17.11 16.56
C ILE D 446 17.40 15.62 16.30
N TRP D 447 18.64 15.17 16.41
CA TRP D 447 18.87 13.73 16.14
C TRP D 447 19.01 12.95 17.48
N ARG D 448 18.01 13.12 18.37
CA ARG D 448 18.03 12.54 19.71
C ARG D 448 16.68 12.15 20.27
N THR D 449 16.69 11.86 21.58
CA THR D 449 15.52 11.46 22.34
C THR D 449 15.59 12.17 23.68
N PHE D 450 14.46 12.67 24.12
CA PHE D 450 14.27 13.31 25.41
C PHE D 450 13.25 12.55 26.22
N GLN D 451 13.18 12.82 27.53
CA GLN D 451 12.08 12.31 28.35
C GLN D 451 10.87 13.30 28.07
N LYS D 452 9.60 12.78 28.05
CA LYS D 452 8.37 13.56 27.81
C LYS D 452 8.35 14.94 28.51
N ASP D 453 8.75 14.99 29.78
CA ASP D 453 8.86 16.18 30.65
C ASP D 453 9.67 17.29 29.94
N GLU D 454 10.78 16.91 29.29
CA GLU D 454 11.67 17.80 28.54
C GLU D 454 11.11 18.10 27.15
N LEU D 455 10.72 17.05 26.40
CA LEU D 455 10.16 17.09 25.05
C LEU D 455 8.99 18.05 25.00
N LEU D 456 8.05 17.91 25.97
CA LEU D 456 6.88 18.78 26.08
C LEU D 456 7.33 20.24 26.10
N LYS D 457 8.32 20.57 26.97
CA LYS D 457 8.90 21.90 27.13
C LYS D 457 9.66 22.31 25.87
N ARG D 458 10.66 21.52 25.46
CA ARG D 458 11.50 21.76 24.27
C ARG D 458 10.74 22.28 23.01
N ILE D 459 9.54 21.73 22.70
CA ILE D 459 8.67 22.13 21.58
C ILE D 459 8.06 23.51 21.82
N LEU D 460 7.54 23.75 23.05
CA LEU D 460 6.95 25.03 23.46
C LEU D 460 7.96 26.20 23.28
N ASP D 461 9.22 26.00 23.74
CA ASP D 461 10.30 26.98 23.60
C ASP D 461 10.52 27.29 22.13
N MET D 462 10.65 26.23 21.29
CA MET D 462 10.83 26.41 19.85
C MET D 462 9.63 27.11 19.27
N SER D 463 8.40 26.75 19.74
CA SER D 463 7.15 27.41 19.30
C SER D 463 7.14 28.90 19.70
N ASN D 464 7.46 29.20 20.98
CA ASN D 464 7.53 30.55 21.51
C ASN D 464 8.51 31.37 20.70
N GLU D 465 9.72 30.80 20.44
CA GLU D 465 10.73 31.51 19.64
C GLU D 465 10.40 31.62 18.13
N TYR D 466 9.64 30.65 17.55
CA TYR D 466 9.24 30.70 16.13
C TYR D 466 8.27 31.87 15.94
N SER D 467 7.18 31.88 16.72
CA SER D 467 6.10 32.86 16.72
C SER D 467 6.60 34.29 16.71
N LEU D 468 7.56 34.62 17.59
CA LEU D 468 8.13 35.96 17.63
C LEU D 468 8.81 36.24 16.29
N PHE D 469 9.80 35.40 15.90
CA PHE D 469 10.51 35.53 14.62
C PHE D 469 9.56 35.84 13.46
N ILE D 470 8.53 34.99 13.27
CA ILE D 470 7.51 35.07 12.23
C ILE D 470 6.67 36.36 12.21
N THR D 471 6.08 36.74 13.37
CA THR D 471 5.22 37.93 13.50
C THR D 471 6.06 39.16 13.22
N SER D 472 7.17 39.28 13.96
CA SER D 472 8.16 40.33 13.83
C SER D 472 8.76 40.35 12.41
N ASP D 473 8.86 39.20 11.71
CA ASP D 473 9.36 39.20 10.32
C ASP D 473 8.32 39.77 9.34
N HIS D 474 7.06 39.27 9.45
CA HIS D 474 5.90 39.66 8.63
C HIS D 474 5.81 41.16 8.62
N LEU D 475 5.92 41.78 9.79
CA LEU D 475 5.88 43.22 9.97
C LEU D 475 7.06 43.92 9.34
N ARG D 476 8.26 43.31 9.37
CA ARG D 476 9.43 43.94 8.71
C ARG D 476 9.25 44.07 7.19
N GLN D 477 8.55 43.12 6.54
CA GLN D 477 8.32 43.17 5.10
C GLN D 477 7.19 44.15 4.75
N MET D 478 6.08 44.08 5.51
CA MET D 478 4.94 44.96 5.38
C MET D 478 5.32 46.43 5.65
N LEU D 479 6.14 46.73 6.71
CA LEU D 479 6.66 48.06 7.06
C LEU D 479 7.72 48.55 6.09
N TYR D 480 8.39 47.63 5.35
CA TYR D 480 9.37 48.00 4.33
C TYR D 480 8.61 48.61 3.15
N ASN D 481 7.58 47.89 2.67
CA ASN D 481 6.71 48.29 1.56
C ASN D 481 5.97 49.61 1.81
N THR D 482 5.47 49.85 3.07
CA THR D 482 4.79 51.11 3.42
C THR D 482 5.75 52.31 3.37
N PHE D 483 7.01 52.06 3.73
CA PHE D 483 8.03 53.09 3.75
C PHE D 483 8.35 53.53 2.34
N TYR D 484 8.74 52.56 1.47
CA TYR D 484 9.06 52.89 0.09
C TYR D 484 7.83 53.33 -0.73
N SER D 485 6.60 53.14 -0.14
CA SER D 485 5.34 53.61 -0.74
C SER D 485 5.25 55.08 -0.42
N LYS D 486 5.55 55.45 0.85
CA LYS D 486 5.53 56.85 1.28
C LYS D 486 6.70 57.67 0.71
N GLU D 487 7.78 56.99 0.22
CA GLU D 487 8.91 57.68 -0.43
C GLU D 487 8.69 58.00 -1.93
N LYS D 488 7.77 57.30 -2.62
CA LYS D 488 7.49 57.62 -4.03
C LYS D 488 6.59 58.88 -4.10
N HIS D 489 5.88 59.20 -2.98
CA HIS D 489 5.02 60.37 -2.81
C HIS D 489 5.90 61.64 -2.62
N LEU D 490 7.04 61.47 -1.88
CA LEU D 490 8.05 62.47 -1.53
C LEU D 490 8.71 63.00 -2.76
N ASN D 491 9.39 62.12 -3.54
CA ASN D 491 10.09 62.47 -4.77
C ASN D 491 9.13 63.06 -5.83
N ASN D 492 7.83 62.65 -5.78
CA ASN D 492 6.78 63.17 -6.67
C ASN D 492 6.45 64.59 -6.28
N ILE D 493 6.48 64.93 -4.98
CA ILE D 493 6.28 66.29 -4.44
C ILE D 493 7.61 67.12 -4.64
N PHE D 494 8.76 66.41 -4.69
CA PHE D 494 10.07 67.00 -4.96
C PHE D 494 10.16 67.40 -6.43
N HIS D 495 9.21 66.94 -7.25
CA HIS D 495 9.07 67.40 -8.63
C HIS D 495 8.54 68.86 -8.52
N HIS D 496 7.58 69.07 -7.57
CA HIS D 496 6.93 70.35 -7.31
C HIS D 496 7.64 71.24 -6.33
N LEU D 497 8.93 71.33 -6.55
CA LEU D 497 9.86 72.17 -5.85
C LEU D 497 10.90 72.52 -6.90
N ILE D 498 11.53 71.52 -7.57
CA ILE D 498 12.51 71.76 -8.65
C ILE D 498 11.97 72.72 -9.69
N TYR D 499 10.80 72.42 -10.28
CA TYR D 499 10.13 73.27 -11.26
C TYR D 499 9.92 74.70 -10.69
N VAL D 500 9.34 74.81 -9.44
CA VAL D 500 9.08 76.09 -8.75
C VAL D 500 10.37 76.89 -8.64
N LEU D 501 11.48 76.21 -8.33
CA LEU D 501 12.82 76.76 -8.17
C LEU D 501 13.44 77.15 -9.53
N GLN D 502 13.09 76.43 -10.59
CA GLN D 502 13.61 76.63 -11.95
C GLN D 502 13.01 77.82 -12.69
N MET D 503 11.71 78.13 -12.47
CA MET D 503 11.01 79.23 -13.15
C MET D 503 11.23 80.64 -12.54
N LYS D 504 11.90 80.72 -11.35
CA LYS D 504 12.31 81.96 -10.70
C LYS D 504 13.58 82.45 -11.39
N PHE D 505 14.41 81.49 -11.81
CA PHE D 505 15.67 81.66 -12.54
C PHE D 505 15.42 81.83 -14.09
N ASN D 506 14.19 82.20 -14.48
CA ASN D 506 13.89 82.42 -15.91
C ASN D 506 13.41 83.86 -16.12
N GLN E 22 -7.04 -9.56 15.76
CA GLN E 22 -6.24 -10.79 15.82
C GLN E 22 -5.06 -10.98 14.83
N LEU E 23 -3.90 -11.55 15.34
CA LEU E 23 -2.55 -11.79 14.74
C LEU E 23 -2.25 -13.24 14.35
N VAL E 24 -1.66 -13.49 13.14
CA VAL E 24 -1.30 -14.88 12.75
C VAL E 24 0.04 -15.11 12.08
N GLU E 25 0.90 -15.80 12.83
CA GLU E 25 2.27 -16.18 12.49
C GLU E 25 2.28 -17.33 11.45
N SER E 26 3.24 -17.27 10.49
CA SER E 26 3.47 -18.23 9.39
C SER E 26 4.90 -18.07 8.86
N GLY E 27 5.52 -19.19 8.49
CA GLY E 27 6.86 -19.17 7.93
C GLY E 27 7.90 -19.95 8.73
N GLY E 28 7.43 -20.71 9.70
CA GLY E 28 8.31 -21.52 10.52
C GLY E 28 8.75 -22.81 9.86
N GLY E 29 9.44 -23.66 10.63
CA GLY E 29 9.93 -24.96 10.17
C GLY E 29 11.32 -25.37 10.65
N LEU E 30 11.89 -26.41 9.98
CA LEU E 30 13.25 -26.94 10.24
C LEU E 30 14.30 -26.34 9.31
N VAL E 31 15.26 -25.68 9.92
CA VAL E 31 16.40 -24.99 9.33
C VAL E 31 17.72 -25.60 9.82
N LYS E 32 18.71 -25.72 8.94
CA LYS E 32 20.00 -26.24 9.41
C LYS E 32 20.75 -25.06 10.08
N PRO E 33 21.66 -25.24 11.06
CA PRO E 33 22.35 -24.08 11.63
C PRO E 33 23.11 -23.34 10.53
N GLY E 34 23.01 -22.02 10.52
CA GLY E 34 23.65 -21.15 9.53
C GLY E 34 22.74 -20.72 8.40
N GLY E 35 21.55 -21.32 8.31
CA GLY E 35 20.52 -21.06 7.31
C GLY E 35 19.68 -19.84 7.60
N SER E 36 18.62 -19.63 6.82
CA SER E 36 17.76 -18.46 6.96
C SER E 36 16.27 -18.75 6.98
N LEU E 37 15.49 -17.83 7.56
CA LEU E 37 14.04 -17.96 7.60
C LEU E 37 13.26 -16.64 7.66
N LYS E 38 12.20 -16.51 6.82
CA LYS E 38 11.32 -15.34 6.89
C LYS E 38 9.99 -15.78 7.55
N LEU E 39 9.58 -15.04 8.58
CA LEU E 39 8.34 -15.30 9.33
C LEU E 39 7.36 -14.14 9.07
N SER E 40 6.08 -14.43 8.76
CA SER E 40 5.05 -13.42 8.51
C SER E 40 4.00 -13.43 9.60
N CYS E 41 3.28 -12.32 9.74
CA CYS E 41 2.21 -12.18 10.72
C CYS E 41 1.04 -11.48 10.06
N ALA E 42 -0.16 -12.10 10.10
CA ALA E 42 -1.36 -11.50 9.48
C ALA E 42 -2.26 -10.78 10.49
N ALA E 43 -2.08 -9.45 10.59
CA ALA E 43 -2.80 -8.59 11.51
C ALA E 43 -4.19 -8.23 11.01
N SER E 44 -5.18 -8.38 11.89
CA SER E 44 -6.58 -8.12 11.63
C SER E 44 -7.28 -7.59 12.86
N GLY E 45 -8.42 -6.94 12.65
CA GLY E 45 -9.27 -6.37 13.69
C GLY E 45 -8.85 -5.01 14.19
N PHE E 46 -7.78 -4.43 13.63
CA PHE E 46 -7.30 -3.13 14.04
C PHE E 46 -6.50 -2.43 12.96
N THR E 47 -6.39 -1.10 13.10
CA THR E 47 -5.69 -0.19 12.22
C THR E 47 -4.18 -0.40 12.43
N PHE E 48 -3.61 -1.40 11.73
CA PHE E 48 -2.21 -1.86 11.77
C PHE E 48 -1.16 -0.74 11.90
N SER E 49 -1.33 0.32 11.10
CA SER E 49 -0.50 1.50 10.95
C SER E 49 -0.54 2.52 12.11
N ASP E 50 -1.29 2.22 13.18
CA ASP E 50 -1.42 3.08 14.39
C ASP E 50 -0.48 2.54 15.48
N PHE E 51 -0.17 1.24 15.39
CA PHE E 51 0.58 0.49 16.41
C PHE E 51 2.04 0.14 16.17
N TYR E 52 2.81 0.14 17.26
CA TYR E 52 4.19 -0.32 17.32
C TYR E 52 4.08 -1.91 17.35
N MET E 53 5.01 -2.64 16.70
CA MET E 53 4.93 -4.12 16.59
C MET E 53 6.12 -4.92 17.08
N TYR E 54 5.81 -6.00 17.82
CA TYR E 54 6.78 -6.90 18.45
C TYR E 54 6.91 -8.31 17.87
N TRP E 55 8.06 -8.98 18.17
CA TRP E 55 8.42 -10.40 17.98
C TRP E 55 8.94 -10.81 19.31
N VAL E 56 8.45 -11.93 19.85
CA VAL E 56 8.87 -12.50 21.12
C VAL E 56 9.01 -14.02 20.90
N ARG E 57 10.12 -14.60 21.36
CA ARG E 57 10.36 -16.06 21.26
C ARG E 57 10.09 -16.69 22.61
N GLN E 58 9.64 -17.94 22.61
CA GLN E 58 9.45 -18.71 23.84
C GLN E 58 10.19 -20.01 23.64
N THR E 59 11.34 -20.15 24.31
CA THR E 59 12.14 -21.36 24.18
C THR E 59 11.40 -22.61 24.73
N PRO E 60 11.76 -23.84 24.25
CA PRO E 60 11.09 -25.04 24.74
C PRO E 60 10.92 -25.14 26.24
N GLU E 61 11.92 -24.63 27.01
CA GLU E 61 11.90 -24.58 28.48
C GLU E 61 11.20 -23.28 28.99
N LYS E 62 10.13 -22.90 28.25
CA LYS E 62 9.17 -21.83 28.49
C LYS E 62 9.65 -20.34 28.71
N ARG E 63 10.97 -20.05 28.58
CA ARG E 63 11.55 -18.72 28.77
C ARG E 63 11.11 -17.72 27.70
N LEU E 64 10.67 -16.52 28.13
CA LEU E 64 10.27 -15.47 27.18
C LEU E 64 11.41 -14.49 26.88
N GLU E 65 11.90 -14.45 25.63
CA GLU E 65 12.95 -13.54 25.19
C GLU E 65 12.51 -12.56 24.06
N TRP E 66 12.37 -11.26 24.39
CA TRP E 66 12.01 -10.18 23.46
C TRP E 66 12.94 -10.23 22.25
N VAL E 67 12.36 -10.26 21.04
CA VAL E 67 13.12 -10.36 19.78
C VAL E 67 13.27 -9.05 19.00
N ALA E 68 12.17 -8.29 18.74
CA ALA E 68 12.26 -7.03 17.99
C ALA E 68 11.05 -6.11 18.11
N THR E 69 11.28 -4.76 17.96
CA THR E 69 10.24 -3.73 17.98
C THR E 69 10.32 -2.81 16.76
N ILE E 70 9.18 -2.64 16.06
CA ILE E 70 9.07 -1.75 14.90
C ILE E 70 7.96 -0.75 15.16
N SER E 71 8.26 0.52 14.85
CA SER E 71 7.37 1.67 14.97
C SER E 71 6.23 1.58 13.94
N ASP E 72 5.12 2.30 14.20
CA ASP E 72 3.93 2.37 13.34
C ASP E 72 4.29 2.60 11.85
N GLY E 73 5.17 3.55 11.58
CA GLY E 73 5.59 3.88 10.22
C GLY E 73 7.03 3.57 9.91
N ASP E 74 7.46 2.38 10.32
CA ASP E 74 8.78 1.76 10.15
C ASP E 74 10.06 2.51 10.54
N SER E 75 9.98 3.83 10.79
CA SER E 75 11.14 4.66 11.12
C SER E 75 11.95 4.25 12.35
N TYR E 76 11.35 3.63 13.39
CA TYR E 76 12.12 3.20 14.55
C TYR E 76 12.08 1.71 14.73
N ILE E 77 13.27 1.09 14.83
CA ILE E 77 13.49 -0.35 14.99
C ILE E 77 14.45 -0.63 16.17
N TYR E 78 14.08 -1.57 17.05
CA TYR E 78 14.90 -1.97 18.20
C TYR E 78 15.12 -3.49 18.24
N TYR E 79 16.37 -3.94 18.49
CA TYR E 79 16.76 -5.37 18.59
C TYR E 79 17.62 -5.64 19.83
N PRO E 80 17.42 -6.75 20.55
CA PRO E 80 18.33 -7.06 21.66
C PRO E 80 19.69 -7.49 21.12
N ASP E 81 20.76 -7.24 21.91
CA ASP E 81 22.14 -7.63 21.57
C ASP E 81 22.20 -9.13 21.12
N SER E 82 21.29 -9.99 21.67
CA SER E 82 21.21 -11.40 21.28
C SER E 82 20.98 -11.63 19.78
N VAL E 83 20.14 -10.78 19.10
CA VAL E 83 19.80 -10.92 17.67
C VAL E 83 20.36 -9.89 16.71
N ARG E 84 21.16 -8.95 17.25
CA ARG E 84 21.78 -7.82 16.55
C ARG E 84 22.41 -8.18 15.20
N GLY E 85 21.94 -7.53 14.14
CA GLY E 85 22.43 -7.77 12.78
C GLY E 85 22.23 -9.18 12.23
N ARG E 86 21.53 -10.07 12.94
CA ARG E 86 21.26 -11.39 12.45
C ARG E 86 19.83 -11.39 11.94
N PHE E 87 18.90 -10.75 12.71
CA PHE E 87 17.46 -10.66 12.42
C PHE E 87 17.04 -9.28 11.89
N THR E 88 16.02 -9.24 10.98
CA THR E 88 15.49 -7.99 10.43
C THR E 88 13.95 -7.89 10.52
N ILE E 89 13.46 -6.87 11.24
CA ILE E 89 12.02 -6.65 11.36
C ILE E 89 11.57 -5.63 10.30
N SER E 90 10.43 -5.89 9.64
CA SER E 90 9.84 -5.02 8.63
C SER E 90 8.33 -5.20 8.60
N ARG E 91 7.63 -4.18 8.09
CA ARG E 91 6.18 -4.17 7.95
C ARG E 91 5.77 -3.63 6.58
N ASP E 92 4.57 -4.00 6.14
CA ASP E 92 3.93 -3.53 4.91
C ASP E 92 2.50 -3.13 5.33
N ASN E 93 2.39 -1.90 5.89
CA ASN E 93 1.16 -1.31 6.42
C ASN E 93 -0.01 -1.35 5.44
N ALA E 94 0.33 -1.45 4.15
CA ALA E 94 -0.59 -1.59 3.03
C ALA E 94 -1.22 -3.01 3.04
N LYS E 95 -0.38 -4.07 3.19
CA LYS E 95 -0.81 -5.47 3.18
C LYS E 95 -1.23 -5.99 4.55
N ASN E 96 -1.00 -5.16 5.63
CA ASN E 96 -1.26 -5.46 7.04
C ASN E 96 -0.49 -6.75 7.42
N ILE E 97 0.84 -6.70 7.26
CA ILE E 97 1.72 -7.83 7.55
C ILE E 97 2.99 -7.37 8.31
N LEU E 98 3.45 -8.25 9.25
CA LEU E 98 4.67 -8.12 10.05
C LEU E 98 5.67 -9.21 9.61
N PHE E 99 6.95 -8.84 9.42
CA PHE E 99 8.00 -9.74 8.93
C PHE E 99 9.23 -9.73 9.79
N LEU E 100 9.72 -10.93 10.15
CA LEU E 100 10.96 -11.13 10.87
C LEU E 100 11.91 -11.92 9.97
N GLN E 101 12.99 -11.29 9.57
CA GLN E 101 13.98 -11.95 8.74
C GLN E 101 14.92 -12.56 9.73
N MET E 102 15.19 -13.84 9.53
CA MET E 102 16.14 -14.56 10.33
C MET E 102 17.20 -15.04 9.40
N SER E 103 18.40 -14.52 9.57
CA SER E 103 19.59 -14.89 8.80
C SER E 103 20.61 -15.45 9.79
N SER E 104 21.49 -16.39 9.36
CA SER E 104 22.53 -17.03 10.20
C SER E 104 21.94 -17.54 11.54
N LEU E 105 21.31 -18.69 11.46
CA LEU E 105 20.67 -19.20 12.64
C LEU E 105 21.57 -20.13 13.44
N LYS E 106 21.61 -19.88 14.75
CA LYS E 106 22.28 -20.68 15.75
C LYS E 106 21.17 -21.60 16.21
N SER E 107 21.49 -22.72 16.92
CA SER E 107 20.44 -23.61 17.45
C SER E 107 19.68 -22.89 18.57
N GLU E 108 20.35 -21.90 19.23
CA GLU E 108 19.83 -21.03 20.30
C GLU E 108 18.53 -20.36 19.97
N ASP E 109 18.27 -20.10 18.68
CA ASP E 109 17.03 -19.45 18.23
C ASP E 109 15.84 -20.39 18.29
N THR E 110 16.06 -21.76 18.32
CA THR E 110 14.95 -22.72 18.40
C THR E 110 14.00 -22.17 19.49
N ALA E 111 12.74 -21.85 19.10
CA ALA E 111 11.70 -21.30 19.98
C ALA E 111 10.36 -21.03 19.25
N MET E 112 9.28 -20.78 20.03
CA MET E 112 7.95 -20.50 19.54
C MET E 112 7.92 -18.98 19.34
N TYR E 113 7.92 -18.57 18.07
CA TYR E 113 7.97 -17.17 17.72
C TYR E 113 6.58 -16.54 17.61
N PHE E 114 6.32 -15.57 18.50
CA PHE E 114 5.09 -14.81 18.64
C PHE E 114 5.27 -13.44 18.07
N CYS E 115 4.24 -12.95 17.37
CA CYS E 115 4.08 -11.63 16.77
C CYS E 115 3.08 -10.89 17.70
N ALA E 116 3.39 -9.65 18.14
CA ALA E 116 2.51 -8.97 19.11
C ALA E 116 2.33 -7.46 18.95
N ARG E 117 1.10 -6.99 19.26
CA ARG E 117 0.71 -5.58 19.21
C ARG E 117 1.02 -4.87 20.53
N ASP E 118 1.60 -3.66 20.43
CA ASP E 118 1.87 -2.79 21.57
C ASP E 118 0.52 -2.20 21.95
N GLY E 119 0.35 -1.85 23.22
CA GLY E 119 -0.91 -1.31 23.73
C GLY E 119 -1.35 0.02 23.14
N ASN E 120 -0.39 0.93 22.89
CA ASN E 120 -0.57 2.29 22.34
C ASN E 120 -1.20 3.29 23.32
N GLY E 121 -0.81 3.18 24.58
CA GLY E 121 -1.32 4.02 25.65
C GLY E 121 -0.90 5.46 25.53
N LYS E 122 -1.80 6.35 25.98
CA LYS E 122 -1.55 7.78 25.92
C LYS E 122 -0.40 8.14 26.83
N ASP E 123 -0.54 7.86 28.12
CA ASP E 123 0.54 8.15 29.04
C ASP E 123 1.21 6.87 29.38
N GLY E 124 2.31 6.63 28.69
CA GLY E 124 3.12 5.45 28.90
C GLY E 124 3.59 4.64 27.71
N GLY E 125 4.37 3.60 28.07
CA GLY E 125 5.00 2.63 27.19
C GLY E 125 4.34 1.31 27.42
N ASP E 126 3.13 1.17 26.88
CA ASP E 126 2.23 0.03 26.99
C ASP E 126 2.81 -1.36 26.79
N ALA E 127 2.06 -2.35 27.28
CA ALA E 127 2.34 -3.77 27.24
C ALA E 127 1.98 -4.40 25.88
N MET E 128 2.24 -5.71 25.74
CA MET E 128 1.91 -6.51 24.56
C MET E 128 0.47 -7.04 24.77
N ASP E 129 -0.53 -6.20 24.38
CA ASP E 129 -1.96 -6.48 24.59
C ASP E 129 -2.52 -7.67 23.81
N TYR E 130 -2.24 -7.73 22.52
CA TYR E 130 -2.68 -8.83 21.67
C TYR E 130 -1.46 -9.64 21.24
N TRP E 131 -1.57 -10.95 21.37
CA TRP E 131 -0.50 -11.89 21.03
C TRP E 131 -1.00 -12.88 19.99
N GLY E 132 -0.17 -13.16 19.00
CA GLY E 132 -0.51 -14.13 17.96
C GLY E 132 -0.29 -15.54 18.45
N GLN E 133 -0.84 -16.57 17.76
CA GLN E 133 -0.72 -17.99 18.19
C GLN E 133 0.66 -18.64 18.29
N GLY E 134 1.61 -18.14 17.51
CA GLY E 134 2.97 -18.64 17.50
C GLY E 134 3.33 -19.47 16.29
N THR E 135 4.63 -19.47 15.94
CA THR E 135 5.20 -20.27 14.86
C THR E 135 6.48 -20.88 15.33
N SER E 136 6.58 -22.21 15.17
CA SER E 136 7.73 -22.94 15.61
C SER E 136 8.85 -22.91 14.60
N VAL E 137 10.02 -22.53 15.11
CA VAL E 137 11.27 -22.52 14.39
C VAL E 137 12.15 -23.56 15.07
N THR E 138 12.81 -24.40 14.25
CA THR E 138 13.72 -25.42 14.73
C THR E 138 15.02 -25.34 13.95
N VAL E 139 16.09 -25.05 14.69
CA VAL E 139 17.43 -24.96 14.11
C VAL E 139 18.26 -26.18 14.44
N SER E 140 18.15 -27.24 13.58
CA SER E 140 18.87 -28.52 13.74
C SER E 140 19.33 -29.11 12.41
N SER E 141 20.61 -29.53 12.37
CA SER E 141 21.25 -30.15 11.22
C SER E 141 20.57 -31.51 10.96
N ALA E 142 19.95 -32.08 12.04
CA ALA E 142 19.13 -33.31 12.16
C ALA E 142 18.18 -33.56 10.97
N LYS E 143 18.00 -34.84 10.58
CA LYS E 143 17.15 -35.25 9.46
C LYS E 143 15.78 -35.67 9.90
N THR E 144 14.80 -35.31 9.07
CA THR E 144 13.39 -35.61 9.27
C THR E 144 13.16 -37.10 9.06
N THR E 145 12.61 -37.77 10.07
CA THR E 145 12.33 -39.20 10.01
C THR E 145 10.89 -39.46 10.40
N ALA E 146 10.31 -40.52 9.85
CA ALA E 146 8.94 -40.92 10.20
C ALA E 146 8.97 -41.70 11.55
N PRO E 147 7.95 -41.63 12.39
CA PRO E 147 7.97 -42.41 13.62
C PRO E 147 7.67 -43.90 13.38
N SER E 148 7.92 -44.70 14.43
CA SER E 148 7.60 -46.12 14.53
C SER E 148 6.58 -46.19 15.64
N VAL E 149 5.41 -46.79 15.33
CA VAL E 149 4.30 -46.87 16.28
C VAL E 149 4.16 -48.28 16.78
N TYR E 150 4.11 -48.42 18.10
CA TYR E 150 3.97 -49.72 18.74
C TYR E 150 2.83 -49.76 19.75
N PRO E 151 1.87 -50.72 19.60
CA PRO E 151 0.76 -50.79 20.55
C PRO E 151 1.18 -51.60 21.77
N LEU E 152 1.26 -50.94 22.93
CA LEU E 152 1.59 -51.62 24.18
C LEU E 152 0.31 -52.32 24.67
N ALA E 153 0.33 -53.66 24.69
CA ALA E 153 -0.78 -54.47 25.19
C ALA E 153 -0.36 -55.13 26.53
N PRO E 154 -1.32 -55.39 27.44
CA PRO E 154 -0.95 -55.96 28.76
C PRO E 154 -0.24 -57.34 28.80
N VAL E 155 0.22 -57.69 29.99
CA VAL E 155 0.89 -58.96 30.22
C VAL E 155 -0.14 -60.13 30.39
N CYS E 156 0.02 -61.20 29.58
CA CYS E 156 -0.84 -62.40 29.59
C CYS E 156 -0.98 -63.05 30.97
N SER E 163 -11.21 -52.95 35.36
CA SER E 163 -10.26 -51.84 35.19
C SER E 163 -8.94 -52.23 34.47
N VAL E 164 -8.86 -51.97 33.15
CA VAL E 164 -7.71 -52.30 32.30
C VAL E 164 -7.10 -51.05 31.62
N THR E 165 -5.78 -50.85 31.77
CA THR E 165 -5.07 -49.72 31.14
C THR E 165 -4.15 -50.21 30.02
N LEU E 166 -4.17 -49.55 28.84
CA LEU E 166 -3.36 -49.93 27.68
C LEU E 166 -2.70 -48.75 26.99
N GLY E 167 -1.47 -48.97 26.54
CA GLY E 167 -0.61 -47.95 25.96
C GLY E 167 -0.34 -47.99 24.47
N CYS E 168 0.46 -47.01 24.02
CA CYS E 168 0.86 -46.79 22.64
C CYS E 168 2.19 -46.03 22.65
N LEU E 169 3.19 -46.54 21.91
CA LEU E 169 4.53 -45.92 21.82
C LEU E 169 4.88 -45.27 20.45
N VAL E 170 5.44 -44.05 20.47
CA VAL E 170 5.82 -43.27 19.30
C VAL E 170 7.37 -43.08 19.31
N LYS E 171 8.06 -43.87 18.46
CA LYS E 171 9.52 -44.01 18.42
C LYS E 171 10.34 -43.41 17.25
N GLY E 172 11.19 -42.43 17.60
CA GLY E 172 12.13 -41.86 16.67
C GLY E 172 11.54 -41.14 15.49
N TYR E 173 10.84 -40.04 15.77
CA TYR E 173 10.34 -39.12 14.76
C TYR E 173 11.04 -37.80 15.00
N PHE E 174 11.02 -36.88 14.02
CA PHE E 174 11.65 -35.59 14.21
C PHE E 174 11.13 -34.61 13.17
N PRO E 175 10.72 -33.39 13.54
CA PRO E 175 10.66 -32.81 14.90
C PRO E 175 9.25 -32.91 15.47
N GLU E 176 8.94 -32.15 16.51
CA GLU E 176 7.58 -32.21 17.07
C GLU E 176 6.63 -31.40 16.13
N PRO E 177 5.31 -31.63 16.11
CA PRO E 177 4.52 -32.45 17.02
C PRO E 177 3.93 -33.71 16.40
N VAL E 178 3.20 -34.43 17.21
CA VAL E 178 2.44 -35.53 16.72
C VAL E 178 1.14 -35.39 17.41
N THR E 179 0.06 -35.58 16.66
CA THR E 179 -1.30 -35.62 17.17
C THR E 179 -1.60 -37.09 17.39
N LEU E 180 -1.85 -37.47 18.65
CA LEU E 180 -2.21 -38.86 18.97
C LEU E 180 -3.62 -38.86 19.51
N THR E 181 -4.53 -39.51 18.76
CA THR E 181 -5.92 -39.72 19.21
C THR E 181 -6.15 -41.24 19.42
N TRP E 182 -7.25 -41.63 20.06
CA TRP E 182 -7.59 -43.03 20.23
C TRP E 182 -8.92 -43.30 19.54
N ASN E 183 -8.97 -44.34 18.66
CA ASN E 183 -10.13 -44.74 17.88
C ASN E 183 -10.76 -43.55 17.15
N SER E 184 -9.93 -42.85 16.35
CA SER E 184 -10.24 -41.66 15.56
C SER E 184 -10.80 -40.52 16.43
N GLY E 185 -10.43 -40.54 17.72
CA GLY E 185 -10.84 -39.52 18.69
C GLY E 185 -12.05 -39.87 19.52
N SER E 186 -12.93 -40.75 18.99
CA SER E 186 -14.15 -41.19 19.66
C SER E 186 -13.82 -41.65 21.07
N LEU E 187 -12.83 -42.55 21.20
CA LEU E 187 -12.44 -43.11 22.48
C LEU E 187 -11.38 -42.29 23.26
N SER E 188 -11.57 -40.96 23.39
CA SER E 188 -10.64 -40.17 24.19
C SER E 188 -11.34 -39.52 25.39
N SER E 189 -11.26 -40.22 26.54
CA SER E 189 -11.86 -39.87 27.85
C SER E 189 -10.76 -39.89 28.93
N GLY E 190 -10.48 -41.09 29.45
CA GLY E 190 -9.47 -41.34 30.48
C GLY E 190 -8.13 -41.71 29.86
N VAL E 191 -7.66 -40.82 28.96
CA VAL E 191 -6.42 -40.89 28.20
C VAL E 191 -5.35 -40.02 28.88
N HIS E 192 -4.07 -40.42 28.75
CA HIS E 192 -2.90 -39.74 29.29
C HIS E 192 -1.75 -39.76 28.28
N THR E 193 -1.69 -38.74 27.38
CA THR E 193 -0.61 -38.60 26.41
C THR E 193 0.50 -37.82 27.09
N PHE E 194 1.76 -38.28 26.93
CA PHE E 194 2.91 -37.67 27.59
C PHE E 194 3.75 -36.78 26.69
N PRO E 195 4.39 -35.71 27.24
CA PRO E 195 5.33 -34.90 26.43
C PRO E 195 6.38 -35.74 25.69
N ALA E 196 6.80 -35.31 24.50
CA ALA E 196 7.86 -35.98 23.77
C ALA E 196 9.23 -35.68 24.41
N VAL E 197 10.20 -36.61 24.28
CA VAL E 197 11.53 -36.47 24.87
C VAL E 197 12.59 -36.63 23.79
N LEU E 198 13.50 -35.64 23.63
CA LEU E 198 14.52 -35.85 22.60
C LEU E 198 15.57 -36.90 22.96
N GLN E 199 15.86 -37.76 21.98
CA GLN E 199 16.86 -38.78 22.15
C GLN E 199 18.03 -38.41 21.29
N SER E 200 18.61 -39.32 20.48
CA SER E 200 19.76 -38.97 19.65
C SER E 200 19.51 -37.69 18.80
N ASP E 201 18.84 -37.80 17.64
CA ASP E 201 18.39 -36.67 16.80
C ASP E 201 16.92 -36.98 16.47
N LEU E 202 16.26 -37.87 17.32
CA LEU E 202 14.90 -38.42 17.21
C LEU E 202 14.14 -38.37 18.58
N TYR E 203 12.84 -37.92 18.60
CA TYR E 203 11.99 -37.82 19.82
C TYR E 203 11.18 -39.08 20.13
N THR E 204 10.63 -39.15 21.39
CA THR E 204 9.72 -40.21 21.88
C THR E 204 8.61 -39.75 22.84
N LEU E 205 7.40 -40.25 22.60
CA LEU E 205 6.30 -40.06 23.51
C LEU E 205 5.56 -41.30 23.64
N SER E 206 4.78 -41.42 24.72
CA SER E 206 3.93 -42.55 25.02
C SER E 206 2.58 -42.01 25.49
N SER E 207 1.52 -42.86 25.39
CA SER E 207 0.16 -42.47 25.76
C SER E 207 -0.51 -43.66 26.37
N SER E 208 -1.35 -43.43 27.43
CA SER E 208 -2.12 -44.49 28.13
C SER E 208 -3.61 -44.23 28.18
N VAL E 209 -4.41 -45.19 27.70
CA VAL E 209 -5.87 -45.13 27.76
C VAL E 209 -6.36 -46.11 28.81
N THR E 210 -7.23 -45.67 29.72
CA THR E 210 -7.80 -46.58 30.72
C THR E 210 -9.24 -46.95 30.37
N VAL E 211 -9.58 -48.24 30.52
CA VAL E 211 -10.91 -48.81 30.25
C VAL E 211 -11.30 -49.81 31.35
N THR E 212 -12.53 -50.31 31.31
CA THR E 212 -13.01 -51.30 32.29
C THR E 212 -12.72 -52.69 31.72
N SER E 213 -12.29 -53.62 32.57
CA SER E 213 -11.92 -54.97 32.17
C SER E 213 -12.79 -55.56 31.05
N SER E 214 -14.12 -55.27 31.10
CA SER E 214 -15.15 -55.71 30.17
C SER E 214 -15.22 -54.95 28.83
N THR E 215 -14.68 -53.72 28.75
CA THR E 215 -14.69 -52.96 27.48
C THR E 215 -13.70 -53.54 26.50
N TRP E 216 -12.42 -53.65 26.94
CA TRP E 216 -11.24 -54.03 26.14
C TRP E 216 -11.39 -55.10 24.99
N PRO E 217 -11.05 -56.41 25.00
CA PRO E 217 -11.08 -57.15 23.71
C PRO E 217 -12.34 -57.05 22.84
N SER E 218 -13.52 -57.05 23.47
CA SER E 218 -14.82 -56.96 22.83
C SER E 218 -14.98 -55.70 21.95
N GLN E 219 -14.61 -54.51 22.49
CA GLN E 219 -14.60 -53.20 21.79
C GLN E 219 -13.15 -52.85 21.26
N SER E 220 -12.98 -52.98 19.93
CA SER E 220 -11.74 -52.77 19.15
C SER E 220 -11.07 -51.41 19.39
N ILE E 221 -10.02 -51.38 20.24
CA ILE E 221 -9.31 -50.14 20.56
C ILE E 221 -8.01 -49.98 19.73
N THR E 222 -7.96 -48.92 18.83
CA THR E 222 -6.87 -48.60 17.88
C THR E 222 -6.30 -47.18 17.98
N CYS E 223 -5.04 -47.09 18.42
CA CYS E 223 -4.23 -45.89 18.63
C CYS E 223 -3.99 -45.21 17.27
N ASN E 224 -4.27 -43.88 17.17
CA ASN E 224 -4.09 -43.11 15.93
C ASN E 224 -2.94 -42.11 16.07
N VAL E 225 -1.88 -42.27 15.26
CA VAL E 225 -0.72 -41.39 15.30
C VAL E 225 -0.43 -40.67 13.97
N ALA E 226 -0.32 -39.33 14.01
CA ALA E 226 -0.05 -38.62 12.80
C ALA E 226 1.10 -37.66 12.94
N HIS E 227 2.15 -37.85 12.12
CA HIS E 227 3.35 -37.01 12.09
C HIS E 227 3.36 -36.20 10.79
N PRO E 228 2.90 -34.94 10.90
CA PRO E 228 2.77 -34.07 9.73
C PRO E 228 4.04 -33.92 8.95
N ALA E 229 5.20 -33.79 9.62
CA ALA E 229 6.47 -33.70 8.90
C ALA E 229 6.65 -34.88 7.92
N SER E 230 6.26 -36.08 8.37
CA SER E 230 6.33 -37.22 7.47
C SER E 230 5.02 -37.49 6.76
N SER E 231 4.05 -36.54 6.81
CA SER E 231 2.73 -36.68 6.20
C SER E 231 2.20 -38.11 6.46
N THR E 232 2.41 -38.62 7.68
CA THR E 232 1.98 -39.98 8.10
C THR E 232 0.67 -39.94 8.90
N LYS E 233 -0.09 -41.04 8.83
CA LYS E 233 -1.37 -41.26 9.48
C LYS E 233 -1.41 -42.77 9.78
N VAL E 234 -0.91 -43.15 10.98
CA VAL E 234 -0.80 -44.54 11.43
C VAL E 234 -1.86 -44.96 12.45
N ASP E 235 -2.63 -45.97 12.06
CA ASP E 235 -3.66 -46.62 12.87
C ASP E 235 -3.12 -47.99 13.31
N LYS E 236 -2.56 -48.08 14.51
CA LYS E 236 -2.00 -49.32 15.04
C LYS E 236 -2.93 -49.99 16.05
N LYS E 237 -3.55 -51.09 15.61
CA LYS E 237 -4.49 -51.92 16.35
C LYS E 237 -3.86 -52.53 17.57
N ILE E 238 -4.48 -52.28 18.74
CA ILE E 238 -4.06 -52.94 19.99
C ILE E 238 -4.86 -54.23 20.00
N GLU E 239 -4.19 -55.35 20.29
CA GLU E 239 -4.80 -56.68 20.34
C GLU E 239 -4.10 -57.53 21.43
N PRO E 240 -4.72 -58.61 22.01
CA PRO E 240 -4.04 -59.35 23.08
C PRO E 240 -3.06 -60.39 22.56
N ASP F 21 21.45 -3.62 31.45
CA ASP F 21 20.46 -4.66 31.16
C ASP F 21 19.65 -4.98 32.40
N ILE F 22 18.32 -4.74 32.40
CA ILE F 22 17.54 -5.02 33.60
C ILE F 22 17.24 -6.50 33.76
N VAL F 23 17.20 -7.01 35.02
CA VAL F 23 16.88 -8.40 35.37
C VAL F 23 15.71 -8.46 36.35
N LEU F 24 14.68 -9.26 36.03
CA LEU F 24 13.46 -9.37 36.84
C LEU F 24 13.39 -10.73 37.54
N THR F 25 13.57 -10.75 38.88
CA THR F 25 13.58 -12.00 39.67
C THR F 25 12.24 -12.38 40.35
N GLN F 26 11.55 -13.41 39.79
CA GLN F 26 10.26 -13.94 40.26
C GLN F 26 10.39 -15.01 41.35
N SER F 27 9.74 -14.75 42.49
CA SER F 27 9.76 -15.62 43.66
C SER F 27 8.37 -16.04 44.16
N PRO F 28 8.02 -17.34 44.11
CA PRO F 28 8.80 -18.51 43.66
C PRO F 28 8.76 -18.82 42.15
N ALA F 29 9.39 -19.95 41.73
CA ALA F 29 9.43 -20.40 40.34
C ALA F 29 8.21 -21.27 40.01
N SER F 30 7.71 -22.00 41.04
CA SER F 30 6.52 -22.90 41.06
C SER F 30 5.77 -22.63 42.38
N LEU F 31 4.46 -22.90 42.43
CA LEU F 31 3.70 -22.62 43.65
C LEU F 31 2.54 -23.55 43.87
N ALA F 32 2.54 -24.24 45.03
CA ALA F 32 1.49 -25.15 45.48
C ALA F 32 0.45 -24.35 46.30
N VAL F 33 -0.84 -24.34 45.87
CA VAL F 33 -1.91 -23.54 46.52
C VAL F 33 -3.21 -24.33 46.68
N SER F 34 -3.70 -24.47 47.92
CA SER F 34 -4.98 -25.16 48.18
C SER F 34 -6.15 -24.27 47.66
N LEU F 35 -7.20 -24.88 47.05
CA LEU F 35 -8.35 -24.19 46.46
C LEU F 35 -9.10 -23.23 47.40
N GLY F 36 -9.14 -21.96 46.98
CA GLY F 36 -9.79 -20.88 47.73
C GLY F 36 -8.84 -20.02 48.54
N GLN F 37 -7.61 -20.50 48.77
CA GLN F 37 -6.60 -19.77 49.55
C GLN F 37 -5.90 -18.66 48.75
N ARG F 38 -4.84 -18.05 49.33
CA ARG F 38 -4.07 -16.94 48.75
C ARG F 38 -2.80 -17.41 48.01
N ALA F 39 -2.56 -16.82 46.83
CA ALA F 39 -1.37 -17.06 45.99
C ALA F 39 -0.59 -15.73 45.84
N THR F 40 0.74 -15.76 46.07
CA THR F 40 1.58 -14.55 46.00
C THR F 40 2.89 -14.75 45.24
N ILE F 41 3.03 -14.00 44.14
CA ILE F 41 4.15 -14.00 43.19
C ILE F 41 4.81 -12.64 43.23
N SER F 42 6.12 -12.62 43.53
CA SER F 42 6.90 -11.40 43.67
C SER F 42 8.07 -11.27 42.70
N CYS F 43 8.04 -10.19 41.89
CA CYS F 43 9.02 -9.85 40.89
C CYS F 43 9.95 -8.75 41.46
N ARG F 44 11.28 -8.95 41.38
CA ARG F 44 12.25 -7.96 41.86
C ARG F 44 13.18 -7.52 40.73
N ALA F 45 13.22 -6.21 40.44
CA ALA F 45 14.04 -5.65 39.37
C ALA F 45 15.35 -5.03 39.84
N SER F 46 16.39 -5.12 38.98
CA SER F 46 17.72 -4.56 39.22
C SER F 46 17.54 -3.04 39.33
N GLN F 47 17.14 -2.37 38.22
CA GLN F 47 16.91 -0.92 38.19
C GLN F 47 15.46 -0.55 38.51
N SER F 48 15.25 0.71 38.92
CA SER F 48 13.91 1.22 39.20
C SER F 48 13.19 1.42 37.87
N VAL F 49 12.09 0.70 37.70
CA VAL F 49 11.28 0.79 36.50
C VAL F 49 10.11 1.80 36.66
N SER F 50 10.18 2.67 37.69
CA SER F 50 9.17 3.67 37.96
C SER F 50 9.66 5.11 37.87
N THR F 51 8.68 6.00 37.89
CA THR F 51 8.75 7.46 38.00
C THR F 51 7.55 7.79 38.87
N SER F 52 7.45 9.03 39.32
CA SER F 52 6.31 9.46 40.13
C SER F 52 4.95 9.36 39.37
N SER F 53 4.95 9.60 38.03
CA SER F 53 3.78 9.66 37.14
C SER F 53 3.27 8.35 36.43
N TYR F 54 4.18 7.59 35.79
CA TYR F 54 3.86 6.30 35.16
C TYR F 54 4.56 5.16 35.93
N THR F 55 4.54 3.94 35.37
CA THR F 55 5.14 2.72 35.93
C THR F 55 5.21 1.62 34.85
N TYR F 56 6.39 1.48 34.22
CA TYR F 56 6.61 0.56 33.08
C TYR F 56 6.88 -0.93 33.44
N PHE F 57 5.93 -1.51 34.20
CA PHE F 57 5.92 -2.89 34.68
C PHE F 57 4.52 -3.49 34.41
N HIS F 58 4.45 -4.80 34.00
CA HIS F 58 3.19 -5.51 33.67
C HIS F 58 3.23 -7.05 33.83
N TRP F 59 2.08 -7.70 34.18
CA TRP F 59 1.90 -9.16 34.41
C TRP F 59 1.03 -9.82 33.34
N TYR F 60 1.41 -11.02 32.92
CA TYR F 60 0.68 -11.83 31.94
C TYR F 60 0.25 -13.16 32.57
N GLN F 61 -0.53 -13.96 31.85
CA GLN F 61 -0.95 -15.28 32.33
C GLN F 61 -0.72 -16.19 31.17
N GLN F 62 -0.17 -17.39 31.43
CA GLN F 62 0.01 -18.33 30.35
C GLN F 62 -0.53 -19.74 30.64
N LYS F 63 -1.82 -19.91 30.25
CA LYS F 63 -2.52 -21.19 30.38
C LYS F 63 -1.88 -22.21 29.43
N PRO F 64 -1.80 -23.50 29.81
CA PRO F 64 -1.11 -24.49 28.96
C PRO F 64 -1.57 -24.54 27.51
N GLY F 65 -0.59 -24.57 26.60
CA GLY F 65 -0.76 -24.58 25.16
C GLY F 65 -1.52 -23.38 24.64
N GLN F 66 -1.08 -22.16 25.03
CA GLN F 66 -1.68 -20.88 24.65
C GLN F 66 -0.62 -19.79 24.69
N PRO F 67 -0.77 -18.65 23.99
CA PRO F 67 0.25 -17.58 24.12
C PRO F 67 0.07 -16.87 25.47
N PRO F 68 1.05 -16.08 25.99
CA PRO F 68 0.79 -15.34 27.24
C PRO F 68 -0.34 -14.34 26.95
N LYS F 69 -1.29 -14.20 27.88
CA LYS F 69 -2.44 -13.28 27.76
C LYS F 69 -2.25 -12.13 28.74
N LEU F 70 -2.51 -10.90 28.33
CA LEU F 70 -2.28 -9.78 29.22
C LEU F 70 -3.21 -9.72 30.44
N LEU F 71 -2.64 -9.97 31.63
CA LEU F 71 -3.33 -9.95 32.92
C LEU F 71 -3.40 -8.54 33.50
N ILE F 72 -2.28 -8.03 34.01
CA ILE F 72 -2.18 -6.72 34.65
C ILE F 72 -1.61 -5.73 33.62
N ARG F 73 -2.34 -4.61 33.33
CA ARG F 73 -1.99 -3.57 32.36
C ARG F 73 -0.77 -2.76 32.77
N TYR F 74 -0.74 -2.32 34.01
CA TYR F 74 0.33 -1.55 34.61
C TYR F 74 0.38 -2.04 36.04
N ALA F 75 1.47 -1.76 36.77
CA ALA F 75 1.73 -2.20 38.17
C ALA F 75 0.52 -2.63 39.02
N SER F 76 -0.63 -1.95 38.86
CA SER F 76 -1.88 -2.16 39.57
C SER F 76 -3.11 -1.87 38.66
N ASN F 77 -3.32 -2.69 37.61
CA ASN F 77 -4.43 -2.43 36.68
C ASN F 77 -5.11 -3.69 36.20
N LEU F 78 -6.46 -3.76 36.36
CA LEU F 78 -7.37 -4.87 35.96
C LEU F 78 -7.36 -5.13 34.42
N GLU F 79 -8.44 -5.75 33.85
CA GLU F 79 -8.59 -5.98 32.40
C GLU F 79 -10.02 -6.30 32.03
N SER F 80 -10.34 -6.16 30.74
CA SER F 80 -11.67 -6.49 30.18
C SER F 80 -11.80 -8.02 30.03
N GLY F 81 -11.93 -8.69 31.16
CA GLY F 81 -12.05 -10.14 31.19
C GLY F 81 -11.18 -10.78 32.27
N VAL F 82 -10.65 -9.94 33.19
CA VAL F 82 -9.84 -10.41 34.33
C VAL F 82 -10.70 -10.29 35.62
N PRO F 83 -10.85 -11.41 36.39
CA PRO F 83 -11.70 -11.37 37.60
C PRO F 83 -11.29 -10.46 38.75
N ALA F 84 -12.19 -10.33 39.75
CA ALA F 84 -12.03 -9.53 40.98
C ALA F 84 -10.94 -10.04 41.91
N ARG F 85 -10.61 -11.34 41.79
CA ARG F 85 -9.61 -12.04 42.59
C ARG F 85 -8.17 -11.58 42.32
N PHE F 86 -7.84 -11.29 41.05
CA PHE F 86 -6.51 -10.82 40.65
C PHE F 86 -6.27 -9.37 41.05
N SER F 87 -5.04 -9.05 41.53
CA SER F 87 -4.62 -7.70 41.95
C SER F 87 -3.10 -7.53 42.07
N GLY F 88 -2.50 -6.95 41.03
CA GLY F 88 -1.09 -6.63 40.99
C GLY F 88 -0.82 -5.35 41.76
N SER F 89 0.41 -5.20 42.30
CA SER F 89 0.80 -4.01 43.08
C SER F 89 2.31 -3.77 43.06
N GLY F 90 2.70 -2.63 43.63
CA GLY F 90 4.10 -2.22 43.75
C GLY F 90 4.51 -0.99 42.98
N SER F 91 5.78 -0.60 43.17
CA SER F 91 6.46 0.54 42.55
C SER F 91 7.98 0.41 42.72
N GLY F 92 8.72 1.00 41.80
CA GLY F 92 10.18 1.02 41.84
C GLY F 92 10.89 -0.22 41.37
N THR F 93 11.29 -1.06 42.34
CA THR F 93 12.02 -2.33 42.11
C THR F 93 11.27 -3.57 42.59
N ASP F 94 10.37 -3.42 43.59
CA ASP F 94 9.61 -4.54 44.17
C ASP F 94 8.10 -4.54 43.89
N PHE F 95 7.62 -5.62 43.25
CA PHE F 95 6.21 -5.82 42.86
C PHE F 95 5.63 -7.12 43.42
N THR F 96 4.28 -7.23 43.45
CA THR F 96 3.54 -8.38 43.98
C THR F 96 2.21 -8.64 43.27
N LEU F 97 2.06 -9.83 42.64
CA LEU F 97 0.83 -10.27 41.99
C LEU F 97 0.09 -11.16 42.98
N ASN F 98 -1.10 -10.72 43.38
CA ASN F 98 -1.90 -11.42 44.37
C ASN F 98 -3.19 -12.03 43.82
N ILE F 99 -3.37 -13.35 44.08
CA ILE F 99 -4.56 -14.11 43.67
C ILE F 99 -5.22 -14.70 44.92
N HIS F 100 -6.47 -14.29 45.20
CA HIS F 100 -7.31 -14.75 46.31
C HIS F 100 -8.81 -14.47 46.04
N PRO F 101 -9.70 -15.50 46.02
CA PRO F 101 -9.46 -16.94 46.19
C PRO F 101 -9.00 -17.59 44.89
N VAL F 102 -8.14 -18.60 44.99
CA VAL F 102 -7.65 -19.30 43.81
C VAL F 102 -8.67 -20.37 43.39
N GLU F 103 -8.92 -20.48 42.07
CA GLU F 103 -9.84 -21.47 41.49
C GLU F 103 -9.11 -22.37 40.47
N GLU F 104 -9.82 -23.31 39.82
CA GLU F 104 -9.19 -24.23 38.86
C GLU F 104 -8.76 -23.53 37.57
N GLU F 105 -9.50 -22.48 37.16
CA GLU F 105 -9.23 -21.68 35.95
C GLU F 105 -7.97 -20.80 36.08
N ASP F 106 -7.15 -21.06 37.12
CA ASP F 106 -5.96 -20.27 37.40
C ASP F 106 -4.63 -20.93 37.10
N THR F 107 -4.58 -22.27 36.99
CA THR F 107 -3.34 -23.03 36.71
C THR F 107 -2.72 -22.57 35.39
N ALA F 108 -1.57 -21.86 35.48
CA ALA F 108 -0.86 -21.24 34.36
C ALA F 108 0.57 -20.81 34.75
N THR F 109 1.44 -20.49 33.75
CA THR F 109 2.79 -19.95 34.05
C THR F 109 2.66 -18.42 34.05
N TYR F 110 3.07 -17.75 35.15
CA TYR F 110 2.99 -16.29 35.30
C TYR F 110 4.34 -15.60 35.10
N TYR F 111 4.36 -14.58 34.20
CA TYR F 111 5.55 -13.84 33.82
C TYR F 111 5.42 -12.30 34.00
N CYS F 112 6.34 -11.70 34.76
CA CYS F 112 6.36 -10.26 34.90
C CYS F 112 7.26 -9.71 33.80
N GLN F 113 6.92 -8.51 33.25
CA GLN F 113 7.71 -7.86 32.19
C GLN F 113 7.96 -6.39 32.46
N HIS F 114 9.01 -5.83 31.82
CA HIS F 114 9.32 -4.40 31.92
C HIS F 114 9.42 -3.81 30.53
N SER F 115 8.97 -2.55 30.42
CA SER F 115 9.00 -1.76 29.19
C SER F 115 9.85 -0.52 29.35
N TRP F 116 10.56 -0.41 30.50
CA TRP F 116 11.41 0.73 30.91
C TRP F 116 12.62 1.16 30.03
N GLU F 117 13.61 0.29 29.86
CA GLU F 117 14.85 0.53 29.08
C GLU F 117 14.78 -0.13 27.69
N ILE F 118 15.88 -0.05 26.88
CA ILE F 118 15.94 -0.70 25.58
C ILE F 118 15.90 -2.19 25.77
N PRO F 119 16.72 -2.90 26.60
CA PRO F 119 16.54 -4.37 26.70
C PRO F 119 15.27 -4.74 27.46
N TYR F 120 14.16 -5.01 26.71
CA TYR F 120 12.87 -5.40 27.29
C TYR F 120 13.06 -6.81 27.87
N THR F 121 13.14 -6.93 29.21
CA THR F 121 13.36 -8.22 29.87
C THR F 121 12.10 -8.80 30.48
N PHE F 122 11.97 -10.13 30.41
CA PHE F 122 10.86 -10.86 31.05
C PHE F 122 11.36 -11.53 32.34
N GLY F 123 10.41 -12.00 33.11
CA GLY F 123 10.69 -12.71 34.34
C GLY F 123 11.00 -14.17 34.07
N GLY F 124 11.40 -14.86 35.12
CA GLY F 124 11.74 -16.27 35.04
C GLY F 124 10.53 -17.11 34.70
N GLY F 125 9.51 -17.01 35.55
CA GLY F 125 8.28 -17.77 35.42
C GLY F 125 7.81 -18.22 36.77
N THR F 126 6.51 -18.47 36.90
CA THR F 126 5.90 -18.94 38.14
C THR F 126 4.75 -19.81 37.72
N LYS F 127 4.91 -21.12 37.84
CA LYS F 127 3.84 -22.06 37.49
C LYS F 127 2.96 -22.18 38.72
N LEU F 128 1.68 -21.79 38.60
CA LEU F 128 0.76 -21.93 39.70
C LEU F 128 0.41 -23.43 39.72
N GLU F 129 0.02 -23.95 40.89
CA GLU F 129 -0.35 -25.35 41.07
C GLU F 129 -1.41 -25.49 42.15
N ILE F 130 -2.52 -26.21 41.84
CA ILE F 130 -3.61 -26.47 42.78
C ILE F 130 -3.22 -27.64 43.70
N LYS F 131 -3.21 -27.39 45.02
CA LYS F 131 -2.91 -28.39 46.05
C LYS F 131 -4.19 -29.15 46.36
N ARG F 132 -4.19 -30.45 46.07
CA ARG F 132 -5.32 -31.36 46.31
C ARG F 132 -4.88 -32.49 47.26
N ALA F 133 -5.85 -33.25 47.80
CA ALA F 133 -5.53 -34.37 48.69
C ALA F 133 -4.56 -35.31 48.00
N ASP F 134 -3.66 -35.93 48.79
CA ASP F 134 -2.63 -36.84 48.27
C ASP F 134 -3.25 -38.08 47.63
N ALA F 135 -2.72 -38.51 46.46
CA ALA F 135 -3.20 -39.66 45.69
C ALA F 135 -2.07 -40.59 45.23
N ALA F 136 -2.36 -41.90 45.22
CA ALA F 136 -1.42 -42.95 44.85
C ALA F 136 -1.47 -43.24 43.34
N PRO F 137 -0.34 -43.63 42.71
CA PRO F 137 -0.37 -43.90 41.26
C PRO F 137 -1.08 -45.20 40.88
N THR F 138 -1.47 -45.33 39.61
CA THR F 138 -2.05 -46.54 39.03
C THR F 138 -0.98 -47.10 38.05
N VAL F 139 -0.04 -47.86 38.68
CA VAL F 139 1.13 -48.50 38.07
C VAL F 139 0.75 -49.64 37.13
N SER F 140 1.31 -49.61 35.92
CA SER F 140 1.13 -50.60 34.85
C SER F 140 2.49 -50.81 34.11
N ILE F 141 2.79 -52.10 33.78
CA ILE F 141 4.02 -52.55 33.08
C ILE F 141 3.68 -53.13 31.70
N PHE F 142 4.48 -52.77 30.67
CA PHE F 142 4.24 -53.24 29.30
C PHE F 142 5.46 -53.85 28.60
N PRO F 143 5.36 -55.14 28.23
CA PRO F 143 6.47 -55.79 27.48
C PRO F 143 6.68 -55.18 26.06
N PRO F 144 7.88 -55.33 25.44
CA PRO F 144 8.07 -54.77 24.09
C PRO F 144 7.15 -55.38 23.06
N SER F 145 6.61 -54.59 22.11
CA SER F 145 5.73 -55.16 21.07
C SER F 145 6.48 -56.14 20.14
N SER F 146 5.73 -57.03 19.48
CA SER F 146 6.27 -58.04 18.56
C SER F 146 6.97 -57.40 17.33
N GLU F 147 6.41 -56.29 16.82
CA GLU F 147 6.97 -55.57 15.69
C GLU F 147 8.23 -54.81 16.08
N GLN F 148 8.30 -54.38 17.36
CA GLN F 148 9.44 -53.66 17.93
C GLN F 148 10.66 -54.55 17.98
N LEU F 149 10.48 -55.77 18.49
CA LEU F 149 11.54 -56.76 18.60
C LEU F 149 11.99 -57.27 17.24
N THR F 150 11.08 -57.34 16.26
CA THR F 150 11.45 -57.79 14.91
C THR F 150 12.29 -56.76 14.15
N SER F 151 12.38 -55.51 14.67
CA SER F 151 13.22 -54.42 14.17
C SER F 151 14.52 -54.37 14.98
N GLY F 152 14.53 -55.15 16.11
CA GLY F 152 15.64 -55.31 17.06
C GLY F 152 15.67 -54.41 18.28
N GLY F 153 14.53 -53.90 18.69
CA GLY F 153 14.40 -53.03 19.85
C GLY F 153 13.55 -53.60 20.97
N ALA F 154 13.76 -53.09 22.18
CA ALA F 154 12.99 -53.60 23.29
C ALA F 154 12.68 -52.52 24.31
N SER F 155 11.53 -51.86 24.15
CA SER F 155 11.12 -50.82 25.11
C SER F 155 10.13 -51.41 26.10
N VAL F 156 10.56 -51.41 27.36
CA VAL F 156 9.75 -51.86 28.49
C VAL F 156 9.17 -50.58 29.08
N VAL F 157 7.84 -50.42 29.02
CA VAL F 157 7.16 -49.21 29.50
C VAL F 157 6.53 -49.40 30.88
N CYS F 158 6.69 -48.42 31.79
CA CYS F 158 6.11 -48.45 33.14
C CYS F 158 5.29 -47.14 33.36
N PHE F 159 3.93 -47.23 33.26
CA PHE F 159 3.02 -46.08 33.39
C PHE F 159 2.54 -45.83 34.81
N LEU F 160 2.78 -44.62 35.28
CA LEU F 160 2.34 -44.14 36.58
C LEU F 160 1.17 -43.23 36.29
N ASN F 161 -0.08 -43.64 36.70
CA ASN F 161 -1.26 -42.92 36.27
C ASN F 161 -1.78 -41.68 36.99
N ASN F 162 -2.45 -41.78 38.14
CA ASN F 162 -2.99 -40.55 38.74
C ASN F 162 -2.49 -40.29 40.15
N PHE F 163 -1.47 -39.46 40.29
CA PHE F 163 -0.92 -39.21 41.62
C PHE F 163 -0.84 -37.74 41.99
N TYR F 164 -0.45 -37.47 43.26
CA TYR F 164 -0.25 -36.15 43.86
C TYR F 164 0.44 -36.31 45.22
N PRO F 165 1.50 -35.55 45.58
CA PRO F 165 2.17 -34.46 44.84
C PRO F 165 3.02 -34.92 43.66
N LYS F 166 3.61 -33.95 42.89
CA LYS F 166 4.45 -34.30 41.73
C LYS F 166 5.59 -35.28 42.06
N ASP F 167 6.27 -35.07 43.20
CA ASP F 167 7.42 -35.87 43.65
C ASP F 167 7.14 -37.37 43.71
N ILE F 168 7.86 -38.13 42.87
CA ILE F 168 7.78 -39.59 42.75
C ILE F 168 9.20 -40.15 42.43
N ASN F 169 9.49 -41.38 42.83
CA ASN F 169 10.77 -42.03 42.54
C ASN F 169 10.50 -43.41 41.95
N VAL F 170 11.12 -43.68 40.80
CA VAL F 170 10.94 -44.94 40.08
C VAL F 170 12.22 -45.72 39.95
N LYS F 171 12.24 -46.94 40.44
CA LYS F 171 13.41 -47.77 40.30
C LYS F 171 13.09 -48.86 39.30
N TRP F 172 13.99 -49.11 38.34
CA TRP F 172 13.81 -50.23 37.42
C TRP F 172 14.71 -51.30 37.94
N LYS F 173 14.29 -52.54 37.85
CA LYS F 173 15.03 -53.71 38.33
C LYS F 173 14.90 -54.83 37.30
N ILE F 174 16.02 -55.32 36.75
CA ILE F 174 15.99 -56.45 35.84
C ILE F 174 16.54 -57.63 36.59
N ASP F 175 15.74 -58.71 36.73
CA ASP F 175 16.07 -59.94 37.45
C ASP F 175 16.58 -59.65 38.88
N GLY F 176 15.97 -58.65 39.53
CA GLY F 176 16.28 -58.23 40.89
C GLY F 176 17.39 -57.22 41.05
N SER F 177 18.24 -57.04 40.04
CA SER F 177 19.33 -56.05 40.09
C SER F 177 18.85 -54.79 39.41
N GLU F 178 19.01 -53.62 40.07
CA GLU F 178 18.52 -52.36 39.51
C GLU F 178 19.20 -51.92 38.23
N ARG F 179 18.43 -51.23 37.35
CA ARG F 179 18.93 -50.67 36.10
C ARG F 179 18.57 -49.21 36.11
N GLN F 180 19.55 -48.39 35.84
CA GLN F 180 19.29 -46.98 35.80
C GLN F 180 19.67 -46.39 34.47
N ASN F 181 20.23 -47.22 33.59
CA ASN F 181 20.69 -46.76 32.31
C ASN F 181 19.69 -46.37 31.20
N GLY F 182 19.16 -47.30 30.42
CA GLY F 182 18.28 -46.93 29.30
C GLY F 182 16.94 -46.24 29.57
N VAL F 183 16.70 -45.75 30.79
CA VAL F 183 15.42 -45.13 31.20
C VAL F 183 15.21 -43.66 30.78
N LEU F 184 14.05 -43.39 30.13
CA LEU F 184 13.62 -42.04 29.76
C LEU F 184 12.24 -41.76 30.33
N ASN F 185 12.22 -40.88 31.30
CA ASN F 185 11.03 -40.42 32.00
C ASN F 185 10.44 -39.14 31.38
N SER F 186 9.11 -39.01 31.45
CA SER F 186 8.34 -37.92 30.87
C SER F 186 7.07 -37.73 31.69
N TRP F 187 6.87 -36.50 32.18
CA TRP F 187 5.76 -36.17 33.07
C TRP F 187 4.81 -35.22 32.39
N THR F 188 3.51 -35.41 32.61
CA THR F 188 2.47 -34.56 32.07
C THR F 188 2.28 -33.45 33.07
N ASP F 189 1.74 -32.31 32.62
CA ASP F 189 1.43 -31.21 33.52
C ASP F 189 0.03 -31.52 34.05
N GLN F 190 -0.23 -31.20 35.33
CA GLN F 190 -1.53 -31.37 36.01
C GLN F 190 -2.79 -31.39 35.09
N ASP F 191 -3.69 -32.38 35.27
CA ASP F 191 -4.92 -32.42 34.47
C ASP F 191 -5.93 -31.43 35.00
N SER F 192 -6.43 -30.56 34.10
CA SER F 192 -7.38 -29.47 34.40
C SER F 192 -8.73 -29.91 35.02
N LYS F 193 -8.90 -31.23 35.32
CA LYS F 193 -10.13 -31.80 35.89
C LYS F 193 -9.93 -32.53 37.23
N ASP F 194 -9.08 -33.56 37.26
CA ASP F 194 -8.78 -34.36 38.46
C ASP F 194 -7.70 -33.73 39.38
N SER F 195 -6.87 -32.79 38.82
CA SER F 195 -5.76 -32.08 39.48
C SER F 195 -4.59 -32.98 39.86
N THR F 196 -4.50 -34.16 39.21
CA THR F 196 -3.45 -35.17 39.42
C THR F 196 -2.43 -35.21 38.29
N TYR F 197 -1.28 -35.88 38.51
CA TYR F 197 -0.22 -36.00 37.50
C TYR F 197 -0.33 -37.36 36.82
N SER F 198 0.76 -37.79 36.11
CA SER F 198 0.98 -39.06 35.39
C SER F 198 2.37 -39.00 34.79
N MET F 199 3.14 -40.09 34.83
CA MET F 199 4.47 -40.10 34.22
C MET F 199 4.92 -41.44 33.64
N SER F 200 5.48 -41.43 32.41
CA SER F 200 5.98 -42.62 31.74
C SER F 200 7.46 -42.82 32.06
N SER F 201 7.85 -44.09 32.18
CA SER F 201 9.18 -44.59 32.47
C SER F 201 9.47 -45.72 31.46
N THR F 202 10.33 -45.44 30.49
CA THR F 202 10.64 -46.39 29.42
C THR F 202 12.11 -46.82 29.51
N LEU F 203 12.33 -48.10 29.79
CA LEU F 203 13.67 -48.69 29.80
C LEU F 203 13.82 -49.26 28.40
N THR F 204 14.78 -48.76 27.63
CA THR F 204 15.00 -49.26 26.28
C THR F 204 16.32 -50.03 26.17
N LEU F 205 16.23 -51.30 25.74
CA LEU F 205 17.30 -52.26 25.51
C LEU F 205 17.21 -52.72 24.04
N THR F 206 18.17 -53.56 23.56
CA THR F 206 18.08 -54.12 22.19
C THR F 206 17.19 -55.39 22.27
N LYS F 207 17.01 -56.13 21.15
CA LYS F 207 16.25 -57.37 21.17
C LYS F 207 17.11 -58.35 21.91
N ASP F 208 18.43 -58.39 21.59
CA ASP F 208 19.45 -59.29 22.16
C ASP F 208 19.67 -59.07 23.64
N GLU F 209 19.80 -57.81 24.06
CA GLU F 209 19.98 -57.50 25.48
C GLU F 209 18.77 -57.85 26.32
N TYR F 210 17.56 -57.67 25.75
CA TYR F 210 16.31 -58.01 26.41
C TYR F 210 16.24 -59.53 26.58
N GLU F 211 16.60 -60.29 25.51
CA GLU F 211 16.59 -61.76 25.46
C GLU F 211 17.69 -62.52 26.29
N ARG F 212 18.37 -61.75 27.18
CA ARG F 212 19.43 -62.21 28.07
C ARG F 212 18.93 -62.38 29.49
N HIS F 213 17.84 -61.64 29.84
CA HIS F 213 17.21 -61.61 31.15
C HIS F 213 15.79 -62.20 31.07
N ASN F 214 15.09 -62.39 32.23
CA ASN F 214 13.74 -62.95 32.30
C ASN F 214 12.71 -62.12 33.08
N SER F 215 13.07 -61.65 34.30
CA SER F 215 12.21 -60.83 35.15
C SER F 215 12.50 -59.32 35.04
N TYR F 216 11.51 -58.55 34.52
CA TYR F 216 11.56 -57.10 34.34
C TYR F 216 10.53 -56.49 35.27
N THR F 217 10.99 -55.70 36.25
CA THR F 217 10.16 -55.08 37.30
C THR F 217 10.38 -53.56 37.41
N CYS F 218 9.34 -52.78 37.78
CA CYS F 218 9.46 -51.32 38.03
C CYS F 218 8.82 -50.94 39.38
N GLU F 219 9.60 -50.25 40.24
CA GLU F 219 9.23 -49.87 41.62
C GLU F 219 8.93 -48.38 41.87
N ALA F 220 7.64 -48.06 41.97
CA ALA F 220 7.12 -46.71 42.22
C ALA F 220 7.08 -46.38 43.70
N THR F 221 8.08 -45.62 44.15
CA THR F 221 8.18 -45.17 45.53
C THR F 221 7.65 -43.73 45.55
N HIS F 222 6.62 -43.45 46.38
CA HIS F 222 5.95 -42.14 46.50
C HIS F 222 5.46 -41.93 47.94
N LYS F 223 5.33 -40.66 48.37
CA LYS F 223 4.87 -40.21 49.70
C LYS F 223 3.59 -40.87 50.22
N THR F 224 2.65 -41.29 49.34
CA THR F 224 1.39 -41.92 49.76
C THR F 224 1.64 -43.27 50.45
N SER F 225 2.71 -43.99 50.02
CA SER F 225 3.08 -45.31 50.55
C SER F 225 4.42 -45.34 51.31
N THR F 226 4.44 -46.14 52.39
CA THR F 226 5.63 -46.39 53.22
C THR F 226 6.58 -47.31 52.41
N SER F 227 6.00 -48.32 51.71
CA SER F 227 6.63 -49.33 50.85
C SER F 227 6.34 -49.13 49.33
N PRO F 228 7.37 -49.21 48.44
CA PRO F 228 7.15 -48.96 47.00
C PRO F 228 6.12 -49.83 46.27
N ILE F 229 5.37 -49.24 45.31
CA ILE F 229 4.36 -49.93 44.47
C ILE F 229 5.10 -50.70 43.34
N VAL F 230 4.80 -52.02 43.18
CA VAL F 230 5.50 -52.85 42.21
C VAL F 230 4.65 -53.60 41.18
N LYS F 231 5.01 -53.39 39.89
CA LYS F 231 4.46 -54.09 38.72
C LYS F 231 5.63 -54.74 37.98
N SER F 232 5.53 -56.06 37.70
CA SER F 232 6.60 -56.88 37.12
C SER F 232 6.11 -57.96 36.14
N PHE F 233 7.06 -58.55 35.37
CA PHE F 233 6.77 -59.66 34.44
C PHE F 233 7.99 -60.49 34.08
N ASN F 234 7.76 -61.66 33.44
CA ASN F 234 8.81 -62.57 33.00
C ASN F 234 8.55 -62.99 31.55
N ARG F 235 9.62 -63.11 30.74
CA ARG F 235 9.49 -63.54 29.33
C ARG F 235 9.74 -65.04 29.10
#